data_3PDB
#
_entry.id   3PDB
#
_cell.length_a   282.418
_cell.length_b   77.894
_cell.length_c   87.389
_cell.angle_alpha   90.00
_cell.angle_beta   90.00
_cell.angle_gamma   90.00
#
_symmetry.space_group_name_H-M   'P 21 21 2'
#
loop_
_entity.id
_entity.type
_entity.pdbx_description
1 polymer 'Aspartate aminotransferase, mitochondrial'
2 polymer 'Aspartate aminotransferase, mitochondrial'
3 non-polymer BETA-MERCAPTOETHANOL
4 non-polymer GLYCEROL
5 non-polymer 'OXALOACETATE ION'
6 non-polymer "4'-DEOXY-4'-AMINOPYRIDOXAL-5'-PHOSPHATE"
7 water water
#
loop_
_entity_poly.entity_id
_entity_poly.type
_entity_poly.pdbx_seq_one_letter_code
_entity_poly.pdbx_strand_id
1 'polypeptide(L)'
;SSWWTHVEMGPPDPILGVTEAFKRDTNSKKMNLGVGAYRDDNGKPYVLPSVRKAEAQIAAKNLDKEYLPIGGLAEFCKAS
AELALGENNEVLKSGRFVTVQTISGTGALRVGASFLQRFFKFSRDVFLPKPSWGNHTPIFRDAGMQLQGYRYYDPKTCGF
DFSGALEDISKIPEQSVLLLHACAHNPTGVDPRPEQWKEIASVVKKKNLFAFFDMAYQGFASGDGDKDAWAVRHFIEQGI
NVCLCQSYA(LLP)NMGLYGERVGAFTVVCKDAEEAKRVESQLKILIRPLYSNPPLNGARIAATILTSPDLRKQWLQEVK
GMADRIISMRTQLVSNLKKEGSSHNWQHITDQIGMFCFTGLKPEQVERLTKEFSVYMTKDGRISVAGVTSGNVGYLAHAI
HQVTK
;
A,C
2 'polypeptide(L)'
;SSWWTHVEMGPPDPILGVTEAFKRDTNSKKMNLGVGAYRDDNGKPYVLPSVRKAEAQIAAKNLDKEYLPIGGLAEFCKAS
AELALGENNEVLKSGRFVTVQTISGTGALRVGASFLQRFFKFSRDVFLPKPSWGNHTPIFRDAGMQLQGYRYYDPKTCGF
DFSGALEDISKIPEQSVLLLHACAHNPTGVDPRPEQWKEIASVVKKKNLFAFFDMAYQGFASGDGDKDAWAVRHFIEQGI
NVCLCQSYAKNMGLYGERVGAFTVVCKDAEEAKRVESQLKILIRPLYSNPPLNGARIAATILTSPDLRKQWLQEVKGMAD
RIISMRTQLVSNLKKEGSSHNWQHITDQIGMFCFTGLKPEQVERLTKEFSVYMTKDGRISVAGVTSGNVGYLAHAIHQVT
K
;
B,D
#
loop_
_chem_comp.id
_chem_comp.type
_chem_comp.name
_chem_comp.formula
BME non-polymer BETA-MERCAPTOETHANOL 'C2 H6 O S'
GOL non-polymer GLYCEROL 'C3 H8 O3'
OAA non-polymer 'OXALOACETATE ION' 'C4 H3 O5 -1'
PMP non-polymer 4'-DEOXY-4'-AMINOPYRIDOXAL-5'-PHOSPHATE 'C8 H13 N2 O5 P'
#
# COMPACT_ATOMS: atom_id res chain seq x y z
N SER A 1 -12.25 26.99 55.91
CA SER A 1 -12.54 26.71 54.50
C SER A 1 -13.17 25.32 54.35
N SER A 2 -12.75 24.60 53.32
CA SER A 2 -13.21 23.24 53.09
C SER A 2 -12.07 22.51 52.44
N TRP A 3 -12.03 21.20 52.63
CA TRP A 3 -11.10 20.34 51.88
C TRP A 3 -11.12 20.57 50.33
N TRP A 4 -12.25 21.01 49.77
CA TRP A 4 -12.44 20.94 48.32
C TRP A 4 -12.86 22.23 47.61
N THR A 5 -12.54 23.38 48.17
CA THR A 5 -12.93 24.68 47.62
C THR A 5 -12.19 24.93 46.31
N HIS A 6 -11.02 24.32 46.16
CA HIS A 6 -10.16 24.55 44.99
C HIS A 6 -10.44 23.55 43.82
N VAL A 7 -11.27 22.53 44.09
CA VAL A 7 -11.70 21.55 43.10
C VAL A 7 -12.65 22.19 42.08
N GLU A 8 -12.19 22.33 40.84
CA GLU A 8 -12.99 23.00 39.82
C GLU A 8 -14.07 22.10 39.26
N MET A 9 -15.22 22.68 38.96
CA MET A 9 -16.19 22.06 38.08
C MET A 9 -15.49 21.63 36.76
N GLY A 10 -15.66 20.38 36.35
CA GLY A 10 -15.08 19.92 35.07
C GLY A 10 -15.86 20.31 33.82
N PRO A 11 -15.24 20.23 32.62
CA PRO A 11 -16.01 20.67 31.43
C PRO A 11 -17.25 19.81 31.12
N PRO A 12 -18.27 20.39 30.46
CA PRO A 12 -19.43 19.56 30.05
C PRO A 12 -19.02 18.40 29.10
N ASP A 13 -19.66 17.23 29.26
CA ASP A 13 -19.52 16.10 28.35
C ASP A 13 -20.28 16.47 27.04
N PRO A 14 -19.57 16.61 25.90
CA PRO A 14 -20.32 17.07 24.72
C PRO A 14 -21.29 16.03 24.16
N ILE A 15 -20.87 14.77 24.08
CA ILE A 15 -21.80 13.72 23.66
C ILE A 15 -23.10 13.69 24.51
N LEU A 16 -22.96 13.74 25.83
CA LEU A 16 -24.13 13.83 26.72
C LEU A 16 -24.95 15.09 26.48
N GLY A 17 -24.29 16.19 26.15
CA GLY A 17 -25.03 17.43 25.80
C GLY A 17 -26.00 17.22 24.64
N VAL A 18 -25.49 16.57 23.59
CA VAL A 18 -26.21 16.30 22.35
C VAL A 18 -27.41 15.40 22.65
N THR A 19 -27.15 14.36 23.44
CA THR A 19 -28.16 13.40 23.86
C THR A 19 -29.27 13.98 24.76
N GLU A 20 -28.92 14.86 25.69
CA GLU A 20 -29.92 15.56 26.52
C GLU A 20 -30.76 16.56 25.72
N ALA A 21 -30.10 17.37 24.90
CA ALA A 21 -30.79 18.31 24.00
C ALA A 21 -31.75 17.53 23.09
N PHE A 22 -31.30 16.41 22.53
CA PHE A 22 -32.18 15.52 21.79
C PHE A 22 -33.42 15.14 22.60
N LYS A 23 -33.24 14.83 23.89
CA LYS A 23 -34.37 14.39 24.72
C LYS A 23 -35.34 15.51 25.07
N ARG A 24 -34.84 16.75 25.13
CA ARG A 24 -35.69 17.95 25.33
C ARG A 24 -36.55 18.28 24.09
N ASP A 25 -36.05 17.96 22.91
CA ASP A 25 -36.73 18.34 21.66
C ASP A 25 -38.09 17.65 21.53
N THR A 26 -39.09 18.44 21.15
CA THR A 26 -40.46 17.94 21.04
C THR A 26 -40.86 17.83 19.56
N ASN A 27 -39.91 18.11 18.67
CA ASN A 27 -40.07 17.80 17.25
C ASN A 27 -40.23 16.30 17.07
N SER A 28 -41.32 15.92 16.42
CA SER A 28 -41.68 14.52 16.19
C SER A 28 -40.75 13.86 15.15
N LYS A 29 -40.15 14.65 14.26
CA LYS A 29 -39.16 14.14 13.31
C LYS A 29 -37.74 14.06 13.91
N LYS A 30 -37.56 14.26 15.21
CA LYS A 30 -36.22 14.27 15.75
C LYS A 30 -35.45 12.94 15.55
N MET A 31 -34.13 13.07 15.44
CA MET A 31 -33.24 11.91 15.35
C MET A 31 -32.05 12.06 16.28
N ASN A 32 -31.73 10.98 16.98
CA ASN A 32 -30.53 10.93 17.83
C ASN A 32 -29.32 10.21 17.18
N LEU A 33 -28.47 10.96 16.50
CA LEU A 33 -27.30 10.33 15.87
C LEU A 33 -26.10 10.57 16.76
N GLY A 34 -26.36 10.82 18.06
CA GLY A 34 -25.33 10.92 19.06
C GLY A 34 -25.20 9.63 19.86
N VAL A 35 -26.16 8.70 19.70
CA VAL A 35 -26.30 7.51 20.57
C VAL A 35 -25.07 6.58 20.46
N GLY A 36 -24.55 6.10 21.59
CA GLY A 36 -23.31 5.35 21.63
C GLY A 36 -23.52 3.85 21.75
N ALA A 37 -24.61 3.33 21.20
CA ALA A 37 -24.93 1.93 21.32
C ALA A 37 -25.86 1.57 20.19
N TYR A 38 -25.92 0.28 19.87
CA TYR A 38 -26.84 -0.25 18.89
C TYR A 38 -28.31 0.04 19.23
N ARG A 39 -29.09 0.36 18.19
CA ARG A 39 -30.54 0.46 18.26
C ARG A 39 -31.14 -0.33 17.11
N ASP A 40 -32.31 -0.90 17.33
CA ASP A 40 -32.98 -1.67 16.29
C ASP A 40 -33.75 -0.74 15.31
N ASP A 41 -34.50 -1.33 14.37
CA ASP A 41 -35.09 -0.56 13.29
C ASP A 41 -36.27 0.31 13.74
N ASN A 42 -36.71 0.15 15.00
CA ASN A 42 -37.60 1.11 15.64
C ASN A 42 -36.88 1.99 16.65
N GLY A 43 -35.56 2.07 16.60
CA GLY A 43 -34.80 2.89 17.56
C GLY A 43 -34.82 2.44 19.02
N LYS A 44 -34.92 1.14 19.26
CA LYS A 44 -34.97 0.60 20.65
C LYS A 44 -33.69 -0.14 21.02
N PRO A 45 -33.39 -0.22 22.32
CA PRO A 45 -32.35 -1.15 22.74
C PRO A 45 -32.67 -2.59 22.29
N TYR A 46 -31.62 -3.39 22.09
CA TYR A 46 -31.76 -4.75 21.62
C TYR A 46 -30.96 -5.73 22.51
N VAL A 47 -31.66 -6.55 23.26
CA VAL A 47 -31.03 -7.64 23.97
C VAL A 47 -31.09 -8.86 23.05
N LEU A 48 -29.94 -9.34 22.61
CA LEU A 48 -29.89 -10.46 21.70
C LEU A 48 -30.72 -11.60 22.27
N PRO A 49 -31.52 -12.28 21.41
CA PRO A 49 -32.26 -13.42 21.96
C PRO A 49 -31.32 -14.51 22.51
N SER A 50 -30.11 -14.61 21.96
CA SER A 50 -29.15 -15.58 22.47
C SER A 50 -28.68 -15.21 23.87
N VAL A 51 -28.64 -13.92 24.13
CA VAL A 51 -28.26 -13.49 25.48
C VAL A 51 -29.35 -13.93 26.47
N ARG A 52 -30.62 -13.69 26.13
CA ARG A 52 -31.77 -14.13 26.98
C ARG A 52 -31.70 -15.63 27.22
N LYS A 53 -31.53 -16.42 26.15
CA LYS A 53 -31.38 -17.87 26.29
C LYS A 53 -30.22 -18.23 27.21
N ALA A 54 -29.07 -17.56 27.08
CA ALA A 54 -27.90 -17.86 27.90
C ALA A 54 -28.18 -17.55 29.36
N GLU A 55 -28.80 -16.40 29.60
CA GLU A 55 -29.22 -16.01 30.94
C GLU A 55 -30.16 -17.01 31.59
N ALA A 56 -31.16 -17.46 30.83
CA ALA A 56 -32.19 -18.40 31.33
C ALA A 56 -31.54 -19.66 31.84
N GLN A 57 -30.58 -20.11 31.05
CA GLN A 57 -29.89 -21.34 31.27
C GLN A 57 -28.94 -21.27 32.49
N ILE A 58 -28.20 -20.16 32.64
CA ILE A 58 -27.46 -19.84 33.87
C ILE A 58 -28.35 -19.85 35.14
N ALA A 59 -29.52 -19.20 35.05
CA ALA A 59 -30.47 -19.10 36.16
C ALA A 59 -30.87 -20.50 36.57
N ALA A 60 -31.19 -21.32 35.57
CA ALA A 60 -31.49 -22.74 35.78
C ALA A 60 -30.39 -23.55 36.51
N LYS A 61 -29.17 -23.02 36.60
CA LYS A 61 -28.08 -23.79 37.21
C LYS A 61 -27.88 -23.42 38.69
N ASN A 62 -28.63 -22.43 39.16
CA ASN A 62 -28.60 -22.00 40.56
C ASN A 62 -27.18 -21.75 41.10
N LEU A 63 -26.41 -20.90 40.43
CA LEU A 63 -24.99 -20.77 40.76
C LEU A 63 -24.76 -19.81 41.92
N ASP A 64 -23.59 -19.95 42.55
CA ASP A 64 -23.16 -19.02 43.61
C ASP A 64 -22.71 -17.66 43.03
N LYS A 65 -22.33 -16.76 43.91
CA LYS A 65 -21.88 -15.44 43.50
C LYS A 65 -20.46 -15.22 44.00
N GLU A 66 -19.69 -16.30 44.15
CA GLU A 66 -18.38 -16.19 44.77
C GLU A 66 -17.42 -15.38 43.89
N TYR A 67 -16.33 -14.90 44.50
CA TYR A 67 -15.26 -14.19 43.80
C TYR A 67 -14.67 -15.04 42.66
N LEU A 68 -14.49 -14.41 41.49
CA LEU A 68 -13.66 -14.96 40.43
C LEU A 68 -12.19 -14.78 40.83
N PRO A 69 -11.28 -15.59 40.21
CA PRO A 69 -9.85 -15.22 40.33
C PRO A 69 -9.57 -13.79 39.81
N ILE A 70 -8.44 -13.21 40.20
CA ILE A 70 -8.08 -11.86 39.77
C ILE A 70 -8.23 -11.72 38.24
N GLY A 71 -7.82 -12.76 37.52
CA GLY A 71 -7.90 -12.85 36.06
C GLY A 71 -9.24 -13.26 35.50
N GLY A 72 -10.24 -13.44 36.34
CA GLY A 72 -11.59 -13.73 35.85
C GLY A 72 -11.91 -15.20 35.57
N LEU A 73 -12.99 -15.40 34.83
CA LEU A 73 -13.47 -16.73 34.47
C LEU A 73 -12.55 -17.39 33.47
N ALA A 74 -11.86 -18.43 33.95
CA ALA A 74 -10.93 -19.18 33.11
C ALA A 74 -11.56 -19.51 31.75
N GLU A 75 -12.79 -20.01 31.74
CA GLU A 75 -13.30 -20.53 30.48
C GLU A 75 -13.76 -19.40 29.52
N PHE A 76 -14.14 -18.26 30.09
CA PHE A 76 -14.43 -17.07 29.32
C PHE A 76 -13.14 -16.54 28.70
N CYS A 77 -12.06 -16.55 29.47
CA CYS A 77 -10.74 -16.15 28.95
C CYS A 77 -10.29 -17.00 27.76
N LYS A 78 -10.42 -18.32 27.91
CA LYS A 78 -10.02 -19.20 26.85
C LYS A 78 -10.88 -18.87 25.63
N ALA A 79 -12.20 -18.87 25.80
CA ALA A 79 -13.08 -18.72 24.64
C ALA A 79 -12.87 -17.35 23.96
N SER A 80 -12.51 -16.36 24.75
CA SER A 80 -12.33 -15.04 24.24
C SER A 80 -11.10 -15.02 23.31
N ALA A 81 -10.04 -15.72 23.73
CA ALA A 81 -8.82 -15.77 22.92
C ALA A 81 -9.05 -16.54 21.62
N GLU A 82 -9.86 -17.60 21.70
CA GLU A 82 -10.19 -18.43 20.52
C GLU A 82 -11.01 -17.63 19.54
N LEU A 83 -11.89 -16.77 20.06
CA LEU A 83 -12.74 -15.91 19.21
C LEU A 83 -11.86 -14.96 18.43
N ALA A 84 -10.92 -14.33 19.13
CA ALA A 84 -10.03 -13.36 18.54
C ALA A 84 -9.04 -13.99 17.52
N LEU A 85 -8.48 -15.15 17.88
CA LEU A 85 -7.36 -15.68 17.10
C LEU A 85 -7.71 -16.76 16.07
N GLY A 86 -8.94 -17.29 16.17
CA GLY A 86 -9.35 -18.46 15.40
C GLY A 86 -8.93 -19.70 16.15
N GLU A 87 -9.83 -20.68 16.24
CA GLU A 87 -9.65 -21.84 17.15
C GLU A 87 -8.37 -22.67 16.93
N ASN A 88 -7.82 -22.68 15.72
CA ASN A 88 -6.59 -23.41 15.49
C ASN A 88 -5.38 -22.52 15.20
N ASN A 89 -5.31 -21.38 15.87
CA ASN A 89 -4.14 -20.52 15.77
C ASN A 89 -2.97 -21.14 16.51
N GLU A 90 -1.78 -21.02 15.93
CA GLU A 90 -0.60 -21.62 16.56
C GLU A 90 -0.32 -21.00 17.93
N VAL A 91 -0.73 -19.73 18.11
CA VAL A 91 -0.68 -19.06 19.42
C VAL A 91 -1.43 -19.87 20.47
N LEU A 92 -2.62 -20.37 20.13
CA LEU A 92 -3.40 -21.17 21.11
C LEU A 92 -2.75 -22.53 21.38
N LYS A 93 -2.30 -23.19 20.32
CA LYS A 93 -1.75 -24.55 20.41
C LYS A 93 -0.45 -24.58 21.22
N SER A 94 0.42 -23.59 21.04
CA SER A 94 1.62 -23.50 21.87
C SER A 94 1.36 -22.89 23.25
N GLY A 95 0.16 -22.34 23.44
CA GLY A 95 -0.18 -21.61 24.66
C GLY A 95 0.70 -20.40 24.98
N ARG A 96 1.27 -19.78 23.93
CA ARG A 96 2.13 -18.58 24.10
C ARG A 96 1.42 -17.18 24.34
N PHE A 97 0.28 -17.20 25.02
CA PHE A 97 -0.49 -15.99 25.26
C PHE A 97 -0.98 -16.01 26.70
N VAL A 98 -1.35 -14.85 27.21
CA VAL A 98 -2.16 -14.77 28.41
C VAL A 98 -3.36 -13.90 28.08
N THR A 99 -4.55 -14.35 28.51
CA THR A 99 -5.76 -13.54 28.41
C THR A 99 -6.37 -13.37 29.81
N VAL A 100 -6.63 -12.12 30.20
CA VAL A 100 -7.38 -11.85 31.42
C VAL A 100 -8.69 -11.14 31.16
N GLN A 101 -9.70 -11.48 31.94
CA GLN A 101 -10.96 -10.77 31.90
C GLN A 101 -10.79 -9.34 32.42
N THR A 102 -11.48 -8.37 31.79
CA THR A 102 -11.36 -6.97 32.20
C THR A 102 -12.73 -6.31 32.29
N ILE A 103 -12.80 -5.08 32.80
CA ILE A 103 -14.07 -4.35 32.87
C ILE A 103 -14.39 -3.80 31.49
N SER A 104 -14.84 -4.72 30.63
CA SER A 104 -15.12 -4.39 29.24
C SER A 104 -13.86 -3.95 28.50
N GLY A 105 -14.08 -3.34 27.33
CA GLY A 105 -13.00 -2.78 26.52
C GLY A 105 -12.22 -1.70 27.24
N THR A 106 -12.91 -0.78 27.94
CA THR A 106 -12.20 0.32 28.58
C THR A 106 -11.27 -0.29 29.60
N GLY A 107 -11.78 -1.27 30.34
CA GLY A 107 -10.96 -1.90 31.37
C GLY A 107 -9.74 -2.60 30.76
N ALA A 108 -9.91 -3.20 29.59
CA ALA A 108 -8.78 -3.85 28.93
C ALA A 108 -7.76 -2.78 28.50
N LEU A 109 -8.23 -1.61 28.05
CA LEU A 109 -7.28 -0.59 27.64
C LEU A 109 -6.48 -0.07 28.87
N ARG A 110 -7.16 0.11 30.01
CA ARG A 110 -6.49 0.65 31.20
C ARG A 110 -5.46 -0.34 31.76
N VAL A 111 -5.85 -1.60 31.87
CA VAL A 111 -4.93 -2.64 32.31
C VAL A 111 -3.69 -2.74 31.39
N GLY A 112 -3.91 -2.72 30.07
CA GLY A 112 -2.80 -2.77 29.12
C GLY A 112 -1.87 -1.59 29.31
N ALA A 113 -2.46 -0.42 29.48
CA ALA A 113 -1.71 0.80 29.66
C ALA A 113 -0.85 0.78 30.95
N SER A 114 -1.41 0.33 32.07
CA SER A 114 -0.60 0.20 33.33
C SER A 114 0.56 -0.80 33.15
N PHE A 115 0.31 -1.87 32.41
CA PHE A 115 1.33 -2.86 32.09
C PHE A 115 2.45 -2.33 31.23
N LEU A 116 2.09 -1.54 30.21
CA LEU A 116 3.06 -0.79 29.44
C LEU A 116 3.88 0.15 30.38
N GLN A 117 3.17 0.89 31.23
CA GLN A 117 3.82 1.92 32.01
C GLN A 117 4.87 1.24 32.87
N ARG A 118 4.50 0.09 33.45
CA ARG A 118 5.35 -0.59 34.40
C ARG A 118 6.41 -1.45 33.75
N PHE A 119 6.08 -2.10 32.63
CA PHE A 119 7.01 -3.06 32.02
C PHE A 119 7.56 -2.71 30.65
N PHE A 120 6.91 -1.84 29.90
CA PHE A 120 7.43 -1.61 28.56
C PHE A 120 8.53 -0.57 28.65
N LYS A 121 9.74 -1.01 28.96
CA LYS A 121 10.84 -0.09 29.30
C LYS A 121 11.33 0.68 28.10
N PHE A 122 10.95 0.25 26.89
CA PHE A 122 11.52 0.77 25.65
C PHE A 122 10.98 2.10 25.17
N SER A 123 9.85 2.51 25.73
CA SER A 123 9.20 3.73 25.32
C SER A 123 8.21 4.20 26.39
N ARG A 124 7.94 5.51 26.40
CA ARG A 124 6.80 6.11 27.12
C ARG A 124 5.72 6.59 26.14
N ASP A 125 5.93 6.33 24.84
CA ASP A 125 5.07 6.90 23.80
C ASP A 125 4.08 5.91 23.18
N VAL A 126 2.83 6.34 23.13
CA VAL A 126 1.78 5.55 22.51
C VAL A 126 1.21 6.41 21.38
N PHE A 127 1.25 5.84 20.17
CA PHE A 127 0.82 6.51 18.95
C PHE A 127 -0.60 6.13 18.60
N LEU A 128 -1.43 7.16 18.54
CA LEU A 128 -2.86 7.03 18.29
C LEU A 128 -3.15 7.53 16.89
N PRO A 129 -4.16 6.92 16.22
CA PRO A 129 -4.55 7.48 14.94
C PRO A 129 -5.13 8.86 15.15
N LYS A 130 -5.10 9.69 14.11
CA LYS A 130 -5.75 10.99 14.14
C LYS A 130 -6.98 10.95 13.26
N PRO A 131 -8.18 10.94 13.87
CA PRO A 131 -8.37 10.98 15.31
C PRO A 131 -8.57 9.57 15.80
N SER A 132 -8.81 9.44 17.12
CA SER A 132 -9.02 8.18 17.77
C SER A 132 -10.17 8.31 18.78
N TRP A 133 -10.59 7.20 19.37
CA TRP A 133 -11.53 7.26 20.44
C TRP A 133 -11.02 8.27 21.51
N GLY A 134 -11.87 9.23 21.86
CA GLY A 134 -11.49 10.26 22.82
C GLY A 134 -10.95 9.72 24.14
N ASN A 135 -11.48 8.58 24.61
CA ASN A 135 -11.08 8.07 25.91
C ASN A 135 -9.64 7.50 25.83
N HIS A 136 -9.13 7.18 24.63
CA HIS A 136 -7.78 6.63 24.54
C HIS A 136 -6.75 7.53 25.25
N THR A 137 -6.84 8.84 25.04
CA THR A 137 -5.88 9.80 25.60
C THR A 137 -5.88 9.82 27.14
N PRO A 138 -7.02 10.14 27.76
CA PRO A 138 -6.97 10.04 29.22
C PRO A 138 -6.62 8.61 29.77
N ILE A 139 -6.99 7.55 29.06
CA ILE A 139 -6.62 6.23 29.56
C ILE A 139 -5.11 6.10 29.70
N PHE A 140 -4.38 6.40 28.64
CA PHE A 140 -2.94 6.17 28.66
C PHE A 140 -2.25 7.21 29.48
N ARG A 141 -2.84 8.40 29.52
CA ARG A 141 -2.28 9.47 30.28
C ARG A 141 -2.42 9.18 31.77
N ASP A 142 -3.61 8.84 32.27
CA ASP A 142 -3.73 8.55 33.71
C ASP A 142 -2.91 7.36 34.08
N ALA A 143 -2.74 6.42 33.16
CA ALA A 143 -1.79 5.35 33.42
C ALA A 143 -0.28 5.75 33.39
N GLY A 144 0.07 6.97 33.01
CA GLY A 144 1.51 7.37 33.08
C GLY A 144 2.30 7.21 31.79
N MET A 145 1.59 7.10 30.66
CA MET A 145 2.17 7.09 29.32
C MET A 145 1.94 8.44 28.64
N GLN A 146 2.69 8.72 27.58
CA GLN A 146 2.51 9.93 26.76
C GLN A 146 1.84 9.55 25.44
N LEU A 147 1.11 10.49 24.87
CA LEU A 147 0.38 10.25 23.63
C LEU A 147 1.05 11.00 22.48
N GLN A 148 1.06 10.38 21.29
CA GLN A 148 1.47 10.97 20.01
C GLN A 148 0.47 10.56 18.93
N GLY A 149 0.58 11.15 17.75
CA GLY A 149 -0.37 10.80 16.70
C GLY A 149 0.30 10.44 15.39
N TYR A 150 -0.50 9.80 14.52
CA TYR A 150 -0.12 9.56 13.14
C TYR A 150 -1.37 9.89 12.32
N ARG A 151 -1.15 10.32 11.09
CA ARG A 151 -2.22 10.67 10.16
C ARG A 151 -3.01 9.46 9.74
N TYR A 152 -4.33 9.53 9.87
CA TYR A 152 -5.18 8.38 9.56
C TYR A 152 -6.38 8.79 8.72
N TYR A 153 -7.26 9.59 9.31
CA TYR A 153 -8.34 10.19 8.56
C TYR A 153 -7.83 11.17 7.49
N ASP A 154 -8.42 11.11 6.31
CA ASP A 154 -8.12 12.08 5.24
C ASP A 154 -9.35 12.97 5.01
N PRO A 155 -9.31 14.22 5.51
CA PRO A 155 -10.51 15.06 5.38
C PRO A 155 -10.90 15.39 3.92
N LYS A 156 -10.00 15.20 2.96
CA LYS A 156 -10.36 15.48 1.55
C LYS A 156 -11.30 14.43 0.93
N THR A 157 -11.18 13.18 1.37
CA THR A 157 -11.89 12.07 0.76
C THR A 157 -12.85 11.43 1.75
N CYS A 158 -12.78 11.88 3.01
CA CYS A 158 -13.43 11.21 4.16
C CYS A 158 -13.04 9.72 4.18
N GLY A 159 -11.81 9.47 3.71
CA GLY A 159 -11.28 8.10 3.67
C GLY A 159 -10.01 7.95 4.47
N PHE A 160 -9.30 6.88 4.17
CA PHE A 160 -8.05 6.54 4.83
C PHE A 160 -6.92 7.26 4.13
N ASP A 161 -6.17 8.05 4.89
CA ASP A 161 -4.93 8.68 4.38
C ASP A 161 -3.80 7.65 4.39
N PHE A 162 -3.87 6.72 3.45
CA PHE A 162 -2.91 5.63 3.42
C PHE A 162 -1.44 6.10 3.36
N SER A 163 -1.13 7.05 2.50
CA SER A 163 0.26 7.38 2.31
C SER A 163 0.82 8.21 3.45
N GLY A 164 0.00 9.12 3.97
CA GLY A 164 0.32 9.83 5.18
C GLY A 164 0.49 8.89 6.38
N ALA A 165 -0.42 7.94 6.53
CA ALA A 165 -0.34 6.96 7.61
C ALA A 165 0.98 6.18 7.52
N LEU A 166 1.21 5.57 6.33
CA LEU A 166 2.40 4.75 6.04
C LEU A 166 3.70 5.49 6.25
N GLU A 167 3.75 6.75 5.84
CA GLU A 167 4.94 7.56 6.05
C GLU A 167 5.19 7.84 7.54
N ASP A 168 4.15 8.32 8.23
CA ASP A 168 4.23 8.63 9.64
C ASP A 168 4.69 7.40 10.46
N ILE A 169 4.01 6.29 10.28
CA ILE A 169 4.39 5.06 10.95
C ILE A 169 5.85 4.70 10.60
N SER A 170 6.22 4.77 9.31
CA SER A 170 7.59 4.41 8.93
C SER A 170 8.64 5.34 9.60
N LYS A 171 8.19 6.43 10.19
CA LYS A 171 9.11 7.31 10.92
C LYS A 171 8.93 7.33 12.43
N ILE A 172 8.02 6.52 12.95
CA ILE A 172 7.91 6.37 14.36
C ILE A 172 9.26 5.84 14.89
N PRO A 173 9.79 6.41 15.99
CA PRO A 173 11.04 5.88 16.57
C PRO A 173 10.91 4.40 16.87
N GLU A 174 11.95 3.61 16.57
CA GLU A 174 11.90 2.16 16.79
C GLU A 174 11.49 1.83 18.23
N GLN A 175 10.69 0.78 18.38
CA GLN A 175 10.26 0.31 19.69
C GLN A 175 9.31 1.25 20.42
N SER A 176 8.63 2.14 19.69
CA SER A 176 7.49 2.87 20.27
C SER A 176 6.25 1.97 20.23
N VAL A 177 5.23 2.32 20.98
CA VAL A 177 3.99 1.61 20.86
C VAL A 177 3.03 2.22 19.89
N LEU A 178 2.44 1.37 19.10
CA LEU A 178 1.54 1.82 18.03
C LEU A 178 0.18 1.23 18.29
N LEU A 179 -0.79 2.09 18.60
CA LEU A 179 -2.20 1.68 18.76
C LEU A 179 -2.93 1.63 17.41
N LEU A 180 -3.65 0.55 17.17
CA LEU A 180 -4.36 0.34 15.94
C LEU A 180 -5.76 -0.08 16.28
N HIS A 181 -6.77 0.48 15.61
CA HIS A 181 -8.13 -0.09 15.77
C HIS A 181 -8.23 -1.33 14.89
N ALA A 182 -8.70 -2.44 15.42
CA ALA A 182 -8.67 -3.67 14.65
C ALA A 182 -9.60 -3.60 13.40
N CYS A 183 -10.81 -3.09 13.61
CA CYS A 183 -11.74 -2.77 12.53
C CYS A 183 -12.70 -1.75 13.10
N ALA A 184 -13.53 -1.14 12.24
CA ALA A 184 -14.55 -0.18 12.64
C ALA A 184 -13.95 0.93 13.52
N HIS A 185 -12.92 1.57 12.96
CA HIS A 185 -12.31 2.71 13.58
C HIS A 185 -13.38 3.63 14.11
N ASN A 186 -13.18 4.07 15.36
CA ASN A 186 -14.07 5.00 16.05
C ASN A 186 -13.25 6.28 16.34
N PRO A 187 -13.68 7.47 15.85
CA PRO A 187 -14.99 7.87 15.38
C PRO A 187 -15.27 7.85 13.86
N THR A 188 -14.31 7.55 13.00
CA THR A 188 -14.53 7.80 11.57
C THR A 188 -15.23 6.69 10.78
N GLY A 189 -15.06 5.44 11.20
CA GLY A 189 -15.60 4.36 10.36
C GLY A 189 -14.65 4.02 9.20
N VAL A 190 -13.54 4.75 9.10
CA VAL A 190 -12.54 4.46 8.04
C VAL A 190 -11.53 3.37 8.48
N ASP A 191 -11.49 2.30 7.69
CA ASP A 191 -10.57 1.16 7.92
C ASP A 191 -9.56 0.98 6.79
N PRO A 192 -8.34 0.56 7.13
CA PRO A 192 -7.43 0.14 6.06
C PRO A 192 -8.00 -1.13 5.42
N ARG A 193 -7.78 -1.32 4.11
CA ARG A 193 -8.14 -2.61 3.48
C ARG A 193 -7.03 -3.62 3.77
N PRO A 194 -7.30 -4.94 3.59
CA PRO A 194 -6.25 -5.98 3.79
C PRO A 194 -4.84 -5.68 3.25
N GLU A 195 -4.77 -5.25 2.00
CA GLU A 195 -3.50 -4.89 1.38
C GLU A 195 -2.81 -3.75 2.12
N GLN A 196 -3.58 -2.78 2.57
CA GLN A 196 -3.00 -1.66 3.31
C GLN A 196 -2.43 -2.14 4.67
N TRP A 197 -3.18 -3.02 5.33
CA TRP A 197 -2.75 -3.65 6.58
C TRP A 197 -1.45 -4.46 6.41
N LYS A 198 -1.32 -5.21 5.30
CA LYS A 198 -0.08 -5.94 5.01
C LYS A 198 1.06 -4.95 5.01
N GLU A 199 0.87 -3.79 4.40
CA GLU A 199 1.96 -2.83 4.31
C GLU A 199 2.30 -2.22 5.67
N ILE A 200 1.27 -1.90 6.47
CA ILE A 200 1.49 -1.38 7.83
C ILE A 200 2.29 -2.44 8.62
N ALA A 201 1.87 -3.71 8.51
CA ALA A 201 2.48 -4.80 9.28
C ALA A 201 3.96 -4.82 8.93
N SER A 202 4.24 -4.68 7.65
CA SER A 202 5.57 -4.78 7.16
C SER A 202 6.44 -3.62 7.67
N VAL A 203 5.88 -2.42 7.76
CA VAL A 203 6.60 -1.31 8.41
C VAL A 203 6.78 -1.46 9.95
N VAL A 204 5.78 -2.01 10.66
CA VAL A 204 5.87 -2.22 12.11
C VAL A 204 7.02 -3.18 12.43
N LYS A 205 7.06 -4.25 11.65
CA LYS A 205 8.09 -5.26 11.71
C LYS A 205 9.48 -4.68 11.27
N LYS A 206 9.50 -3.86 10.22
CA LYS A 206 10.72 -3.14 9.87
C LYS A 206 11.21 -2.28 11.04
N LYS A 207 10.34 -1.43 11.59
CA LYS A 207 10.77 -0.49 12.59
C LYS A 207 10.82 -1.09 14.00
N ASN A 208 10.49 -2.37 14.18
CA ASN A 208 10.35 -2.96 15.52
C ASN A 208 9.39 -2.22 16.48
N LEU A 209 8.21 -1.83 15.98
CA LEU A 209 7.21 -1.18 16.82
C LEU A 209 6.43 -2.23 17.60
N PHE A 210 5.85 -1.85 18.73
CA PHE A 210 5.01 -2.77 19.44
C PHE A 210 3.56 -2.43 19.07
N ALA A 211 2.80 -3.43 18.64
CA ALA A 211 1.46 -3.18 18.13
C ALA A 211 0.42 -3.48 19.20
N PHE A 212 -0.42 -2.50 19.48
CA PHE A 212 -1.42 -2.57 20.51
C PHE A 212 -2.75 -2.37 19.76
N PHE A 213 -3.50 -3.48 19.61
CA PHE A 213 -4.77 -3.52 18.98
C PHE A 213 -5.91 -3.33 20.00
N ASP A 214 -6.78 -2.38 19.68
CA ASP A 214 -8.07 -2.24 20.32
C ASP A 214 -9.09 -2.87 19.36
N MET A 215 -9.76 -3.92 19.80
CA MET A 215 -10.79 -4.54 19.00
C MET A 215 -12.13 -4.54 19.75
N ALA A 216 -12.86 -3.43 19.62
CA ALA A 216 -14.21 -3.30 20.24
C ALA A 216 -15.35 -3.86 19.38
N TYR A 217 -15.08 -4.23 18.12
CA TYR A 217 -16.16 -4.51 17.18
C TYR A 217 -16.13 -5.76 16.31
N GLN A 218 -15.41 -6.81 16.73
CA GLN A 218 -15.38 -8.04 15.96
C GLN A 218 -16.79 -8.60 15.73
N GLY A 219 -17.08 -8.90 14.46
CA GLY A 219 -18.37 -9.41 14.03
C GLY A 219 -19.36 -8.27 13.85
N PHE A 220 -19.46 -7.40 14.85
CA PHE A 220 -20.34 -6.24 14.79
C PHE A 220 -20.00 -5.36 13.57
N ALA A 221 -18.71 -5.14 13.29
CA ALA A 221 -18.31 -4.32 12.15
C ALA A 221 -18.92 -4.69 10.78
N SER A 222 -18.80 -5.97 10.42
CA SER A 222 -19.06 -6.42 9.04
C SER A 222 -20.00 -7.60 9.00
N GLY A 223 -20.27 -8.18 10.17
CA GLY A 223 -21.08 -9.38 10.30
C GLY A 223 -20.29 -10.67 10.18
N ASP A 224 -19.01 -10.57 9.83
CA ASP A 224 -18.08 -11.68 9.71
C ASP A 224 -16.87 -11.47 10.69
N GLY A 225 -16.89 -12.14 11.84
CA GLY A 225 -15.83 -12.05 12.85
C GLY A 225 -14.44 -12.47 12.39
N ASP A 226 -14.39 -13.42 11.44
CA ASP A 226 -13.10 -13.81 10.85
C ASP A 226 -12.50 -12.71 10.04
N LYS A 227 -13.28 -12.12 9.16
CA LYS A 227 -12.79 -10.92 8.47
C LYS A 227 -12.45 -9.74 9.39
N ASP A 228 -13.21 -9.57 10.49
CA ASP A 228 -12.97 -8.39 11.33
C ASP A 228 -11.65 -8.47 12.14
N ALA A 229 -11.25 -9.70 12.47
CA ALA A 229 -10.02 -9.99 13.21
C ALA A 229 -8.82 -10.28 12.30
N TRP A 230 -9.02 -10.16 10.98
CA TRP A 230 -8.03 -10.60 10.02
C TRP A 230 -6.71 -9.85 10.25
N ALA A 231 -6.80 -8.54 10.36
CA ALA A 231 -5.60 -7.75 10.58
C ALA A 231 -4.83 -8.23 11.80
N VAL A 232 -5.53 -8.42 12.92
CA VAL A 232 -4.93 -8.91 14.14
C VAL A 232 -4.25 -10.24 13.87
N ARG A 233 -4.97 -11.17 13.26
CA ARG A 233 -4.36 -12.44 12.97
C ARG A 233 -3.14 -12.30 12.03
N HIS A 234 -3.22 -11.39 11.06
CA HIS A 234 -2.19 -11.25 10.07
C HIS A 234 -0.90 -10.75 10.71
N PHE A 235 -1.04 -9.74 11.57
CA PHE A 235 0.09 -9.23 12.33
C PHE A 235 0.79 -10.36 13.10
N ILE A 236 0.01 -11.25 13.70
CA ILE A 236 0.58 -12.30 14.55
C ILE A 236 1.28 -13.35 13.69
N GLU A 237 0.61 -13.69 12.60
CA GLU A 237 1.16 -14.56 11.57
C GLU A 237 2.49 -14.00 11.02
N GLN A 238 2.67 -12.69 10.95
CA GLN A 238 3.96 -12.13 10.48
C GLN A 238 5.04 -12.01 11.56
N GLY A 239 4.82 -12.61 12.73
CA GLY A 239 5.79 -12.53 13.80
C GLY A 239 5.70 -11.34 14.73
N ILE A 240 4.55 -10.67 14.77
CA ILE A 240 4.37 -9.50 15.64
C ILE A 240 3.60 -9.93 16.86
N ASN A 241 4.23 -9.85 18.01
CA ASN A 241 3.57 -10.29 19.23
C ASN A 241 2.76 -9.14 19.82
N VAL A 242 1.47 -9.10 19.48
CA VAL A 242 0.59 -7.96 19.77
C VAL A 242 0.06 -8.12 21.18
N CYS A 243 -0.53 -7.05 21.71
CA CYS A 243 -1.51 -7.19 22.77
C CYS A 243 -2.85 -6.70 22.16
N LEU A 244 -3.93 -7.02 22.86
CA LEU A 244 -5.24 -6.99 22.23
C LEU A 244 -6.28 -6.71 23.28
N CYS A 245 -7.11 -5.69 23.03
CA CYS A 245 -8.27 -5.39 23.88
C CYS A 245 -9.58 -5.83 23.24
N GLN A 246 -10.38 -6.63 23.94
CA GLN A 246 -11.69 -7.03 23.42
C GLN A 246 -12.82 -6.56 24.27
N SER A 247 -13.92 -6.19 23.62
CA SER A 247 -15.09 -5.75 24.31
C SER A 247 -16.22 -6.61 23.80
N TYR A 248 -17.23 -6.89 24.63
CA TYR A 248 -18.40 -7.65 24.17
C TYR A 248 -19.67 -6.78 24.28
N ALA A 249 -19.41 -5.47 24.44
CA ALA A 249 -20.42 -4.46 24.66
C ALA A 249 -21.34 -4.40 23.46
N1 LLP A 250 -12.67 1.16 22.41
C2 LLP A 250 -13.28 1.67 21.28
C2' LLP A 250 -12.44 1.92 20.04
C3 LLP A 250 -14.67 1.91 21.33
O3 LLP A 250 -15.22 2.36 20.34
C4 LLP A 250 -15.43 1.64 22.48
C4' LLP A 250 -16.97 1.47 22.39
C5 LLP A 250 -14.74 1.16 23.60
C6 LLP A 250 -13.38 0.91 23.56
C5' LLP A 250 -15.45 0.91 24.88
OP4 LLP A 250 -15.89 -0.39 25.12
P LLP A 250 -16.54 -0.74 26.53
OP1 LLP A 250 -17.92 -0.20 26.55
OP2 LLP A 250 -16.43 -2.22 26.38
OP3 LLP A 250 -15.69 -0.18 27.62
N LLP A 250 -20.72 -4.31 22.29
CA LLP A 250 -21.45 -4.09 21.08
CB LLP A 250 -20.77 -2.98 20.21
CG LLP A 250 -19.88 -1.99 21.12
CD LLP A 250 -20.15 -0.44 21.05
CE LLP A 250 -19.20 0.45 22.02
NZ LLP A 250 -17.58 0.26 22.11
C LLP A 250 -21.77 -5.42 20.41
O LLP A 250 -22.94 -5.70 20.10
N ASN A 251 -20.79 -6.32 20.28
CA ASN A 251 -21.07 -7.55 19.58
C ASN A 251 -22.00 -8.51 20.35
N MET A 252 -22.13 -8.35 21.65
CA MET A 252 -23.16 -9.12 22.36
C MET A 252 -24.22 -8.25 22.99
N GLY A 253 -24.16 -6.94 22.75
CA GLY A 253 -25.03 -6.01 23.42
C GLY A 253 -24.96 -6.13 24.94
N LEU A 254 -23.78 -6.45 25.46
CA LEU A 254 -23.60 -6.56 26.91
C LEU A 254 -23.16 -5.25 27.60
N TYR A 255 -23.19 -4.15 26.84
CA TYR A 255 -22.85 -2.80 27.33
C TYR A 255 -22.64 -2.72 28.83
N GLY A 256 -23.74 -2.70 29.58
CA GLY A 256 -23.69 -2.41 30.98
C GLY A 256 -23.22 -3.52 31.88
N GLU A 257 -23.06 -4.75 31.35
CA GLU A 257 -22.45 -5.86 32.11
C GLU A 257 -20.93 -5.78 32.18
N ARG A 258 -20.28 -5.06 31.24
CA ARG A 258 -18.84 -4.78 31.31
C ARG A 258 -18.07 -6.08 31.15
N VAL A 259 -18.00 -6.58 29.91
CA VAL A 259 -17.35 -7.84 29.61
C VAL A 259 -16.29 -7.61 28.56
N GLY A 260 -15.05 -7.74 28.96
CA GLY A 260 -13.97 -7.55 28.00
C GLY A 260 -12.79 -8.38 28.42
N ALA A 261 -11.72 -8.29 27.64
CA ALA A 261 -10.54 -9.09 27.88
C ALA A 261 -9.30 -8.45 27.31
N PHE A 262 -8.21 -8.64 28.03
CA PHE A 262 -6.91 -8.20 27.59
C PHE A 262 -6.00 -9.40 27.39
N THR A 263 -5.42 -9.46 26.19
CA THR A 263 -4.52 -10.52 25.80
C THR A 263 -3.11 -10.06 25.45
N VAL A 264 -2.10 -10.78 25.91
CA VAL A 264 -0.76 -10.50 25.47
C VAL A 264 -0.26 -11.71 24.77
N VAL A 265 0.20 -11.54 23.53
CA VAL A 265 0.78 -12.61 22.77
C VAL A 265 2.25 -12.59 23.10
N CYS A 266 2.80 -13.74 23.47
CA CYS A 266 4.15 -13.84 24.00
C CYS A 266 5.05 -14.74 23.19
N LYS A 267 6.34 -14.66 23.44
CA LYS A 267 7.32 -15.55 22.81
C LYS A 267 7.00 -17.05 23.05
N ASP A 268 6.65 -17.37 24.31
CA ASP A 268 6.33 -18.76 24.70
C ASP A 268 5.43 -18.79 25.95
N ALA A 269 4.96 -19.98 26.28
CA ALA A 269 4.14 -20.18 27.47
C ALA A 269 4.85 -19.70 28.71
N GLU A 270 6.16 -19.99 28.83
CA GLU A 270 6.93 -19.58 30.03
C GLU A 270 6.82 -18.07 30.25
N GLU A 271 7.10 -17.28 29.21
CA GLU A 271 6.98 -15.83 29.27
C GLU A 271 5.53 -15.38 29.58
N ALA A 272 4.55 -16.10 29.04
CA ALA A 272 3.15 -15.80 29.31
C ALA A 272 2.80 -15.98 30.80
N LYS A 273 3.40 -16.98 31.45
CA LYS A 273 3.21 -17.19 32.92
C LYS A 273 3.73 -16.00 33.73
N ARG A 274 4.87 -15.45 33.31
CA ARG A 274 5.46 -14.30 33.98
C ARG A 274 4.58 -13.05 33.77
N VAL A 275 4.17 -12.82 32.52
CA VAL A 275 3.33 -11.68 32.19
C VAL A 275 2.01 -11.79 32.96
N GLU A 276 1.43 -12.98 32.99
CA GLU A 276 0.20 -13.21 33.72
C GLU A 276 0.31 -12.78 35.20
N SER A 277 1.38 -13.21 35.87
CA SER A 277 1.49 -12.88 37.31
C SER A 277 1.59 -11.37 37.59
N GLN A 278 2.20 -10.64 36.66
CA GLN A 278 2.28 -9.17 36.81
C GLN A 278 1.02 -8.42 36.41
N LEU A 279 0.24 -8.98 35.46
CA LEU A 279 -1.10 -8.44 35.19
C LEU A 279 -2.00 -8.59 36.43
N LYS A 280 -1.89 -9.74 37.09
CA LYS A 280 -2.60 -9.97 38.36
C LYS A 280 -2.22 -8.93 39.42
N ILE A 281 -0.93 -8.64 39.51
CA ILE A 281 -0.43 -7.74 40.53
C ILE A 281 -0.92 -6.32 40.30
N LEU A 282 -1.16 -5.98 39.03
CA LEU A 282 -1.72 -4.68 38.67
C LEU A 282 -3.24 -4.63 38.77
N ILE A 283 -3.91 -5.78 38.57
CA ILE A 283 -5.36 -5.81 38.60
C ILE A 283 -5.86 -5.66 40.03
N ARG A 284 -5.22 -6.37 40.99
CA ARG A 284 -5.67 -6.39 42.40
C ARG A 284 -5.92 -4.98 42.96
N PRO A 285 -4.95 -4.07 42.81
CA PRO A 285 -5.14 -2.76 43.40
C PRO A 285 -6.04 -1.88 42.55
N LEU A 286 -6.55 -2.39 41.47
CA LEU A 286 -7.54 -1.69 40.73
C LEU A 286 -8.92 -2.01 41.25
N TYR A 287 -9.31 -3.26 41.16
CA TYR A 287 -10.69 -3.62 41.51
C TYR A 287 -10.79 -5.06 42.07
N SER A 288 -9.62 -5.62 42.43
CA SER A 288 -9.50 -7.00 42.97
C SER A 288 -9.79 -8.13 41.99
N ASN A 289 -11.00 -8.13 41.46
CA ASN A 289 -11.42 -9.18 40.58
C ASN A 289 -12.64 -8.69 39.80
N PRO A 290 -12.93 -9.30 38.64
CA PRO A 290 -13.95 -8.75 37.74
C PRO A 290 -15.32 -9.35 37.95
N PRO A 291 -16.35 -8.71 37.36
CA PRO A 291 -17.74 -9.13 37.54
C PRO A 291 -18.10 -10.39 36.78
N LEU A 292 -18.92 -11.18 37.44
CA LEU A 292 -19.21 -12.52 37.10
C LEU A 292 -20.28 -12.64 36.00
N ASN A 293 -21.31 -11.81 36.08
CA ASN A 293 -22.54 -12.05 35.36
C ASN A 293 -22.42 -12.07 33.84
N GLY A 294 -21.87 -10.99 33.28
CA GLY A 294 -21.55 -10.91 31.87
C GLY A 294 -20.55 -11.96 31.38
N ALA A 295 -19.50 -12.20 32.16
CA ALA A 295 -18.55 -13.23 31.80
C ALA A 295 -19.22 -14.59 31.69
N ARG A 296 -20.16 -14.90 32.59
CA ARG A 296 -20.89 -16.17 32.53
C ARG A 296 -21.69 -16.23 31.26
N ILE A 297 -22.42 -15.14 30.96
CA ILE A 297 -23.21 -15.08 29.73
C ILE A 297 -22.37 -15.27 28.49
N ALA A 298 -21.20 -14.62 28.45
CA ALA A 298 -20.37 -14.72 27.26
C ALA A 298 -19.76 -16.13 27.11
N ALA A 299 -19.19 -16.66 28.19
CA ALA A 299 -18.66 -18.05 28.18
C ALA A 299 -19.72 -19.06 27.69
N THR A 300 -20.95 -18.94 28.21
CA THR A 300 -22.08 -19.79 27.82
C THR A 300 -22.37 -19.73 26.31
N ILE A 301 -22.52 -18.52 25.77
CA ILE A 301 -22.67 -18.39 24.33
C ILE A 301 -21.48 -18.96 23.55
N LEU A 302 -20.26 -18.58 23.92
CA LEU A 302 -19.11 -18.96 23.10
C LEU A 302 -18.89 -20.48 23.13
N THR A 303 -19.13 -21.14 24.25
CA THR A 303 -18.84 -22.58 24.31
C THR A 303 -20.01 -23.54 24.06
N SER A 304 -21.17 -23.05 23.60
CA SER A 304 -22.26 -23.92 23.10
C SER A 304 -22.45 -23.72 21.65
N PRO A 305 -22.31 -24.80 20.88
CA PRO A 305 -22.45 -24.69 19.44
C PRO A 305 -23.78 -24.05 18.99
N ASP A 306 -24.88 -24.34 19.64
CA ASP A 306 -26.14 -23.80 19.18
C ASP A 306 -26.24 -22.32 19.48
N LEU A 307 -25.95 -21.96 20.74
CA LEU A 307 -25.97 -20.57 21.14
C LEU A 307 -24.97 -19.75 20.34
N ARG A 308 -23.78 -20.32 20.10
CA ARG A 308 -22.78 -19.62 19.29
C ARG A 308 -23.28 -19.34 17.85
N LYS A 309 -23.84 -20.36 17.22
CA LYS A 309 -24.37 -20.28 15.84
C LYS A 309 -25.47 -19.21 15.76
N GLN A 310 -26.32 -19.18 16.79
CA GLN A 310 -27.41 -18.24 16.87
C GLN A 310 -26.90 -16.82 17.09
N TRP A 311 -26.03 -16.66 18.08
CA TRP A 311 -25.33 -15.41 18.32
C TRP A 311 -24.65 -14.88 17.03
N LEU A 312 -23.95 -15.75 16.33
CA LEU A 312 -23.34 -15.29 15.09
C LEU A 312 -24.35 -14.79 14.03
N GLN A 313 -25.59 -15.31 13.99
CA GLN A 313 -26.62 -14.79 13.06
C GLN A 313 -27.12 -13.43 13.55
N GLU A 314 -27.29 -13.31 14.87
CA GLU A 314 -27.68 -12.05 15.49
C GLU A 314 -26.67 -10.92 15.23
N VAL A 315 -25.38 -11.20 15.33
CA VAL A 315 -24.39 -10.18 15.01
C VAL A 315 -24.46 -9.75 13.53
N LYS A 316 -24.53 -10.74 12.65
CA LYS A 316 -24.69 -10.51 11.24
C LYS A 316 -25.91 -9.59 11.03
N GLY A 317 -26.98 -9.85 11.79
CA GLY A 317 -28.20 -9.04 11.74
C GLY A 317 -28.03 -7.56 12.02
N MET A 318 -27.33 -7.29 13.11
CA MET A 318 -27.00 -5.94 13.50
C MET A 318 -26.09 -5.29 12.43
N ALA A 319 -25.05 -5.99 12.03
CA ALA A 319 -24.09 -5.45 11.07
C ALA A 319 -24.77 -5.11 9.77
N ASP A 320 -25.68 -6.08 9.41
CA ASP A 320 -26.38 -5.78 8.17
C ASP A 320 -27.39 -4.66 8.41
N ARG A 321 -28.05 -4.52 9.52
CA ARG A 321 -28.86 -3.33 9.62
C ARG A 321 -28.05 -2.02 9.42
N ILE A 322 -26.90 -1.91 10.02
CA ILE A 322 -26.02 -0.77 9.84
C ILE A 322 -25.60 -0.57 8.37
N ILE A 323 -25.19 -1.64 7.70
CA ILE A 323 -24.76 -1.54 6.28
C ILE A 323 -25.94 -1.04 5.44
N SER A 324 -27.12 -1.57 5.77
CA SER A 324 -28.34 -1.19 5.07
C SER A 324 -28.60 0.30 5.23
N MET A 325 -28.51 0.81 6.45
CA MET A 325 -28.69 2.25 6.68
C MET A 325 -27.71 3.10 5.89
N ARG A 326 -26.45 2.69 5.88
CA ARG A 326 -25.43 3.39 5.11
C ARG A 326 -25.80 3.50 3.61
N THR A 327 -26.41 2.42 3.09
CA THR A 327 -26.61 2.26 1.65
C THR A 327 -27.79 3.12 1.24
N GLN A 328 -28.88 2.97 1.98
CA GLN A 328 -30.07 3.78 1.75
C GLN A 328 -29.77 5.24 2.01
N LEU A 329 -28.83 5.56 2.91
CA LEU A 329 -28.51 6.97 3.09
C LEU A 329 -27.89 7.55 1.83
N VAL A 330 -26.88 6.88 1.28
CA VAL A 330 -26.29 7.32 0.01
C VAL A 330 -27.32 7.33 -1.13
N SER A 331 -28.15 6.31 -1.17
CA SER A 331 -29.13 6.18 -2.25
C SER A 331 -30.10 7.39 -2.27
N ASN A 332 -30.64 7.72 -1.09
CA ASN A 332 -31.55 8.81 -0.97
C ASN A 332 -30.87 10.13 -1.23
N LEU A 333 -29.61 10.29 -0.86
CA LEU A 333 -28.93 11.55 -1.21
C LEU A 333 -28.93 11.80 -2.72
N LYS A 334 -28.71 10.74 -3.50
CA LYS A 334 -28.76 10.78 -4.96
C LYS A 334 -30.21 11.09 -5.42
N LYS A 335 -31.22 10.40 -4.90
CA LYS A 335 -32.63 10.74 -5.22
C LYS A 335 -32.97 12.22 -4.89
N GLU A 336 -32.38 12.76 -3.84
CA GLU A 336 -32.61 14.15 -3.56
C GLU A 336 -31.96 15.11 -4.56
N GLY A 337 -31.08 14.63 -5.43
CA GLY A 337 -30.40 15.52 -6.37
C GLY A 337 -29.10 16.11 -5.85
N SER A 338 -28.55 15.50 -4.82
CA SER A 338 -27.26 15.94 -4.34
C SER A 338 -26.21 15.65 -5.41
N SER A 339 -25.28 16.56 -5.59
CA SER A 339 -24.19 16.30 -6.50
C SER A 339 -22.85 16.03 -5.76
N HIS A 340 -22.86 15.89 -4.43
CA HIS A 340 -21.59 15.60 -3.74
C HIS A 340 -21.31 14.12 -3.82
N ASN A 341 -20.04 13.76 -3.77
CA ASN A 341 -19.66 12.37 -3.62
C ASN A 341 -19.93 11.90 -2.19
N TRP A 342 -20.80 10.91 -2.07
CA TRP A 342 -21.09 10.36 -0.75
C TRP A 342 -20.64 8.95 -0.55
N GLN A 343 -19.82 8.39 -1.44
CA GLN A 343 -19.37 6.97 -1.28
C GLN A 343 -18.63 6.66 0.02
N HIS A 344 -17.92 7.63 0.59
CA HIS A 344 -17.36 7.46 1.94
C HIS A 344 -18.33 6.88 2.94
N ILE A 345 -19.61 7.23 2.85
CA ILE A 345 -20.63 6.66 3.78
C ILE A 345 -20.75 5.14 3.66
N THR A 346 -20.55 4.61 2.46
CA THR A 346 -20.63 3.17 2.26
C THR A 346 -19.25 2.49 2.28
N ASP A 347 -18.18 3.27 2.05
CA ASP A 347 -16.83 2.73 2.17
C ASP A 347 -16.46 2.46 3.66
N GLN A 348 -16.88 3.35 4.55
CA GLN A 348 -16.69 3.18 5.99
C GLN A 348 -17.47 2.06 6.60
N ILE A 349 -17.04 1.65 7.79
CA ILE A 349 -17.46 0.41 8.40
C ILE A 349 -17.82 0.64 9.88
N GLY A 350 -18.93 0.05 10.30
CA GLY A 350 -19.30 0.05 11.70
C GLY A 350 -20.36 1.10 11.90
N MET A 351 -20.64 1.36 13.17
CA MET A 351 -21.79 2.20 13.49
C MET A 351 -21.44 3.67 13.64
N PHE A 352 -20.17 4.05 13.48
CA PHE A 352 -19.77 5.44 13.47
C PHE A 352 -19.27 5.84 12.09
N CYS A 353 -19.63 7.05 11.66
CA CYS A 353 -19.43 7.51 10.32
C CYS A 353 -19.02 8.98 10.33
N PHE A 354 -17.86 9.30 9.81
CA PHE A 354 -17.52 10.70 9.57
C PHE A 354 -18.16 11.17 8.25
N THR A 355 -19.19 11.99 8.37
CA THR A 355 -20.01 12.43 7.21
C THR A 355 -19.33 13.39 6.24
N GLY A 356 -18.43 14.23 6.77
CA GLY A 356 -17.76 15.26 5.98
C GLY A 356 -18.36 16.65 6.26
N LEU A 357 -19.45 16.69 7.03
CA LEU A 357 -20.15 17.93 7.32
C LEU A 357 -19.37 18.85 8.23
N LYS A 358 -19.50 20.14 7.96
CA LYS A 358 -18.84 21.15 8.76
C LYS A 358 -19.69 21.52 9.98
N PRO A 359 -19.04 22.05 11.05
CA PRO A 359 -19.76 22.50 12.24
C PRO A 359 -21.03 23.30 11.96
N GLU A 360 -20.98 24.24 11.01
CA GLU A 360 -22.13 25.14 10.72
C GLU A 360 -23.30 24.34 10.14
N GLN A 361 -22.97 23.37 9.29
CA GLN A 361 -23.96 22.46 8.73
C GLN A 361 -24.51 21.57 9.86
N VAL A 362 -23.64 21.12 10.74
CA VAL A 362 -24.13 20.40 11.93
C VAL A 362 -25.11 21.24 12.79
N GLU A 363 -24.75 22.50 13.06
CA GLU A 363 -25.68 23.47 13.69
C GLU A 363 -27.05 23.55 12.96
N ARG A 364 -27.03 23.79 11.65
CA ARG A 364 -28.30 23.81 10.90
C ARG A 364 -29.04 22.49 11.04
N LEU A 365 -28.34 21.36 10.94
CA LEU A 365 -29.03 20.08 11.16
C LEU A 365 -29.68 20.02 12.54
N THR A 366 -29.00 20.48 13.57
CA THR A 366 -29.62 20.49 14.88
C THR A 366 -30.79 21.48 14.93
N LYS A 367 -30.53 22.76 14.63
CA LYS A 367 -31.58 23.80 14.73
C LYS A 367 -32.80 23.58 13.83
N GLU A 368 -32.58 23.22 12.57
CA GLU A 368 -33.68 23.28 11.62
C GLU A 368 -34.28 21.91 11.35
N PHE A 369 -33.58 20.86 11.70
CA PHE A 369 -34.05 19.55 11.37
C PHE A 369 -34.23 18.65 12.58
N SER A 370 -33.74 19.09 13.74
CA SER A 370 -33.69 18.25 14.95
C SER A 370 -32.91 16.95 14.72
N VAL A 371 -31.87 17.03 13.91
CA VAL A 371 -31.00 15.88 13.71
C VAL A 371 -29.80 16.17 14.59
N TYR A 372 -29.61 15.32 15.61
CA TYR A 372 -28.63 15.56 16.67
C TYR A 372 -27.35 14.74 16.52
N MET A 373 -26.24 15.44 16.43
CA MET A 373 -24.96 14.81 16.23
C MET A 373 -23.86 15.72 16.77
N THR A 374 -22.65 15.17 16.91
CA THR A 374 -21.49 15.95 17.34
C THR A 374 -20.98 16.84 16.19
N LYS A 375 -20.34 17.96 16.54
CA LYS A 375 -19.82 18.98 15.55
C LYS A 375 -18.67 18.52 14.63
N ASP A 376 -18.01 17.41 14.98
CA ASP A 376 -16.93 16.87 14.14
C ASP A 376 -17.51 16.20 12.87
N GLY A 377 -18.83 16.10 12.78
CA GLY A 377 -19.50 15.53 11.61
C GLY A 377 -19.84 14.06 11.80
N ARG A 378 -19.44 13.55 12.96
CA ARG A 378 -19.69 12.17 13.30
C ARG A 378 -21.16 11.90 13.52
N ILE A 379 -21.65 10.86 12.86
CA ILE A 379 -22.97 10.34 13.18
C ILE A 379 -22.89 8.89 13.62
N SER A 380 -23.84 8.56 14.47
CA SER A 380 -24.02 7.22 14.93
C SER A 380 -25.07 6.57 14.07
N VAL A 381 -24.64 5.66 13.20
CA VAL A 381 -25.54 5.04 12.22
C VAL A 381 -26.66 4.25 12.90
N ALA A 382 -26.44 3.90 14.17
CA ALA A 382 -27.43 3.17 14.92
C ALA A 382 -28.72 3.98 15.12
N GLY A 383 -28.64 5.31 15.01
CA GLY A 383 -29.84 6.13 15.18
C GLY A 383 -30.66 6.30 13.90
N VAL A 384 -30.15 5.77 12.80
CA VAL A 384 -30.81 5.77 11.48
C VAL A 384 -31.66 4.52 11.31
N THR A 385 -32.89 4.72 10.83
CA THR A 385 -33.84 3.61 10.61
C THR A 385 -34.42 3.68 9.20
N SER A 386 -35.19 2.66 8.83
CA SER A 386 -35.91 2.68 7.54
C SER A 386 -36.90 3.82 7.54
N GLY A 387 -37.45 4.10 8.73
CA GLY A 387 -38.48 5.11 8.93
C GLY A 387 -37.96 6.51 8.68
N ASN A 388 -36.73 6.79 9.13
CA ASN A 388 -36.19 8.14 9.12
C ASN A 388 -35.05 8.39 8.13
N VAL A 389 -34.59 7.35 7.43
CA VAL A 389 -33.44 7.56 6.55
C VAL A 389 -33.76 8.55 5.42
N GLY A 390 -35.03 8.55 4.97
CA GLY A 390 -35.47 9.40 3.85
C GLY A 390 -35.37 10.83 4.30
N TYR A 391 -35.89 11.03 5.51
CA TYR A 391 -35.79 12.30 6.21
C TYR A 391 -34.37 12.72 6.43
N LEU A 392 -33.51 11.84 6.93
CA LEU A 392 -32.08 12.20 7.10
C LEU A 392 -31.42 12.71 5.80
N ALA A 393 -31.64 12.02 4.71
CA ALA A 393 -31.03 12.41 3.43
C ALA A 393 -31.58 13.75 2.93
N HIS A 394 -32.85 13.97 3.18
CA HIS A 394 -33.44 15.24 2.82
C HIS A 394 -32.75 16.37 3.55
N ALA A 395 -32.64 16.26 4.88
CA ALA A 395 -31.93 17.22 5.76
C ALA A 395 -30.46 17.45 5.39
N ILE A 396 -29.70 16.37 5.25
CA ILE A 396 -28.30 16.51 4.80
C ILE A 396 -28.22 17.24 3.44
N HIS A 397 -29.07 16.89 2.49
CA HIS A 397 -29.02 17.58 1.19
C HIS A 397 -29.38 19.06 1.33
N GLN A 398 -30.43 19.34 2.11
CA GLN A 398 -30.80 20.73 2.37
C GLN A 398 -29.63 21.58 2.85
N VAL A 399 -28.88 21.11 3.84
CA VAL A 399 -27.73 21.90 4.38
C VAL A 399 -26.41 21.88 3.60
N THR A 400 -26.30 21.05 2.56
CA THR A 400 -25.06 20.95 1.79
C THR A 400 -25.19 21.42 0.35
N LYS A 401 -26.41 21.50 -0.18
CA LYS A 401 -26.58 21.84 -1.61
C LYS A 401 -26.11 23.26 -1.95
N SER B 1 15.42 -9.77 21.88
CA SER B 1 14.62 -10.77 21.12
C SER B 1 13.27 -11.16 21.78
N SER B 2 12.79 -10.36 22.73
CA SER B 2 11.41 -10.41 23.17
C SER B 2 11.02 -9.19 23.98
N TRP B 3 9.78 -8.75 23.83
CA TRP B 3 9.35 -7.61 24.63
C TRP B 3 9.44 -7.81 26.13
N TRP B 4 9.24 -9.04 26.59
CA TRP B 4 8.97 -9.30 28.02
C TRP B 4 10.00 -10.17 28.75
N THR B 5 11.17 -10.38 28.12
CA THR B 5 12.22 -11.20 28.74
C THR B 5 12.58 -10.74 30.16
N HIS B 6 12.54 -9.43 30.43
CA HIS B 6 12.89 -8.93 31.78
C HIS B 6 11.71 -8.83 32.77
N VAL B 7 10.53 -9.28 32.37
CA VAL B 7 9.38 -9.27 33.26
C VAL B 7 9.51 -10.40 34.27
N GLU B 8 9.64 -10.08 35.55
CA GLU B 8 9.84 -11.16 36.50
C GLU B 8 8.57 -11.81 37.03
N MET B 9 8.69 -13.10 37.39
CA MET B 9 7.57 -13.83 38.04
C MET B 9 7.26 -13.25 39.40
N GLY B 10 5.97 -13.06 39.69
CA GLY B 10 5.53 -12.44 40.94
C GLY B 10 5.73 -13.34 42.15
N PRO B 11 5.79 -12.76 43.36
CA PRO B 11 5.77 -13.61 44.56
C PRO B 11 4.49 -14.43 44.63
N PRO B 12 4.54 -15.65 45.20
CA PRO B 12 3.27 -16.40 45.19
C PRO B 12 2.24 -15.82 46.19
N ASP B 13 0.99 -16.22 46.07
CA ASP B 13 -0.08 -15.69 46.92
C ASP B 13 -0.21 -16.58 48.15
N PRO B 14 0.21 -16.07 49.32
CA PRO B 14 0.18 -16.88 50.56
C PRO B 14 -1.22 -17.38 50.90
N ILE B 15 -2.21 -16.50 50.80
CA ILE B 15 -3.62 -16.84 51.07
C ILE B 15 -4.16 -17.85 50.04
N LEU B 16 -3.73 -17.77 48.80
CA LEU B 16 -4.07 -18.80 47.81
C LEU B 16 -3.25 -20.09 47.98
N GLY B 17 -2.02 -19.97 48.50
CA GLY B 17 -1.15 -21.13 48.73
C GLY B 17 -1.79 -22.08 49.71
N VAL B 18 -2.28 -21.50 50.81
CA VAL B 18 -2.98 -22.22 51.87
C VAL B 18 -4.30 -22.83 51.40
N THR B 19 -5.06 -22.07 50.63
CA THR B 19 -6.32 -22.55 50.09
C THR B 19 -6.13 -23.77 49.17
N GLU B 20 -4.98 -23.84 48.52
CA GLU B 20 -4.63 -24.99 47.68
C GLU B 20 -3.97 -26.11 48.49
N ALA B 21 -3.17 -25.74 49.48
CA ALA B 21 -2.63 -26.70 50.43
C ALA B 21 -3.75 -27.49 51.11
N PHE B 22 -4.92 -26.85 51.28
CA PHE B 22 -6.11 -27.48 51.90
C PHE B 22 -6.84 -28.46 50.98
N LYS B 23 -6.95 -28.10 49.70
CA LYS B 23 -7.60 -28.97 48.73
C LYS B 23 -6.82 -30.28 48.53
N ARG B 24 -5.51 -30.21 48.73
CA ARG B 24 -4.59 -31.35 48.54
C ARG B 24 -4.68 -32.35 49.69
N ASP B 25 -4.88 -31.82 50.90
CA ASP B 25 -4.92 -32.61 52.14
C ASP B 25 -6.07 -33.61 52.12
N THR B 26 -5.74 -34.85 52.43
CA THR B 26 -6.62 -35.97 52.15
C THR B 26 -7.46 -36.43 53.36
N ASN B 27 -6.97 -36.07 54.57
CA ASN B 27 -7.63 -36.29 55.86
C ASN B 27 -9.01 -35.62 55.97
N SER B 28 -10.03 -36.46 56.19
CA SER B 28 -11.44 -36.05 56.27
C SER B 28 -11.79 -34.99 57.34
N LYS B 29 -10.91 -34.78 58.33
CA LYS B 29 -11.15 -33.76 59.38
C LYS B 29 -10.50 -32.38 59.11
N LYS B 30 -10.01 -32.18 57.89
CA LYS B 30 -9.36 -30.92 57.52
C LYS B 30 -10.32 -29.73 57.56
N MET B 31 -9.80 -28.59 58.01
CA MET B 31 -10.52 -27.32 57.99
C MET B 31 -9.77 -26.28 57.17
N ASN B 32 -10.52 -25.52 56.39
CA ASN B 32 -9.98 -24.31 55.77
C ASN B 32 -10.42 -23.05 56.49
N LEU B 33 -9.49 -22.48 57.24
CA LEU B 33 -9.70 -21.21 57.92
C LEU B 33 -8.97 -20.04 57.22
N GLY B 34 -8.76 -20.19 55.91
CA GLY B 34 -8.16 -19.16 55.07
C GLY B 34 -9.13 -18.50 54.11
N VAL B 35 -10.28 -19.13 53.90
CA VAL B 35 -11.34 -18.67 52.97
C VAL B 35 -11.83 -17.23 53.26
N GLY B 36 -11.95 -16.39 52.22
CA GLY B 36 -12.24 -14.97 52.43
C GLY B 36 -13.68 -14.53 52.24
N ALA B 37 -14.62 -15.47 52.39
CA ALA B 37 -16.03 -15.24 52.15
C ALA B 37 -16.85 -16.07 53.11
N TYR B 38 -18.08 -15.64 53.36
CA TYR B 38 -19.01 -16.35 54.23
C TYR B 38 -19.35 -17.77 53.73
N ARG B 39 -19.33 -18.72 54.66
CA ARG B 39 -19.83 -20.08 54.44
C ARG B 39 -20.92 -20.38 55.47
N ASP B 40 -21.89 -21.23 55.13
CA ASP B 40 -22.97 -21.63 56.06
C ASP B 40 -22.50 -22.71 57.07
N ASP B 41 -23.42 -23.25 57.87
CA ASP B 41 -22.98 -24.19 58.92
C ASP B 41 -22.35 -25.45 58.36
N ASN B 42 -22.56 -25.68 57.06
CA ASN B 42 -21.94 -26.78 56.33
C ASN B 42 -20.73 -26.40 55.49
N GLY B 43 -20.25 -25.18 55.61
CA GLY B 43 -19.12 -24.73 54.79
C GLY B 43 -19.39 -24.52 53.31
N LYS B 44 -20.65 -24.37 52.92
CA LYS B 44 -21.01 -24.06 51.54
C LYS B 44 -21.17 -22.53 51.35
N PRO B 45 -21.04 -22.04 50.10
CA PRO B 45 -21.42 -20.63 49.81
C PRO B 45 -22.90 -20.38 49.98
N TYR B 46 -23.23 -19.17 50.40
CA TYR B 46 -24.58 -18.82 50.77
C TYR B 46 -25.11 -17.63 49.97
N VAL B 47 -26.11 -17.90 49.11
CA VAL B 47 -26.78 -16.84 48.35
C VAL B 47 -28.05 -16.45 49.09
N LEU B 48 -28.05 -15.26 49.68
CA LEU B 48 -29.23 -14.74 50.44
C LEU B 48 -30.54 -14.85 49.68
N PRO B 49 -31.59 -15.38 50.34
CA PRO B 49 -32.88 -15.53 49.64
C PRO B 49 -33.48 -14.18 49.18
N SER B 50 -33.22 -13.08 49.90
CA SER B 50 -33.68 -11.74 49.45
C SER B 50 -33.04 -11.33 48.14
N VAL B 51 -31.77 -11.73 47.96
CA VAL B 51 -31.07 -11.60 46.70
C VAL B 51 -31.73 -12.43 45.60
N ARG B 52 -32.03 -13.71 45.90
CA ARG B 52 -32.74 -14.58 44.94
C ARG B 52 -34.08 -13.99 44.49
N LYS B 53 -34.77 -13.38 45.45
CA LYS B 53 -36.07 -12.78 45.23
C LYS B 53 -35.95 -11.47 44.43
N ALA B 54 -34.91 -10.70 44.72
CA ALA B 54 -34.61 -9.53 43.91
C ALA B 54 -34.40 -9.91 42.45
N GLU B 55 -33.60 -10.95 42.20
CA GLU B 55 -33.32 -11.45 40.83
C GLU B 55 -34.57 -11.85 40.08
N ALA B 56 -35.47 -12.51 40.80
CA ALA B 56 -36.78 -12.90 40.31
C ALA B 56 -37.56 -11.67 39.83
N GLN B 57 -37.75 -10.69 40.71
CA GLN B 57 -38.41 -9.43 40.34
C GLN B 57 -37.73 -8.70 39.15
N ILE B 58 -36.40 -8.72 39.13
CA ILE B 58 -35.64 -8.02 38.10
C ILE B 58 -35.91 -8.67 36.76
N ALA B 59 -35.81 -10.00 36.73
CA ALA B 59 -36.01 -10.81 35.52
C ALA B 59 -37.41 -10.58 34.94
N ALA B 60 -38.40 -10.53 35.84
CA ALA B 60 -39.78 -10.25 35.48
C ALA B 60 -39.92 -8.91 34.76
N LYS B 61 -39.12 -7.91 35.15
CA LYS B 61 -39.20 -6.59 34.53
C LYS B 61 -38.66 -6.61 33.08
N ASN B 62 -37.93 -7.67 32.73
CA ASN B 62 -37.36 -7.81 31.40
C ASN B 62 -36.55 -6.58 30.90
N LEU B 63 -35.57 -6.18 31.70
CA LEU B 63 -34.88 -4.90 31.57
C LEU B 63 -33.83 -4.94 30.46
N ASP B 64 -33.38 -3.77 29.99
CA ASP B 64 -32.31 -3.72 28.98
C ASP B 64 -30.93 -3.84 29.63
N LYS B 65 -29.86 -3.78 28.84
CA LYS B 65 -28.48 -3.93 29.34
C LYS B 65 -27.64 -2.76 28.88
N GLU B 66 -28.27 -1.60 28.79
CA GLU B 66 -27.56 -0.41 28.29
C GLU B 66 -26.55 0.12 29.32
N TYR B 67 -25.53 0.84 28.88
CA TYR B 67 -24.59 1.47 29.81
C TYR B 67 -25.27 2.26 30.92
N LEU B 68 -24.70 2.17 32.13
CA LEU B 68 -25.00 3.10 33.22
C LEU B 68 -24.31 4.47 33.03
N PRO B 69 -24.83 5.54 33.69
CA PRO B 69 -23.95 6.71 33.75
C PRO B 69 -22.61 6.33 34.39
N ILE B 70 -21.61 7.17 34.16
CA ILE B 70 -20.28 6.97 34.71
C ILE B 70 -20.35 6.70 36.22
N GLY B 71 -21.18 7.44 36.94
CA GLY B 71 -21.31 7.25 38.38
C GLY B 71 -22.26 6.14 38.82
N GLY B 72 -22.81 5.38 37.85
CA GLY B 72 -23.66 4.23 38.16
C GLY B 72 -25.14 4.54 38.29
N LEU B 73 -25.89 3.60 38.87
CA LEU B 73 -27.35 3.65 38.93
C LEU B 73 -27.75 4.64 40.01
N ALA B 74 -28.36 5.75 39.61
CA ALA B 74 -28.69 6.82 40.53
C ALA B 74 -29.40 6.28 41.78
N GLU B 75 -30.42 5.44 41.59
CA GLU B 75 -31.21 4.96 42.72
C GLU B 75 -30.39 4.06 43.66
N PHE B 76 -29.41 3.31 43.13
CA PHE B 76 -28.50 2.55 44.00
C PHE B 76 -27.59 3.49 44.80
N CYS B 77 -27.18 4.59 44.18
CA CYS B 77 -26.31 5.55 44.85
C CYS B 77 -27.03 6.18 46.06
N LYS B 78 -28.25 6.66 45.83
CA LYS B 78 -29.10 7.24 46.85
C LYS B 78 -29.38 6.22 47.98
N ALA B 79 -29.89 5.04 47.65
CA ALA B 79 -30.12 4.00 48.68
C ALA B 79 -28.87 3.66 49.52
N SER B 80 -27.73 3.54 48.83
CA SER B 80 -26.46 3.19 49.45
C SER B 80 -25.97 4.25 50.44
N ALA B 81 -26.11 5.52 50.07
CA ALA B 81 -25.73 6.64 50.95
C ALA B 81 -26.66 6.59 52.16
N GLU B 82 -27.93 6.33 51.88
CA GLU B 82 -28.99 6.18 52.89
C GLU B 82 -28.66 5.05 53.84
N LEU B 83 -28.24 3.90 53.30
CA LEU B 83 -27.87 2.83 54.19
C LEU B 83 -26.71 3.25 55.08
N ALA B 84 -25.75 4.00 54.54
CA ALA B 84 -24.54 4.34 55.31
C ALA B 84 -24.73 5.36 56.42
N LEU B 85 -25.63 6.32 56.23
CA LEU B 85 -25.66 7.49 57.09
C LEU B 85 -26.98 7.61 57.84
N GLY B 86 -27.89 6.70 57.53
CA GLY B 86 -29.24 6.71 58.09
C GLY B 86 -30.11 7.67 57.31
N GLU B 87 -31.38 7.30 57.12
CA GLU B 87 -32.22 7.98 56.15
C GLU B 87 -32.45 9.49 56.38
N ASN B 88 -32.42 9.91 57.63
CA ASN B 88 -32.69 11.31 57.94
C ASN B 88 -31.46 12.09 58.35
N ASN B 89 -30.28 11.58 57.97
CA ASN B 89 -29.06 12.36 58.15
C ASN B 89 -29.16 13.74 57.52
N GLU B 90 -28.82 14.71 58.35
CA GLU B 90 -28.52 16.07 57.98
C GLU B 90 -27.75 16.17 56.61
N VAL B 91 -26.90 15.19 56.32
CA VAL B 91 -26.09 15.25 55.11
C VAL B 91 -26.93 14.97 53.87
N LEU B 92 -27.82 13.99 53.98
CA LEU B 92 -28.69 13.61 52.87
C LEU B 92 -29.79 14.64 52.68
N LYS B 93 -30.21 15.27 53.77
CA LYS B 93 -31.33 16.20 53.69
C LYS B 93 -30.92 17.47 52.97
N SER B 94 -29.70 17.92 53.15
CA SER B 94 -29.22 19.12 52.48
C SER B 94 -28.56 18.89 51.12
N GLY B 95 -28.30 17.63 50.77
CA GLY B 95 -27.63 17.25 49.53
C GLY B 95 -26.14 17.51 49.53
N ARG B 96 -25.48 17.49 50.69
CA ARG B 96 -24.07 17.93 50.69
C ARG B 96 -23.12 16.76 50.60
N PHE B 97 -23.38 15.87 49.65
CA PHE B 97 -22.55 14.67 49.49
C PHE B 97 -22.61 14.29 48.01
N VAL B 98 -21.63 13.53 47.54
CA VAL B 98 -21.81 12.80 46.29
C VAL B 98 -21.50 11.33 46.53
N THR B 99 -22.32 10.43 46.02
CA THR B 99 -22.04 9.00 46.06
C THR B 99 -21.96 8.46 44.61
N VAL B 100 -20.84 7.82 44.26
CA VAL B 100 -20.74 7.10 42.99
C VAL B 100 -20.67 5.58 43.19
N GLN B 101 -21.34 4.83 42.32
CA GLN B 101 -21.22 3.36 42.27
C GLN B 101 -19.81 2.94 41.86
N THR B 102 -19.25 1.89 42.44
CA THR B 102 -17.88 1.53 42.12
C THR B 102 -17.75 0.03 41.94
N ILE B 103 -16.55 -0.43 41.59
CA ILE B 103 -16.36 -1.87 41.34
C ILE B 103 -16.06 -2.50 42.67
N SER B 104 -17.13 -2.75 43.42
CA SER B 104 -17.07 -3.15 44.83
C SER B 104 -16.25 -2.17 45.68
N GLY B 105 -15.77 -2.66 46.83
CA GLY B 105 -15.11 -1.80 47.81
C GLY B 105 -13.71 -1.50 47.35
N THR B 106 -13.03 -2.50 46.79
CA THR B 106 -11.74 -2.21 46.13
C THR B 106 -11.81 -1.04 45.11
N GLY B 107 -12.78 -1.06 44.19
CA GLY B 107 -12.90 0.04 43.23
C GLY B 107 -13.16 1.38 43.90
N ALA B 108 -13.89 1.38 45.02
CA ALA B 108 -14.14 2.59 45.81
C ALA B 108 -12.86 3.09 46.43
N LEU B 109 -12.06 2.16 46.98
CA LEU B 109 -10.72 2.47 47.48
C LEU B 109 -9.87 3.12 46.39
N ARG B 110 -9.84 2.53 45.20
CA ARG B 110 -8.94 3.02 44.15
C ARG B 110 -9.41 4.33 43.59
N VAL B 111 -10.71 4.47 43.41
CA VAL B 111 -11.28 5.74 42.93
C VAL B 111 -10.99 6.84 43.98
N GLY B 112 -11.29 6.54 45.24
CA GLY B 112 -10.89 7.38 46.38
C GLY B 112 -9.42 7.78 46.38
N ALA B 113 -8.53 6.81 46.24
CA ALA B 113 -7.07 7.10 46.21
C ALA B 113 -6.70 8.06 45.08
N SER B 114 -7.31 7.79 43.92
CA SER B 114 -6.97 8.51 42.69
C SER B 114 -7.47 9.95 42.86
N PHE B 115 -8.56 10.11 43.59
CA PHE B 115 -9.09 11.43 43.86
C PHE B 115 -8.20 12.24 44.81
N LEU B 116 -7.67 11.60 45.85
CA LEU B 116 -6.68 12.26 46.73
C LEU B 116 -5.42 12.66 45.96
N GLN B 117 -4.92 11.72 45.17
CA GLN B 117 -3.70 11.98 44.39
C GLN B 117 -3.91 13.26 43.61
N ARG B 118 -5.08 13.39 42.99
CA ARG B 118 -5.28 14.54 42.11
C ARG B 118 -5.63 15.81 42.87
N PHE B 119 -6.48 15.73 43.89
CA PHE B 119 -7.03 16.94 44.50
C PHE B 119 -6.65 17.26 45.97
N PHE B 120 -6.13 16.28 46.71
CA PHE B 120 -5.65 16.54 48.08
C PHE B 120 -4.22 17.10 48.03
N LYS B 121 -4.12 18.40 47.81
CA LYS B 121 -2.84 19.05 47.58
C LYS B 121 -2.02 19.12 48.88
N PHE B 122 -2.73 19.07 50.02
CA PHE B 122 -2.13 19.25 51.36
C PHE B 122 -1.06 18.24 51.78
N SER B 123 -1.13 17.00 51.25
CA SER B 123 -0.23 15.94 51.70
C SER B 123 -0.21 14.79 50.71
N ARG B 124 0.88 14.03 50.69
CA ARG B 124 0.90 12.77 49.94
C ARG B 124 0.63 11.55 50.83
N ASP B 125 0.60 11.75 52.15
CA ASP B 125 0.60 10.63 53.11
C ASP B 125 -0.77 10.09 53.48
N VAL B 126 -0.86 8.75 53.49
CA VAL B 126 -2.06 8.04 53.92
C VAL B 126 -1.64 7.10 55.07
N PHE B 127 -2.29 7.28 56.20
CA PHE B 127 -1.95 6.56 57.39
C PHE B 127 -2.87 5.39 57.53
N LEU B 128 -2.27 4.20 57.48
CA LEU B 128 -2.96 2.93 57.72
C LEU B 128 -2.69 2.43 59.13
N PRO B 129 -3.71 1.78 59.74
CA PRO B 129 -3.55 1.06 61.00
C PRO B 129 -2.47 -0.01 60.82
N LYS B 130 -1.77 -0.33 61.91
CA LYS B 130 -0.78 -1.39 61.88
C LYS B 130 -1.42 -2.59 62.56
N PRO B 131 -1.82 -3.63 61.80
CA PRO B 131 -1.76 -3.83 60.34
C PRO B 131 -3.04 -3.36 59.67
N SER B 132 -3.07 -3.41 58.34
CA SER B 132 -4.33 -3.20 57.63
C SER B 132 -4.65 -4.30 56.61
N TRP B 133 -5.77 -4.15 55.91
CA TRP B 133 -5.99 -4.98 54.72
C TRP B 133 -4.75 -4.86 53.82
N GLY B 134 -4.21 -6.01 53.39
CA GLY B 134 -3.01 -6.04 52.51
C GLY B 134 -3.13 -5.13 51.29
N ASN B 135 -4.21 -5.32 50.54
CA ASN B 135 -4.47 -4.55 49.33
C ASN B 135 -4.52 -3.04 49.53
N HIS B 136 -4.69 -2.58 50.77
CA HIS B 136 -4.72 -1.15 51.01
C HIS B 136 -3.42 -0.56 50.55
N THR B 137 -2.32 -1.28 50.77
CA THR B 137 -0.99 -0.73 50.47
C THR B 137 -0.79 -0.50 48.95
N PRO B 138 -0.88 -1.58 48.12
CA PRO B 138 -0.70 -1.30 46.67
C PRO B 138 -1.78 -0.40 46.03
N ILE B 139 -3.02 -0.48 46.49
CA ILE B 139 -4.03 0.48 45.99
C ILE B 139 -3.56 1.95 46.09
N PHE B 140 -3.12 2.37 47.28
CA PHE B 140 -2.69 3.75 47.45
C PHE B 140 -1.33 4.07 46.74
N ARG B 141 -0.44 3.09 46.65
CA ARG B 141 0.85 3.30 46.03
C ARG B 141 0.71 3.40 44.50
N ASP B 142 -0.05 2.47 43.92
CA ASP B 142 -0.23 2.43 42.50
C ASP B 142 -0.92 3.68 42.06
N ALA B 143 -1.82 4.19 42.93
CA ALA B 143 -2.50 5.44 42.69
C ALA B 143 -1.65 6.67 42.90
N GLY B 144 -0.46 6.52 43.47
CA GLY B 144 0.46 7.63 43.61
C GLY B 144 0.61 8.35 44.95
N MET B 145 0.10 7.74 46.02
CA MET B 145 0.16 8.30 47.36
C MET B 145 1.30 7.65 48.16
N GLN B 146 1.69 8.27 49.29
CA GLN B 146 2.68 7.66 50.18
C GLN B 146 1.96 6.93 51.29
N LEU B 147 2.45 5.77 51.67
CA LEU B 147 1.85 5.06 52.82
C LEU B 147 2.60 5.34 54.14
N GLN B 148 1.86 5.41 55.25
CA GLN B 148 2.43 5.47 56.60
C GLN B 148 1.61 4.60 57.55
N GLY B 149 2.13 4.42 58.77
CA GLY B 149 1.47 3.65 59.80
C GLY B 149 1.19 4.37 61.13
N TYR B 150 0.12 3.91 61.79
CA TYR B 150 -0.18 4.21 63.18
C TYR B 150 -0.51 2.91 63.88
N ARG B 151 -0.11 2.80 65.15
CA ARG B 151 -0.31 1.62 66.00
C ARG B 151 -1.79 1.34 66.19
N TYR B 152 -2.14 0.07 66.20
CA TYR B 152 -3.54 -0.28 66.29
C TYR B 152 -3.67 -1.58 67.05
N TYR B 153 -3.11 -2.63 66.51
CA TYR B 153 -3.26 -3.93 67.08
C TYR B 153 -2.21 -4.12 68.16
N ASP B 154 -2.67 -4.32 69.39
CA ASP B 154 -1.74 -4.63 70.48
C ASP B 154 -1.51 -6.13 70.58
N PRO B 155 -0.30 -6.61 70.19
CA PRO B 155 -0.14 -8.07 70.26
C PRO B 155 -0.21 -8.58 71.71
N LYS B 156 0.39 -7.88 72.67
CA LYS B 156 0.25 -8.26 74.10
C LYS B 156 -1.19 -8.69 74.51
N THR B 157 -2.22 -7.95 74.09
CA THR B 157 -3.60 -8.27 74.51
C THR B 157 -4.49 -8.92 73.47
N CYS B 158 -4.11 -8.84 72.19
CA CYS B 158 -4.97 -9.25 71.05
C CYS B 158 -6.23 -8.37 70.92
N GLY B 159 -6.08 -7.12 71.34
CA GLY B 159 -7.14 -6.12 71.25
C GLY B 159 -6.55 -4.80 70.87
N PHE B 160 -7.31 -3.73 71.11
CA PHE B 160 -6.96 -2.40 70.63
C PHE B 160 -5.89 -1.76 71.53
N ASP B 161 -4.82 -1.24 70.94
CA ASP B 161 -3.81 -0.47 71.67
C ASP B 161 -4.27 0.97 71.58
N PHE B 162 -5.32 1.25 72.34
CA PHE B 162 -5.95 2.57 72.34
C PHE B 162 -4.93 3.71 72.49
N SER B 163 -4.04 3.55 73.47
CA SER B 163 -3.19 4.66 73.86
C SER B 163 -2.07 4.92 72.84
N GLY B 164 -1.46 3.85 72.31
CA GLY B 164 -0.47 3.96 71.24
C GLY B 164 -1.07 4.55 69.97
N ALA B 165 -2.20 3.98 69.56
CA ALA B 165 -3.07 4.53 68.52
C ALA B 165 -3.22 6.02 68.62
N LEU B 166 -3.54 6.50 69.82
CA LEU B 166 -3.79 7.93 70.08
C LEU B 166 -2.55 8.79 70.04
N GLU B 167 -1.46 8.32 70.63
CA GLU B 167 -0.20 9.05 70.60
C GLU B 167 0.17 9.21 69.11
N ASP B 168 0.12 8.08 68.41
CA ASP B 168 0.44 8.03 66.99
C ASP B 168 -0.40 8.99 66.18
N ILE B 169 -1.72 8.97 66.36
CA ILE B 169 -2.59 9.89 65.63
C ILE B 169 -2.32 11.39 65.89
N SER B 170 -2.08 11.76 67.16
CA SER B 170 -1.71 13.12 67.57
C SER B 170 -0.44 13.61 66.93
N LYS B 171 0.39 12.66 66.50
CA LYS B 171 1.66 12.97 65.87
C LYS B 171 1.62 13.04 64.31
N ILE B 172 0.48 12.69 63.72
CA ILE B 172 0.30 12.83 62.29
C ILE B 172 0.33 14.31 61.89
N PRO B 173 1.24 14.70 60.97
CA PRO B 173 1.21 16.10 60.50
C PRO B 173 -0.22 16.52 60.11
N GLU B 174 -0.57 17.78 60.38
CA GLU B 174 -1.93 18.23 60.12
C GLU B 174 -2.24 18.13 58.61
N GLN B 175 -3.51 17.88 58.28
CA GLN B 175 -3.94 17.76 56.87
C GLN B 175 -3.31 16.57 56.16
N SER B 176 -3.07 15.49 56.89
CA SER B 176 -2.72 14.23 56.28
C SER B 176 -4.01 13.42 56.29
N VAL B 177 -4.00 12.30 55.55
CA VAL B 177 -5.16 11.44 55.43
C VAL B 177 -4.97 10.27 56.37
N LEU B 178 -6.05 9.91 57.06
CA LEU B 178 -6.04 8.83 58.01
C LEU B 178 -7.08 7.79 57.59
N LEU B 179 -6.63 6.55 57.34
CA LEU B 179 -7.56 5.54 56.94
C LEU B 179 -8.13 4.78 58.14
N LEU B 180 -9.45 4.63 58.19
CA LEU B 180 -10.07 3.93 59.30
C LEU B 180 -11.06 2.87 58.83
N HIS B 181 -10.97 1.68 59.45
CA HIS B 181 -11.96 0.63 59.26
C HIS B 181 -13.13 0.99 60.12
N ALA B 182 -14.33 1.04 59.55
CA ALA B 182 -15.52 1.58 60.21
C ALA B 182 -16.06 0.65 61.31
N CYS B 183 -15.72 -0.63 61.14
CA CYS B 183 -16.06 -1.74 62.03
C CYS B 183 -15.53 -3.05 61.42
N ALA B 184 -15.44 -4.10 62.22
CA ALA B 184 -14.84 -5.36 61.79
C ALA B 184 -13.53 -5.11 61.07
N HIS B 185 -12.55 -4.63 61.81
CA HIS B 185 -11.23 -4.43 61.25
C HIS B 185 -10.77 -5.72 60.61
N ASN B 186 -10.12 -5.60 59.47
CA ASN B 186 -9.50 -6.73 58.77
C ASN B 186 -7.98 -6.47 58.70
N PRO B 187 -7.15 -7.49 59.01
CA PRO B 187 -7.40 -8.90 59.35
C PRO B 187 -7.71 -9.27 60.82
N THR B 188 -7.48 -8.34 61.78
CA THR B 188 -7.50 -8.68 63.23
C THR B 188 -8.86 -8.90 63.89
N GLY B 189 -9.91 -8.20 63.45
CA GLY B 189 -11.22 -8.27 64.12
C GLY B 189 -11.34 -7.34 65.34
N VAL B 190 -10.30 -6.53 65.57
CA VAL B 190 -10.22 -5.67 66.73
C VAL B 190 -10.71 -4.25 66.38
N ASP B 191 -11.80 -3.84 67.04
CA ASP B 191 -12.40 -2.52 66.81
C ASP B 191 -12.37 -1.63 68.04
N PRO B 192 -12.23 -0.30 67.87
CA PRO B 192 -12.45 0.63 68.99
C PRO B 192 -13.86 0.51 69.60
N ARG B 193 -13.99 0.89 70.88
CA ARG B 193 -15.30 0.95 71.51
C ARG B 193 -15.87 2.36 71.30
N PRO B 194 -17.20 2.53 71.36
CA PRO B 194 -17.75 3.87 71.14
C PRO B 194 -17.03 5.04 71.81
N GLU B 195 -16.61 4.87 73.07
CA GLU B 195 -15.90 5.94 73.77
C GLU B 195 -14.51 6.17 73.19
N GLN B 196 -13.92 5.09 72.65
CA GLN B 196 -12.59 5.17 72.06
C GLN B 196 -12.66 5.99 70.76
N TRP B 197 -13.64 5.65 69.93
CA TRP B 197 -13.99 6.39 68.72
C TRP B 197 -14.09 7.90 68.94
N LYS B 198 -14.89 8.31 69.93
CA LYS B 198 -15.12 9.74 70.21
C LYS B 198 -13.81 10.47 70.41
N GLU B 199 -12.84 9.76 70.97
CA GLU B 199 -11.53 10.36 71.24
C GLU B 199 -10.65 10.48 70.00
N ILE B 200 -10.67 9.45 69.15
CA ILE B 200 -10.04 9.51 67.83
C ILE B 200 -10.69 10.64 67.03
N ALA B 201 -12.03 10.64 67.01
CA ALA B 201 -12.81 11.76 66.44
C ALA B 201 -12.30 13.10 66.93
N SER B 202 -12.10 13.25 68.25
CA SER B 202 -11.59 14.51 68.80
C SER B 202 -10.25 14.94 68.25
N VAL B 203 -9.26 14.07 68.29
CA VAL B 203 -7.95 14.37 67.71
C VAL B 203 -8.07 14.70 66.22
N VAL B 204 -8.89 13.94 65.50
CA VAL B 204 -8.97 14.10 64.07
C VAL B 204 -9.45 15.52 63.75
N LYS B 205 -10.47 15.97 64.46
CA LYS B 205 -10.99 17.31 64.25
C LYS B 205 -9.99 18.34 64.76
N LYS B 206 -9.44 18.10 65.94
CA LYS B 206 -8.43 18.97 66.54
C LYS B 206 -7.27 19.18 65.55
N LYS B 207 -6.54 18.09 65.28
CA LYS B 207 -5.32 18.14 64.48
C LYS B 207 -5.51 18.33 62.96
N ASN B 208 -6.76 18.62 62.55
CA ASN B 208 -7.15 18.93 61.16
C ASN B 208 -6.75 17.87 60.12
N LEU B 209 -7.22 16.65 60.37
CA LEU B 209 -6.93 15.48 59.56
C LEU B 209 -8.12 15.11 58.70
N PHE B 210 -7.80 14.37 57.63
CA PHE B 210 -8.80 13.90 56.69
C PHE B 210 -9.13 12.46 56.94
N ALA B 211 -10.39 12.21 57.26
CA ALA B 211 -10.79 10.86 57.62
C ALA B 211 -11.42 10.10 56.44
N PHE B 212 -10.68 9.08 56.03
CA PHE B 212 -11.05 8.17 54.97
C PHE B 212 -11.52 6.89 55.63
N PHE B 213 -12.81 6.58 55.49
CA PHE B 213 -13.37 5.38 56.07
C PHE B 213 -13.49 4.23 55.08
N ASP B 214 -13.09 3.05 55.52
CA ASP B 214 -13.35 1.88 54.73
C ASP B 214 -14.37 1.07 55.52
N MET B 215 -15.56 0.90 54.91
CA MET B 215 -16.67 0.19 55.55
C MET B 215 -17.09 -1.02 54.74
N ALA B 216 -16.40 -2.15 54.92
CA ALA B 216 -16.73 -3.37 54.17
C ALA B 216 -17.82 -4.22 54.83
N TYR B 217 -18.14 -3.94 56.10
CA TYR B 217 -18.97 -4.87 56.87
C TYR B 217 -20.25 -4.35 57.55
N GLN B 218 -20.79 -3.21 57.11
CA GLN B 218 -21.99 -2.70 57.79
C GLN B 218 -23.04 -3.77 57.86
N GLY B 219 -23.40 -4.14 59.08
CA GLY B 219 -24.48 -5.08 59.33
C GLY B 219 -24.00 -6.51 59.51
N PHE B 220 -23.04 -6.91 58.69
CA PHE B 220 -22.48 -8.25 58.72
C PHE B 220 -21.62 -8.42 59.98
N ALA B 221 -21.09 -7.32 60.46
CA ALA B 221 -20.16 -7.31 61.60
C ALA B 221 -20.86 -7.68 62.91
N SER B 222 -21.95 -6.99 63.23
CA SER B 222 -22.57 -7.16 64.54
C SER B 222 -24.03 -7.60 64.43
N GLY B 223 -24.59 -7.51 63.24
CA GLY B 223 -26.00 -7.84 63.03
C GLY B 223 -26.81 -6.56 63.01
N ASP B 224 -26.20 -5.46 63.48
CA ASP B 224 -26.92 -4.22 63.61
C ASP B 224 -26.31 -3.12 62.72
N GLY B 225 -26.94 -2.87 61.57
CA GLY B 225 -26.49 -1.84 60.63
C GLY B 225 -26.17 -0.48 61.24
N ASP B 226 -27.07 0.04 62.06
CA ASP B 226 -26.82 1.31 62.76
C ASP B 226 -25.62 1.27 63.69
N LYS B 227 -25.39 0.14 64.35
CA LYS B 227 -24.29 0.05 65.32
C LYS B 227 -22.98 0.01 64.58
N ASP B 228 -22.98 -0.76 63.49
CA ASP B 228 -21.82 -0.97 62.67
C ASP B 228 -21.42 0.35 61.96
N ALA B 229 -22.41 1.15 61.57
CA ALA B 229 -22.17 2.47 60.94
C ALA B 229 -21.99 3.63 61.93
N TRP B 230 -21.96 3.32 63.23
CA TRP B 230 -21.98 4.37 64.27
C TRP B 230 -20.79 5.35 64.24
N ALA B 231 -19.56 4.81 64.17
CA ALA B 231 -18.35 5.65 64.15
C ALA B 231 -18.38 6.65 62.97
N VAL B 232 -18.69 6.15 61.79
CA VAL B 232 -18.77 6.98 60.59
C VAL B 232 -19.74 8.15 60.78
N ARG B 233 -20.97 7.84 61.17
CA ARG B 233 -21.99 8.85 61.46
C ARG B 233 -21.52 9.81 62.55
N HIS B 234 -20.85 9.25 63.56
CA HIS B 234 -20.36 10.09 64.65
C HIS B 234 -19.31 11.10 64.19
N PHE B 235 -18.36 10.67 63.35
CA PHE B 235 -17.39 11.65 62.80
C PHE B 235 -18.07 12.83 62.06
N ILE B 236 -19.12 12.52 61.32
CA ILE B 236 -19.84 13.50 60.53
C ILE B 236 -20.56 14.53 61.44
N GLU B 237 -21.25 14.01 62.46
CA GLU B 237 -21.94 14.84 63.43
C GLU B 237 -20.89 15.69 64.19
N GLN B 238 -19.70 15.16 64.39
CA GLN B 238 -18.64 15.98 64.93
C GLN B 238 -18.18 17.09 64.00
N GLY B 239 -18.71 17.12 62.78
CA GLY B 239 -18.29 18.13 61.82
C GLY B 239 -17.09 17.72 60.98
N ILE B 240 -16.80 16.40 60.91
CA ILE B 240 -15.70 15.94 60.07
C ILE B 240 -16.28 15.53 58.71
N ASN B 241 -15.72 16.10 57.64
CA ASN B 241 -16.23 15.81 56.29
C ASN B 241 -15.53 14.60 55.68
N VAL B 242 -16.00 13.42 56.05
CA VAL B 242 -15.41 12.16 55.63
C VAL B 242 -15.60 11.81 54.14
N CYS B 243 -14.79 10.87 53.68
CA CYS B 243 -15.19 10.09 52.53
C CYS B 243 -15.23 8.62 52.96
N LEU B 244 -15.90 7.80 52.17
CA LEU B 244 -16.36 6.51 52.63
C LEU B 244 -16.46 5.48 51.50
N CYS B 245 -15.89 4.29 51.71
CA CYS B 245 -15.97 3.19 50.77
C CYS B 245 -16.88 2.13 51.34
N GLN B 246 -17.95 1.80 50.63
CA GLN B 246 -18.84 0.75 51.03
C GLN B 246 -18.65 -0.40 50.09
N SER B 247 -18.83 -1.60 50.63
CA SER B 247 -18.88 -2.86 49.88
C SER B 247 -20.16 -3.63 50.20
N TYR B 248 -20.75 -4.24 49.18
CA TYR B 248 -21.86 -5.15 49.41
C TYR B 248 -21.44 -6.58 49.16
N ALA B 249 -20.14 -6.83 49.11
CA ALA B 249 -19.68 -8.20 48.82
C ALA B 249 -20.09 -9.17 49.93
N LYS B 250 -19.96 -8.74 51.19
CA LYS B 250 -20.17 -9.63 52.31
C LYS B 250 -21.61 -9.52 52.80
N ASN B 251 -22.03 -8.30 53.14
CA ASN B 251 -23.34 -8.10 53.70
C ASN B 251 -24.53 -8.37 52.76
N MET B 252 -24.27 -8.50 51.45
CA MET B 252 -25.32 -9.03 50.55
C MET B 252 -24.88 -10.30 49.85
N GLY B 253 -23.67 -10.75 50.11
CA GLY B 253 -23.20 -11.98 49.50
C GLY B 253 -22.91 -11.78 48.03
N LEU B 254 -22.72 -10.51 47.63
CA LEU B 254 -22.64 -10.21 46.22
C LEU B 254 -21.21 -10.19 45.64
N TYR B 255 -20.25 -10.70 46.42
CA TYR B 255 -18.84 -10.85 46.05
C TYR B 255 -18.51 -10.60 44.58
N GLY B 256 -18.79 -11.59 43.74
CA GLY B 256 -18.36 -11.55 42.38
C GLY B 256 -19.14 -10.61 41.48
N GLU B 257 -20.18 -9.95 41.99
CA GLU B 257 -20.93 -9.01 41.12
C GLU B 257 -20.31 -7.61 41.19
N ARG B 258 -19.44 -7.41 42.19
CA ARG B 258 -18.66 -6.19 42.41
C ARG B 258 -19.56 -4.96 42.57
N VAL B 259 -20.18 -4.88 43.76
CA VAL B 259 -21.14 -3.83 44.05
C VAL B 259 -20.58 -3.06 45.20
N GLY B 260 -20.26 -1.78 44.93
CA GLY B 260 -19.70 -0.91 45.95
C GLY B 260 -20.10 0.52 45.65
N ALA B 261 -19.79 1.42 46.59
CA ALA B 261 -19.98 2.86 46.35
C ALA B 261 -18.95 3.69 47.07
N PHE B 262 -18.52 4.77 46.45
CA PHE B 262 -17.61 5.69 47.11
C PHE B 262 -18.38 6.97 47.38
N THR B 263 -18.28 7.50 48.60
CA THR B 263 -19.03 8.71 48.98
C THR B 263 -18.11 9.83 49.48
N VAL B 264 -18.42 11.06 49.12
CA VAL B 264 -17.68 12.21 49.67
C VAL B 264 -18.67 13.20 50.29
N VAL B 265 -18.54 13.40 51.60
CA VAL B 265 -19.36 14.38 52.31
C VAL B 265 -18.66 15.69 52.16
N CYS B 266 -19.46 16.71 51.80
CA CYS B 266 -18.93 18.04 51.43
C CYS B 266 -19.59 19.16 52.25
N LYS B 267 -19.03 20.36 52.15
CA LYS B 267 -19.54 21.47 52.91
C LYS B 267 -20.95 21.82 52.41
N ASP B 268 -21.15 21.76 51.10
CA ASP B 268 -22.46 22.06 50.51
C ASP B 268 -22.73 21.28 49.20
N ALA B 269 -23.94 21.43 48.67
CA ALA B 269 -24.35 20.81 47.43
C ALA B 269 -23.48 21.28 46.25
N GLU B 270 -23.17 22.58 46.19
CA GLU B 270 -22.37 23.10 45.06
C GLU B 270 -20.98 22.47 45.01
N GLU B 271 -20.45 22.15 46.19
CA GLU B 271 -19.13 21.54 46.27
C GLU B 271 -19.20 20.11 45.81
N ALA B 272 -20.25 19.43 46.25
CA ALA B 272 -20.51 18.06 45.84
C ALA B 272 -20.60 17.94 44.29
N LYS B 273 -21.24 18.91 43.62
CA LYS B 273 -21.31 18.93 42.15
C LYS B 273 -19.92 19.09 41.51
N ARG B 274 -19.12 20.00 42.04
CA ARG B 274 -17.74 20.12 41.61
C ARG B 274 -16.95 18.82 41.82
N VAL B 275 -17.05 18.21 43.00
CA VAL B 275 -16.33 16.95 43.30
C VAL B 275 -16.85 15.81 42.41
N GLU B 276 -18.17 15.76 42.25
CA GLU B 276 -18.79 14.73 41.48
C GLU B 276 -18.20 14.71 40.04
N SER B 277 -18.19 15.89 39.40
CA SER B 277 -17.69 16.00 38.04
C SER B 277 -16.25 15.48 37.92
N GLN B 278 -15.45 15.68 38.96
CA GLN B 278 -14.05 15.20 38.89
C GLN B 278 -13.89 13.72 39.17
N LEU B 279 -14.78 13.13 39.98
CA LEU B 279 -14.81 11.68 40.14
C LEU B 279 -15.15 11.02 38.79
N LYS B 280 -16.07 11.63 38.04
CA LYS B 280 -16.47 11.11 36.72
C LYS B 280 -15.28 11.16 35.75
N ILE B 281 -14.53 12.25 35.81
CA ILE B 281 -13.35 12.42 35.01
C ILE B 281 -12.28 11.41 35.36
N LEU B 282 -12.22 10.93 36.59
CA LEU B 282 -11.22 9.90 36.96
C LEU B 282 -11.72 8.50 36.61
N ILE B 283 -13.03 8.27 36.83
CA ILE B 283 -13.63 7.00 36.55
C ILE B 283 -13.62 6.58 35.05
N ARG B 284 -13.93 7.49 34.14
CA ARG B 284 -13.98 7.18 32.75
C ARG B 284 -12.75 6.50 32.20
N PRO B 285 -11.59 6.99 32.55
CA PRO B 285 -10.38 6.33 32.07
C PRO B 285 -9.96 5.11 32.87
N LEU B 286 -10.72 4.72 33.89
CA LEU B 286 -10.47 3.45 34.58
C LEU B 286 -11.27 2.33 33.94
N TYR B 287 -12.57 2.52 33.75
CA TYR B 287 -13.38 1.46 33.19
C TYR B 287 -14.65 1.98 32.55
N SER B 288 -14.72 3.30 32.31
CA SER B 288 -15.92 3.99 31.73
C SER B 288 -17.17 4.03 32.59
N ASN B 289 -17.72 2.86 32.89
CA ASN B 289 -18.98 2.83 33.61
C ASN B 289 -19.14 1.49 34.34
N PRO B 290 -19.83 1.48 35.49
CA PRO B 290 -19.80 0.29 36.35
C PRO B 290 -20.83 -0.77 35.93
N PRO B 291 -20.66 -2.02 36.40
CA PRO B 291 -21.63 -3.08 35.97
C PRO B 291 -23.07 -2.99 36.55
N LEU B 292 -24.05 -3.41 35.75
CA LEU B 292 -25.49 -3.35 36.05
C LEU B 292 -26.02 -4.37 37.07
N ASN B 293 -25.54 -5.60 37.00
CA ASN B 293 -26.25 -6.70 37.67
C ASN B 293 -26.37 -6.54 39.19
N GLY B 294 -25.23 -6.38 39.86
CA GLY B 294 -25.18 -6.26 41.31
C GLY B 294 -25.98 -5.07 41.80
N ALA B 295 -25.63 -3.89 41.30
CA ALA B 295 -26.36 -2.67 41.60
C ALA B 295 -27.87 -2.76 41.39
N ARG B 296 -28.34 -3.56 40.46
CA ARG B 296 -29.78 -3.69 40.27
C ARG B 296 -30.36 -4.51 41.41
N ILE B 297 -29.69 -5.61 41.73
CA ILE B 297 -30.02 -6.39 42.89
C ILE B 297 -30.07 -5.56 44.20
N ALA B 298 -28.97 -4.88 44.53
CA ALA B 298 -28.85 -4.06 45.76
C ALA B 298 -29.87 -2.92 45.79
N ALA B 299 -30.11 -2.29 44.64
CA ALA B 299 -31.09 -1.22 44.62
C ALA B 299 -32.50 -1.76 44.93
N THR B 300 -32.82 -2.90 44.32
CA THR B 300 -34.11 -3.53 44.45
C THR B 300 -34.35 -3.89 45.93
N ILE B 301 -33.35 -4.46 46.58
CA ILE B 301 -33.47 -4.84 47.98
C ILE B 301 -33.68 -3.59 48.84
N LEU B 302 -32.78 -2.62 48.69
CA LEU B 302 -32.78 -1.45 49.56
C LEU B 302 -34.03 -0.57 49.46
N THR B 303 -34.65 -0.52 48.28
CA THR B 303 -35.80 0.39 48.04
C THR B 303 -37.17 -0.32 48.18
N SER B 304 -37.15 -1.55 48.66
CA SER B 304 -38.38 -2.29 48.92
C SER B 304 -38.48 -2.59 50.42
N PRO B 305 -39.36 -1.88 51.15
CA PRO B 305 -39.44 -2.01 52.63
C PRO B 305 -39.47 -3.47 53.11
N ASP B 306 -40.25 -4.29 52.41
CA ASP B 306 -40.34 -5.70 52.69
C ASP B 306 -39.00 -6.38 52.50
N LEU B 307 -38.49 -6.38 51.27
CA LEU B 307 -37.21 -7.02 50.97
C LEU B 307 -36.08 -6.50 51.84
N ARG B 308 -36.13 -5.21 52.13
CA ARG B 308 -35.05 -4.58 52.88
C ARG B 308 -34.99 -5.20 54.27
N LYS B 309 -36.17 -5.36 54.88
CA LYS B 309 -36.38 -5.90 56.21
C LYS B 309 -35.94 -7.34 56.25
N GLN B 310 -36.32 -8.10 55.23
CA GLN B 310 -35.96 -9.50 55.12
C GLN B 310 -34.47 -9.69 54.95
N TRP B 311 -33.84 -8.82 54.16
CA TRP B 311 -32.39 -8.89 53.92
C TRP B 311 -31.65 -8.59 55.20
N LEU B 312 -32.14 -7.57 55.90
CA LEU B 312 -31.58 -7.14 57.15
C LEU B 312 -31.64 -8.25 58.18
N GLN B 313 -32.63 -9.12 58.13
CA GLN B 313 -32.58 -10.22 59.09
C GLN B 313 -31.70 -11.37 58.62
N GLU B 314 -31.62 -11.57 57.30
CA GLU B 314 -30.67 -12.53 56.74
C GLU B 314 -29.21 -12.16 57.10
N VAL B 315 -28.94 -10.86 57.26
CA VAL B 315 -27.60 -10.39 57.62
C VAL B 315 -27.29 -10.72 59.06
N LYS B 316 -28.28 -10.52 59.91
CA LYS B 316 -28.21 -10.81 61.34
C LYS B 316 -27.87 -12.28 61.59
N GLY B 317 -28.49 -13.17 60.82
CA GLY B 317 -28.20 -14.59 60.90
C GLY B 317 -26.78 -14.91 60.48
N MET B 318 -26.25 -14.14 59.54
CA MET B 318 -24.86 -14.39 59.18
C MET B 318 -23.96 -13.87 60.27
N ALA B 319 -24.21 -12.64 60.69
CA ALA B 319 -23.47 -12.04 61.79
C ALA B 319 -23.55 -12.96 63.01
N ASP B 320 -24.75 -13.47 63.29
CA ASP B 320 -24.96 -14.34 64.44
C ASP B 320 -24.19 -15.64 64.35
N ARG B 321 -24.32 -16.35 63.22
CA ARG B 321 -23.62 -17.63 63.04
C ARG B 321 -22.14 -17.47 63.34
N ILE B 322 -21.57 -16.34 62.92
CA ILE B 322 -20.17 -16.00 63.17
C ILE B 322 -19.93 -15.83 64.68
N ILE B 323 -20.76 -15.03 65.33
CA ILE B 323 -20.68 -14.74 66.78
C ILE B 323 -20.79 -16.04 67.61
N SER B 324 -21.84 -16.81 67.32
CA SER B 324 -21.98 -18.19 67.77
C SER B 324 -20.65 -18.99 67.66
N MET B 325 -19.98 -18.93 66.52
CA MET B 325 -18.71 -19.66 66.38
C MET B 325 -17.60 -19.15 67.28
N ARG B 326 -17.55 -17.83 67.44
CA ARG B 326 -16.62 -17.18 68.34
C ARG B 326 -16.85 -17.62 69.78
N THR B 327 -18.11 -17.52 70.24
CA THR B 327 -18.45 -17.90 71.61
C THR B 327 -18.21 -19.41 71.83
N GLN B 328 -18.77 -20.25 70.96
CA GLN B 328 -18.50 -21.71 70.97
C GLN B 328 -17.02 -22.15 70.88
N LEU B 329 -16.16 -21.36 70.25
CA LEU B 329 -14.73 -21.73 70.23
C LEU B 329 -14.08 -21.57 71.62
N VAL B 330 -14.28 -20.41 72.26
CA VAL B 330 -13.80 -20.13 73.62
C VAL B 330 -14.32 -21.20 74.60
N SER B 331 -15.62 -21.47 74.50
CA SER B 331 -16.32 -22.47 75.29
C SER B 331 -15.52 -23.76 75.30
N ASN B 332 -15.36 -24.31 74.10
CA ASN B 332 -14.73 -25.60 73.90
C ASN B 332 -13.25 -25.56 74.19
N LEU B 333 -12.67 -24.37 74.27
CA LEU B 333 -11.28 -24.25 74.66
C LEU B 333 -11.11 -24.40 76.18
N LYS B 334 -12.06 -23.83 76.92
CA LYS B 334 -12.21 -24.07 78.35
C LYS B 334 -12.49 -25.54 78.65
N LYS B 335 -13.63 -26.02 78.12
CA LYS B 335 -14.09 -27.42 78.22
C LYS B 335 -12.92 -28.42 77.97
N GLU B 336 -11.86 -27.97 77.30
CA GLU B 336 -10.70 -28.82 76.98
C GLU B 336 -9.53 -28.69 77.94
N GLY B 337 -9.59 -27.68 78.79
CA GLY B 337 -8.66 -27.54 79.88
C GLY B 337 -7.68 -26.41 79.74
N SER B 338 -7.81 -25.61 78.67
CA SER B 338 -6.84 -24.55 78.36
C SER B 338 -6.77 -23.53 79.47
N SER B 339 -5.59 -22.93 79.64
CA SER B 339 -5.32 -22.02 80.73
C SER B 339 -5.29 -20.52 80.34
N HIS B 340 -4.84 -20.21 79.11
CA HIS B 340 -4.63 -18.80 78.68
C HIS B 340 -5.95 -18.08 78.43
N ASN B 341 -5.90 -16.75 78.51
CA ASN B 341 -7.08 -15.88 78.31
C ASN B 341 -7.55 -15.81 76.84
N TRP B 342 -8.70 -16.43 76.56
CA TRP B 342 -9.25 -16.47 75.20
C TRP B 342 -10.39 -15.48 74.95
N GLN B 343 -10.57 -14.48 75.84
CA GLN B 343 -11.69 -13.54 75.70
C GLN B 343 -11.57 -12.64 74.44
N HIS B 344 -10.34 -12.51 73.91
CA HIS B 344 -10.10 -11.73 72.69
C HIS B 344 -10.83 -12.29 71.46
N ILE B 345 -11.01 -13.60 71.43
CA ILE B 345 -11.73 -14.29 70.35
C ILE B 345 -13.21 -13.90 70.29
N THR B 346 -13.75 -13.37 71.38
CA THR B 346 -15.17 -12.97 71.43
C THR B 346 -15.34 -11.45 71.60
N ASP B 347 -14.28 -10.79 72.04
CA ASP B 347 -14.19 -9.31 71.99
C ASP B 347 -14.07 -8.83 70.55
N GLN B 348 -13.45 -9.62 69.68
CA GLN B 348 -13.32 -9.27 68.27
C GLN B 348 -14.63 -9.34 67.49
N ILE B 349 -14.69 -8.55 66.43
CA ILE B 349 -15.90 -8.39 65.65
C ILE B 349 -15.63 -8.77 64.19
N GLY B 350 -16.60 -9.47 63.61
CA GLY B 350 -16.58 -9.75 62.18
C GLY B 350 -15.95 -11.09 61.91
N MET B 351 -15.62 -11.36 60.66
CA MET B 351 -15.24 -12.73 60.30
C MET B 351 -13.75 -13.06 60.40
N PHE B 352 -12.92 -12.06 60.66
CA PHE B 352 -11.51 -12.35 60.83
C PHE B 352 -11.08 -12.24 62.28
N CYS B 353 -10.31 -13.25 62.70
CA CYS B 353 -9.83 -13.32 64.07
C CYS B 353 -8.33 -13.49 64.13
N PHE B 354 -7.65 -12.52 64.73
CA PHE B 354 -6.27 -12.70 65.12
C PHE B 354 -6.23 -13.54 66.41
N THR B 355 -5.74 -14.77 66.29
CA THR B 355 -5.82 -15.73 67.39
C THR B 355 -4.78 -15.56 68.50
N GLY B 356 -3.62 -14.97 68.19
CA GLY B 356 -2.50 -14.97 69.13
C GLY B 356 -1.49 -16.05 68.77
N LEU B 357 -1.95 -17.14 68.17
CA LEU B 357 -1.06 -18.18 67.66
C LEU B 357 0.16 -17.62 66.95
N LYS B 358 1.33 -18.11 67.32
CA LYS B 358 2.56 -17.81 66.64
C LYS B 358 2.72 -18.80 65.56
N PRO B 359 3.69 -18.55 64.71
CA PRO B 359 3.87 -19.23 63.45
C PRO B 359 4.16 -20.68 63.57
N GLU B 360 5.01 -21.06 64.51
CA GLU B 360 5.32 -22.50 64.72
C GLU B 360 4.09 -23.30 65.12
N GLN B 361 3.30 -22.72 66.04
CA GLN B 361 2.04 -23.31 66.47
C GLN B 361 1.09 -23.42 65.26
N VAL B 362 1.08 -22.38 64.42
CA VAL B 362 0.30 -22.42 63.17
C VAL B 362 0.74 -23.61 62.30
N GLU B 363 2.06 -23.78 62.14
CA GLU B 363 2.65 -24.87 61.34
C GLU B 363 2.31 -26.26 61.88
N ARG B 364 2.29 -26.40 63.21
CA ARG B 364 1.92 -27.68 63.82
C ARG B 364 0.44 -27.97 63.62
N LEU B 365 -0.38 -26.92 63.64
CA LEU B 365 -1.81 -27.07 63.36
C LEU B 365 -2.05 -27.58 61.95
N THR B 366 -1.21 -27.13 61.02
CA THR B 366 -1.28 -27.62 59.65
C THR B 366 -0.77 -29.07 59.60
N LYS B 367 0.46 -29.31 60.06
CA LYS B 367 1.10 -30.65 60.05
C LYS B 367 0.27 -31.76 60.71
N GLU B 368 0.10 -31.64 62.02
CA GLU B 368 -0.47 -32.70 62.87
C GLU B 368 -1.99 -32.78 62.78
N PHE B 369 -2.64 -31.65 62.48
CA PHE B 369 -4.10 -31.53 62.66
C PHE B 369 -4.94 -31.19 61.44
N SER B 370 -4.28 -30.82 60.33
CA SER B 370 -4.96 -30.34 59.11
C SER B 370 -5.87 -29.10 59.30
N VAL B 371 -5.42 -28.14 60.12
CA VAL B 371 -6.11 -26.85 60.21
C VAL B 371 -5.29 -25.81 59.47
N TYR B 372 -5.86 -25.34 58.36
CA TYR B 372 -5.18 -24.44 57.43
C TYR B 372 -5.43 -22.96 57.74
N MET B 373 -4.35 -22.22 57.85
CA MET B 373 -4.44 -20.80 58.21
C MET B 373 -3.10 -20.08 58.03
N THR B 374 -3.18 -18.78 57.77
CA THR B 374 -2.01 -17.93 57.61
C THR B 374 -1.14 -17.83 58.88
N LYS B 375 0.18 -17.79 58.65
CA LYS B 375 1.22 -17.80 59.70
C LYS B 375 1.05 -16.66 60.71
N ASP B 376 0.18 -15.71 60.40
CA ASP B 376 0.00 -14.53 61.25
C ASP B 376 -1.00 -14.76 62.39
N GLY B 377 -1.58 -15.97 62.41
CA GLY B 377 -2.54 -16.35 63.42
C GLY B 377 -3.96 -15.92 63.09
N ARG B 378 -4.17 -15.43 61.87
CA ARG B 378 -5.52 -15.07 61.40
C ARG B 378 -6.32 -16.30 60.98
N ILE B 379 -7.56 -16.38 61.43
CA ILE B 379 -8.46 -17.39 60.91
C ILE B 379 -9.72 -16.78 60.28
N SER B 380 -10.32 -17.48 59.32
CA SER B 380 -11.66 -17.12 58.86
C SER B 380 -12.67 -17.78 59.82
N VAL B 381 -13.28 -16.98 60.68
CA VAL B 381 -14.32 -17.50 61.57
C VAL B 381 -15.41 -18.19 60.73
N ALA B 382 -15.59 -17.74 59.48
CA ALA B 382 -16.51 -18.39 58.52
C ALA B 382 -16.15 -19.87 58.19
N GLY B 383 -14.92 -20.30 58.49
CA GLY B 383 -14.53 -21.70 58.29
C GLY B 383 -14.99 -22.63 59.42
N VAL B 384 -15.24 -22.05 60.59
CA VAL B 384 -15.73 -22.79 61.76
C VAL B 384 -17.20 -23.22 61.57
N THR B 385 -17.49 -24.49 61.82
CA THR B 385 -18.87 -24.94 61.80
C THR B 385 -19.22 -25.42 63.20
N SER B 386 -20.50 -25.68 63.44
CA SER B 386 -20.90 -26.28 64.71
C SER B 386 -20.36 -27.71 64.72
N GLY B 387 -20.47 -28.36 63.55
CA GLY B 387 -19.82 -29.65 63.29
C GLY B 387 -18.32 -29.75 63.50
N ASN B 388 -17.57 -28.65 63.52
CA ASN B 388 -16.08 -28.79 63.58
C ASN B 388 -15.39 -27.96 64.64
N VAL B 389 -16.18 -27.13 65.31
CA VAL B 389 -15.61 -26.22 66.25
C VAL B 389 -14.97 -27.01 67.40
N GLY B 390 -15.63 -28.11 67.79
CA GLY B 390 -15.13 -28.98 68.84
C GLY B 390 -13.71 -29.42 68.53
N TYR B 391 -13.54 -30.16 67.42
CA TYR B 391 -12.22 -30.52 66.87
C TYR B 391 -11.20 -29.36 66.85
N LEU B 392 -11.62 -28.20 66.39
CA LEU B 392 -10.76 -27.04 66.35
C LEU B 392 -10.26 -26.66 67.77
N ALA B 393 -11.18 -26.57 68.73
CA ALA B 393 -10.77 -26.26 70.10
C ALA B 393 -9.76 -27.28 70.68
N HIS B 394 -9.98 -28.57 70.38
CA HIS B 394 -9.05 -29.63 70.72
C HIS B 394 -7.68 -29.35 70.14
N ALA B 395 -7.63 -29.13 68.83
CA ALA B 395 -6.39 -28.94 68.13
C ALA B 395 -5.60 -27.70 68.62
N ILE B 396 -6.29 -26.58 68.80
CA ILE B 396 -5.66 -25.33 69.27
C ILE B 396 -5.01 -25.52 70.65
N HIS B 397 -5.72 -26.23 71.54
CA HIS B 397 -5.22 -26.55 72.89
C HIS B 397 -3.92 -27.32 72.81
N GLN B 398 -3.88 -28.32 71.93
CA GLN B 398 -2.71 -29.19 71.77
C GLN B 398 -1.44 -28.43 71.45
N VAL B 399 -1.48 -27.55 70.45
CA VAL B 399 -0.31 -26.76 70.12
C VAL B 399 0.01 -25.69 71.18
N THR B 400 -0.90 -25.47 72.13
CA THR B 400 -0.74 -24.38 73.11
C THR B 400 -0.70 -24.79 74.58
N LYS B 401 -0.93 -26.08 74.86
CA LYS B 401 -1.01 -26.55 76.24
C LYS B 401 0.24 -26.21 77.05
N SER C 1 -11.86 18.13 -19.51
CA SER C 1 -10.57 18.23 -20.26
C SER C 1 -9.77 16.92 -20.14
N SER C 2 -8.74 16.77 -20.97
CA SER C 2 -7.88 15.59 -20.94
C SER C 2 -6.48 16.05 -21.33
N TRP C 3 -5.56 15.10 -21.47
CA TRP C 3 -4.16 15.43 -21.74
C TRP C 3 -3.93 16.12 -23.07
N TRP C 4 -4.75 15.77 -24.06
CA TRP C 4 -4.41 16.06 -25.43
C TRP C 4 -5.38 17.02 -26.14
N THR C 5 -6.26 17.61 -25.35
CA THR C 5 -7.19 18.66 -25.79
C THR C 5 -6.56 19.63 -26.78
N HIS C 6 -5.33 20.03 -26.53
CA HIS C 6 -4.64 21.08 -27.27
CA HIS C 6 -4.75 21.08 -27.36
C HIS C 6 -3.88 20.57 -28.51
N VAL C 7 -3.92 19.28 -28.77
CA VAL C 7 -3.11 18.72 -29.86
C VAL C 7 -3.87 18.90 -31.16
N GLU C 8 -3.27 19.61 -32.11
CA GLU C 8 -3.98 19.99 -33.31
C GLU C 8 -3.79 18.96 -34.41
N MET C 9 -4.87 18.73 -35.18
CA MET C 9 -4.82 17.96 -36.44
C MET C 9 -3.72 18.54 -37.34
N GLY C 10 -2.90 17.69 -37.95
CA GLY C 10 -1.78 18.16 -38.76
C GLY C 10 -2.23 18.43 -40.19
N PRO C 11 -1.44 19.17 -40.98
CA PRO C 11 -1.88 19.43 -42.36
C PRO C 11 -2.18 18.16 -43.15
N PRO C 12 -3.04 18.26 -44.18
CA PRO C 12 -3.15 17.05 -45.01
C PRO C 12 -1.90 16.87 -45.91
N ASP C 13 -1.52 15.63 -46.15
CA ASP C 13 -0.39 15.32 -47.00
C ASP C 13 -0.79 15.48 -48.47
N PRO C 14 -0.14 16.40 -49.20
CA PRO C 14 -0.62 16.69 -50.56
C PRO C 14 -0.44 15.50 -51.50
N ILE C 15 0.67 14.78 -51.36
CA ILE C 15 0.97 13.59 -52.17
C ILE C 15 -0.04 12.44 -51.99
N LEU C 16 -0.28 12.05 -50.74
CA LEU C 16 -1.28 11.04 -50.39
C LEU C 16 -2.65 11.48 -50.93
N GLY C 17 -2.84 12.79 -51.07
CA GLY C 17 -4.09 13.36 -51.59
C GLY C 17 -4.26 13.10 -53.09
N VAL C 18 -3.24 13.49 -53.85
CA VAL C 18 -3.16 13.13 -55.28
C VAL C 18 -3.43 11.62 -55.48
N THR C 19 -2.65 10.78 -54.80
CA THR C 19 -2.78 9.33 -54.92
C THR C 19 -4.20 8.81 -54.58
N GLU C 20 -4.83 9.37 -53.56
CA GLU C 20 -6.18 8.93 -53.20
C GLU C 20 -7.24 9.39 -54.20
N ALA C 21 -7.16 10.65 -54.63
CA ALA C 21 -8.04 11.16 -55.69
C ALA C 21 -7.95 10.28 -56.93
N PHE C 22 -6.73 9.90 -57.29
CA PHE C 22 -6.46 8.98 -58.38
C PHE C 22 -7.22 7.64 -58.24
N LYS C 23 -7.19 7.08 -57.04
CA LYS C 23 -7.83 5.79 -56.80
C LYS C 23 -9.34 5.89 -57.05
N ARG C 24 -9.96 6.94 -56.51
CA ARG C 24 -11.40 7.16 -56.62
C ARG C 24 -11.75 7.87 -57.92
N ASP C 25 -11.32 7.30 -59.04
CA ASP C 25 -11.61 7.88 -60.34
C ASP C 25 -11.87 6.77 -61.34
N THR C 26 -13.01 6.89 -62.03
CA THR C 26 -13.52 5.85 -62.91
C THR C 26 -13.05 5.98 -64.36
N ASN C 27 -12.06 6.84 -64.64
CA ASN C 27 -11.51 6.83 -65.98
C ASN C 27 -10.54 5.66 -66.17
N SER C 28 -10.68 4.94 -67.27
CA SER C 28 -9.74 3.87 -67.57
C SER C 28 -8.46 4.40 -68.18
N LYS C 29 -8.42 5.68 -68.55
CA LYS C 29 -7.18 6.27 -69.04
C LYS C 29 -6.33 6.92 -67.92
N LYS C 30 -6.81 6.89 -66.67
CA LYS C 30 -6.19 7.64 -65.55
C LYS C 30 -4.71 7.30 -65.27
N MET C 31 -3.90 8.32 -64.94
CA MET C 31 -2.47 8.10 -64.73
C MET C 31 -2.06 8.55 -63.32
N ASN C 32 -1.31 7.72 -62.60
CA ASN C 32 -0.78 8.18 -61.30
C ASN C 32 0.68 8.54 -61.37
N LEU C 33 0.94 9.83 -61.54
CA LEU C 33 2.31 10.28 -61.66
C LEU C 33 2.79 10.90 -60.33
N GLY C 34 2.11 10.57 -59.24
CA GLY C 34 2.55 10.98 -57.92
C GLY C 34 3.20 9.87 -57.11
N VAL C 35 3.29 8.68 -57.69
CA VAL C 35 3.76 7.46 -57.00
C VAL C 35 5.23 7.55 -56.50
N GLY C 36 5.47 7.13 -55.27
CA GLY C 36 6.76 7.36 -54.64
C GLY C 36 7.80 6.28 -54.94
N ALA C 37 7.39 5.22 -55.63
CA ALA C 37 8.31 4.11 -55.83
C ALA C 37 8.39 3.67 -57.31
N TYR C 38 9.43 2.91 -57.63
CA TYR C 38 9.56 2.35 -58.97
C TYR C 38 8.39 1.42 -59.27
N ARG C 39 7.99 1.45 -60.54
CA ARG C 39 6.90 0.62 -61.10
C ARG C 39 7.36 0.15 -62.46
N ASP C 40 7.06 -1.10 -62.78
CA ASP C 40 7.39 -1.66 -64.10
C ASP C 40 6.39 -1.20 -65.16
N ASP C 41 6.49 -1.76 -66.37
CA ASP C 41 5.71 -1.32 -67.54
C ASP C 41 4.19 -1.58 -67.41
N ASN C 42 3.76 -2.39 -66.45
CA ASN C 42 2.33 -2.51 -66.21
C ASN C 42 1.82 -1.82 -64.93
N GLY C 43 2.54 -0.81 -64.45
CA GLY C 43 2.18 -0.13 -63.19
C GLY C 43 2.33 -0.91 -61.88
N LYS C 44 3.09 -2.01 -61.92
CA LYS C 44 3.19 -2.95 -60.78
C LYS C 44 4.48 -2.77 -59.99
N PRO C 45 4.44 -3.07 -58.67
CA PRO C 45 5.65 -3.14 -57.84
C PRO C 45 6.60 -4.17 -58.39
N TYR C 46 7.90 -3.93 -58.26
CA TYR C 46 8.92 -4.81 -58.82
C TYR C 46 9.88 -5.30 -57.72
N VAL C 47 9.76 -6.58 -57.38
CA VAL C 47 10.72 -7.26 -56.53
C VAL C 47 11.82 -7.86 -57.41
N LEU C 48 13.05 -7.36 -57.28
CA LEU C 48 14.17 -7.79 -58.12
C LEU C 48 14.46 -9.29 -57.95
N PRO C 49 14.65 -10.01 -59.08
CA PRO C 49 14.95 -11.43 -59.00
C PRO C 49 16.23 -11.72 -58.20
N SER C 50 17.20 -10.81 -58.23
CA SER C 50 18.38 -11.04 -57.42
C SER C 50 18.01 -11.03 -55.94
N VAL C 51 17.02 -10.21 -55.60
CA VAL C 51 16.50 -10.16 -54.24
C VAL C 51 15.76 -11.43 -53.86
N ARG C 52 14.90 -11.96 -54.75
CA ARG C 52 14.24 -13.25 -54.45
C ARG C 52 15.28 -14.39 -54.32
N LYS C 53 16.30 -14.36 -55.17
CA LYS C 53 17.37 -15.34 -55.03
C LYS C 53 18.04 -15.25 -53.62
N ALA C 54 18.55 -14.08 -53.26
CA ALA C 54 19.19 -13.83 -51.96
C ALA C 54 18.30 -14.28 -50.79
N GLU C 55 16.99 -14.02 -50.89
CA GLU C 55 16.05 -14.47 -49.87
C GLU C 55 15.97 -15.99 -49.73
N ALA C 56 15.94 -16.68 -50.85
CA ALA C 56 15.92 -18.15 -50.87
C ALA C 56 17.18 -18.68 -50.23
N GLN C 57 18.32 -18.06 -50.54
CA GLN C 57 19.56 -18.51 -49.96
C GLN C 57 19.58 -18.32 -48.45
N ILE C 58 19.07 -17.18 -47.97
CA ILE C 58 19.07 -16.86 -46.54
C ILE C 58 18.16 -17.83 -45.82
N ALA C 59 16.97 -18.03 -46.36
CA ALA C 59 16.02 -18.97 -45.76
C ALA C 59 16.68 -20.34 -45.59
N ALA C 60 17.39 -20.81 -46.62
CA ALA C 60 18.03 -22.13 -46.56
C ALA C 60 19.07 -22.26 -45.46
N LYS C 61 19.72 -21.14 -45.12
CA LYS C 61 20.78 -21.16 -44.10
C LYS C 61 20.19 -21.26 -42.68
N ASN C 62 18.88 -21.05 -42.54
CA ASN C 62 18.17 -21.25 -41.26
C ASN C 62 18.73 -20.38 -40.10
N LEU C 63 18.72 -19.06 -40.29
CA LEU C 63 19.50 -18.17 -39.45
C LEU C 63 18.70 -17.75 -38.22
N ASP C 64 19.39 -17.38 -37.14
CA ASP C 64 18.67 -16.88 -35.94
C ASP C 64 18.06 -15.48 -36.18
N LYS C 65 17.29 -14.99 -35.21
CA LYS C 65 16.80 -13.65 -35.29
C LYS C 65 17.37 -12.72 -34.20
N GLU C 66 18.63 -12.95 -33.82
CA GLU C 66 19.23 -12.24 -32.67
C GLU C 66 19.55 -10.77 -32.97
N TYR C 67 19.83 -9.97 -31.92
CA TYR C 67 20.07 -8.52 -32.12
C TYR C 67 21.35 -8.34 -32.92
N LEU C 68 21.37 -7.36 -33.81
CA LEU C 68 22.59 -6.91 -34.44
C LEU C 68 23.30 -5.97 -33.48
N PRO C 69 24.63 -5.75 -33.69
CA PRO C 69 25.24 -4.66 -32.92
C PRO C 69 24.58 -3.33 -33.26
N ILE C 70 24.85 -2.33 -32.43
CA ILE C 70 24.28 -0.99 -32.57
C ILE C 70 24.47 -0.44 -33.97
N GLY C 71 25.66 -0.65 -34.53
CA GLY C 71 25.98 -0.17 -35.85
C GLY C 71 25.63 -1.12 -37.00
N GLY C 72 25.10 -2.30 -36.70
CA GLY C 72 24.48 -3.19 -37.69
C GLY C 72 25.29 -4.40 -38.12
N LEU C 73 24.89 -5.02 -39.23
CA LEU C 73 25.60 -6.18 -39.79
C LEU C 73 26.98 -5.74 -40.38
N ALA C 74 28.07 -6.25 -39.82
CA ALA C 74 29.42 -5.79 -40.19
C ALA C 74 29.68 -5.99 -41.70
N GLU C 75 29.29 -7.18 -42.16
CA GLU C 75 29.41 -7.63 -43.53
C GLU C 75 28.69 -6.65 -44.44
N PHE C 76 27.53 -6.14 -44.01
CA PHE C 76 26.79 -5.20 -44.79
C PHE C 76 27.44 -3.81 -44.80
N CYS C 77 27.90 -3.33 -43.64
CA CYS C 77 28.51 -2.03 -43.57
C CYS C 77 29.73 -1.98 -44.50
N LYS C 78 30.53 -3.04 -44.47
CA LYS C 78 31.74 -3.08 -45.29
C LYS C 78 31.40 -3.09 -46.82
N ALA C 79 30.49 -3.97 -47.23
CA ALA C 79 30.08 -4.03 -48.64
C ALA C 79 29.44 -2.72 -49.08
N SER C 80 28.65 -2.10 -48.18
CA SER C 80 27.96 -0.85 -48.50
C SER C 80 28.98 0.25 -48.77
N ALA C 81 30.02 0.33 -47.93
CA ALA C 81 31.06 1.32 -48.16
C ALA C 81 31.85 1.06 -49.45
N GLU C 82 32.03 -0.21 -49.77
CA GLU C 82 32.67 -0.60 -51.01
C GLU C 82 31.79 -0.23 -52.20
N LEU C 83 30.47 -0.35 -52.05
CA LEU C 83 29.58 0.08 -53.12
C LEU C 83 29.74 1.59 -53.34
N ALA C 84 29.65 2.38 -52.28
CA ALA C 84 29.67 3.82 -52.48
C ALA C 84 30.98 4.31 -53.09
N LEU C 85 32.12 3.79 -52.61
CA LEU C 85 33.45 4.38 -52.87
C LEU C 85 34.32 3.62 -53.89
N GLY C 86 33.94 2.36 -54.16
CA GLY C 86 34.71 1.45 -55.02
C GLY C 86 35.68 0.64 -54.18
N GLU C 87 35.75 -0.68 -54.40
CA GLU C 87 36.53 -1.58 -53.51
C GLU C 87 38.01 -1.24 -53.21
N ASN C 88 38.72 -0.63 -54.17
CA ASN C 88 40.10 -0.15 -53.95
C ASN C 88 40.24 1.36 -53.70
N ASN C 89 39.19 1.99 -53.21
CA ASN C 89 39.36 3.34 -52.73
C ASN C 89 40.40 3.39 -51.56
N GLU C 90 41.22 4.43 -51.58
CA GLU C 90 42.27 4.66 -50.62
C GLU C 90 41.72 4.82 -49.18
N VAL C 91 40.54 5.42 -49.07
CA VAL C 91 39.81 5.52 -47.80
C VAL C 91 39.52 4.13 -47.19
N LEU C 92 39.08 3.20 -48.02
CA LEU C 92 38.79 1.88 -47.55
C LEU C 92 40.06 1.12 -47.23
N LYS C 93 41.08 1.23 -48.08
CA LYS C 93 42.31 0.46 -47.87
C LYS C 93 42.99 0.90 -46.58
N SER C 94 42.97 2.20 -46.30
CA SER C 94 43.56 2.72 -45.08
C SER C 94 42.65 2.62 -43.84
N GLY C 95 41.37 2.26 -44.02
CA GLY C 95 40.41 2.13 -42.92
C GLY C 95 39.98 3.47 -42.31
N ARG C 96 40.13 4.58 -43.04
CA ARG C 96 39.86 5.92 -42.48
C ARG C 96 38.41 6.36 -42.62
N PHE C 97 37.50 5.48 -42.23
CA PHE C 97 36.10 5.73 -42.37
C PHE C 97 35.39 4.88 -41.36
N VAL C 98 34.15 5.29 -41.09
CA VAL C 98 33.19 4.44 -40.41
C VAL C 98 31.81 4.41 -41.13
N THR C 99 31.26 3.21 -41.25
CA THR C 99 29.95 3.01 -41.81
C THR C 99 29.11 2.24 -40.79
N VAL C 100 27.95 2.83 -40.44
CA VAL C 100 26.94 2.17 -39.62
C VAL C 100 25.66 1.95 -40.45
N GLN C 101 25.02 0.80 -40.21
CA GLN C 101 23.71 0.47 -40.82
C GLN C 101 22.62 1.35 -40.20
N THR C 102 21.66 1.80 -41.02
CA THR C 102 20.63 2.68 -40.50
C THR C 102 19.28 2.28 -41.05
N ILE C 103 18.24 2.99 -40.60
CA ILE C 103 16.88 2.71 -41.04
C ILE C 103 16.64 3.38 -42.39
N SER C 104 17.28 2.79 -43.38
CA SER C 104 17.24 3.26 -44.78
C SER C 104 17.92 4.62 -44.89
N GLY C 105 17.66 5.36 -45.99
CA GLY C 105 18.24 6.69 -46.18
C GLY C 105 17.77 7.75 -45.16
N THR C 106 16.49 7.69 -44.75
CA THR C 106 15.94 8.65 -43.78
C THR C 106 16.65 8.50 -42.46
N GLY C 107 16.67 7.25 -41.99
CA GLY C 107 17.47 6.84 -40.82
C GLY C 107 18.90 7.33 -40.89
N ALA C 108 19.53 7.22 -42.04
CA ALA C 108 20.92 7.68 -42.17
C ALA C 108 21.03 9.20 -42.05
N LEU C 109 20.10 9.90 -42.69
CA LEU C 109 20.03 11.35 -42.59
C LEU C 109 19.84 11.79 -41.14
N ARG C 110 18.88 11.16 -40.45
CA ARG C 110 18.57 11.54 -39.08
C ARG C 110 19.76 11.25 -38.19
N VAL C 111 20.43 10.14 -38.39
CA VAL C 111 21.57 9.81 -37.57
C VAL C 111 22.65 10.86 -37.78
N GLY C 112 22.94 11.21 -39.04
CA GLY C 112 23.97 12.20 -39.33
C GLY C 112 23.64 13.58 -38.79
N ALA C 113 22.39 14.01 -38.97
CA ALA C 113 21.91 15.24 -38.39
C ALA C 113 22.19 15.27 -36.88
N SER C 114 21.79 14.22 -36.18
CA SER C 114 21.96 14.20 -34.74
C SER C 114 23.45 14.25 -34.37
N PHE C 115 24.27 13.63 -35.22
CA PHE C 115 25.72 13.66 -34.94
C PHE C 115 26.28 15.04 -35.24
N LEU C 116 25.73 15.74 -36.25
CA LEU C 116 26.09 17.15 -36.48
C LEU C 116 25.69 18.01 -35.29
N GLN C 117 24.44 17.87 -34.84
CA GLN C 117 23.96 18.68 -33.76
C GLN C 117 24.89 18.54 -32.53
N ARG C 118 25.32 17.33 -32.22
CA ARG C 118 26.19 17.10 -31.08
C ARG C 118 27.64 17.51 -31.27
N PHE C 119 28.24 17.22 -32.43
CA PHE C 119 29.71 17.38 -32.58
C PHE C 119 30.22 18.47 -33.53
N PHE C 120 29.34 18.93 -34.43
CA PHE C 120 29.73 19.95 -35.38
C PHE C 120 29.57 21.33 -34.77
N LYS C 121 30.52 21.69 -33.90
CA LYS C 121 30.51 22.96 -33.13
C LYS C 121 30.59 24.21 -34.03
N PHE C 122 31.26 24.07 -35.15
CA PHE C 122 31.52 25.16 -36.09
C PHE C 122 30.30 25.96 -36.56
N SER C 123 29.12 25.32 -36.64
CA SER C 123 27.89 25.97 -37.13
C SER C 123 26.62 25.13 -36.85
N ARG C 124 25.49 25.82 -36.81
CA ARG C 124 24.16 25.22 -36.77
C ARG C 124 23.50 25.15 -38.18
N ASP C 125 24.16 25.74 -39.18
CA ASP C 125 23.53 25.96 -40.50
C ASP C 125 23.71 24.79 -41.46
N VAL C 126 22.59 24.27 -41.94
CA VAL C 126 22.63 23.21 -42.96
C VAL C 126 22.02 23.79 -44.23
N PHE C 127 22.85 23.88 -45.27
CA PHE C 127 22.39 24.45 -46.55
C PHE C 127 21.80 23.38 -47.44
N LEU C 128 20.49 23.48 -47.66
CA LEU C 128 19.75 22.69 -48.64
C LEU C 128 19.67 23.38 -50.02
N PRO C 129 19.69 22.57 -51.09
CA PRO C 129 19.40 23.11 -52.43
C PRO C 129 17.91 23.50 -52.52
N LYS C 130 17.62 24.49 -53.38
CA LYS C 130 16.24 24.91 -53.70
C LYS C 130 15.75 24.35 -55.05
N PRO C 131 14.82 23.38 -55.03
CA PRO C 131 14.29 22.81 -53.79
C PRO C 131 15.05 21.53 -53.42
N SER C 132 14.63 20.91 -52.33
CA SER C 132 15.22 19.67 -51.92
C SER C 132 14.07 18.74 -51.57
N TRP C 133 14.42 17.52 -51.21
CA TRP C 133 13.49 16.54 -50.69
C TRP C 133 12.83 17.14 -49.45
N GLY C 134 11.51 17.03 -49.37
CA GLY C 134 10.68 17.66 -48.33
C GLY C 134 11.04 17.29 -46.88
N ASN C 135 11.50 16.06 -46.69
CA ASN C 135 11.82 15.52 -45.39
C ASN C 135 13.14 16.05 -44.86
N HIS C 136 14.04 16.49 -45.75
CA HIS C 136 15.29 17.08 -45.32
C HIS C 136 15.03 18.12 -44.25
N THR C 137 13.95 18.89 -44.40
CA THR C 137 13.73 20.01 -43.52
C THR C 137 13.41 19.61 -42.07
N PRO C 138 12.27 18.91 -41.84
CA PRO C 138 11.95 18.48 -40.48
C PRO C 138 13.02 17.55 -39.92
N ILE C 139 13.70 16.78 -40.77
CA ILE C 139 14.75 15.93 -40.25
C ILE C 139 15.87 16.74 -39.52
N PHE C 140 16.41 17.76 -40.20
CA PHE C 140 17.44 18.59 -39.61
C PHE C 140 16.87 19.47 -38.52
N ARG C 141 15.63 19.92 -38.70
CA ARG C 141 15.03 20.83 -37.74
C ARG C 141 14.74 20.07 -36.43
N ASP C 142 14.10 18.91 -36.50
CA ASP C 142 13.87 18.09 -35.32
C ASP C 142 15.18 17.60 -34.70
N ALA C 143 16.25 17.46 -35.46
CA ALA C 143 17.55 17.12 -34.84
C ALA C 143 18.20 18.30 -34.13
N GLY C 144 17.67 19.51 -34.34
CA GLY C 144 18.18 20.74 -33.73
C GLY C 144 19.15 21.61 -34.53
N MET C 145 19.25 21.40 -35.85
CA MET C 145 20.06 22.25 -36.75
C MET C 145 19.19 23.35 -37.40
N GLN C 146 19.82 24.41 -37.90
CA GLN C 146 19.12 25.47 -38.63
C GLN C 146 19.14 25.11 -40.12
N LEU C 147 18.09 25.47 -40.84
CA LEU C 147 18.11 25.26 -42.30
C LEU C 147 18.42 26.52 -43.08
N GLN C 148 19.18 26.37 -44.16
CA GLN C 148 19.33 27.43 -45.15
C GLN C 148 19.17 26.87 -46.56
N GLY C 149 19.11 27.77 -47.55
CA GLY C 149 18.92 27.38 -48.93
C GLY C 149 20.02 27.93 -49.85
N TYR C 150 20.22 27.26 -50.97
CA TYR C 150 21.11 27.77 -51.99
C TYR C 150 20.47 27.42 -53.32
N ARG C 151 20.66 28.31 -54.30
CA ARG C 151 19.96 28.20 -55.58
C ARG C 151 20.42 26.95 -56.27
N TYR C 152 19.48 26.30 -56.94
CA TYR C 152 19.76 25.01 -57.53
C TYR C 152 18.95 24.78 -58.81
N TYR C 153 17.64 24.81 -58.66
CA TYR C 153 16.77 24.67 -59.80
C TYR C 153 16.61 26.03 -60.48
N ASP C 154 16.81 26.05 -61.80
CA ASP C 154 16.51 27.22 -62.62
C ASP C 154 15.11 27.11 -63.23
N PRO C 155 14.15 27.87 -62.72
CA PRO C 155 12.82 27.79 -63.36
C PRO C 155 12.79 28.29 -64.83
N LYS C 156 13.68 29.20 -65.23
CA LYS C 156 13.76 29.56 -66.66
C LYS C 156 14.06 28.33 -67.57
N THR C 157 15.13 27.59 -67.31
CA THR C 157 15.54 26.46 -68.20
C THR C 157 14.97 25.08 -67.83
N CYS C 158 14.22 25.00 -66.71
CA CYS C 158 13.99 23.74 -65.95
C CYS C 158 15.22 22.87 -65.77
N GLY C 159 16.39 23.50 -65.63
CA GLY C 159 17.66 22.79 -65.50
C GLY C 159 18.42 23.31 -64.29
N PHE C 160 19.73 23.22 -64.36
CA PHE C 160 20.58 23.62 -63.24
C PHE C 160 20.99 25.11 -63.28
N ASP C 161 20.73 25.84 -62.20
CA ASP C 161 21.19 27.22 -62.14
C ASP C 161 22.66 27.21 -61.70
N PHE C 162 23.55 26.83 -62.59
CA PHE C 162 24.92 26.64 -62.19
C PHE C 162 25.50 27.88 -61.50
N SER C 163 25.32 29.06 -62.08
CA SER C 163 25.96 30.24 -61.52
C SER C 163 25.23 30.82 -60.31
N GLY C 164 23.93 30.59 -60.17
CA GLY C 164 23.30 30.95 -58.91
C GLY C 164 23.87 30.09 -57.77
N ALA C 165 24.04 28.79 -58.09
CA ALA C 165 24.44 27.79 -57.13
C ALA C 165 25.83 28.09 -56.67
N LEU C 166 26.74 28.20 -57.64
CA LEU C 166 28.14 28.55 -57.39
C LEU C 166 28.32 29.91 -56.67
N GLU C 167 27.47 30.91 -56.99
CA GLU C 167 27.51 32.18 -56.26
C GLU C 167 27.11 32.03 -54.79
N ASP C 168 25.98 31.37 -54.54
CA ASP C 168 25.48 31.18 -53.20
C ASP C 168 26.41 30.38 -52.31
N ILE C 169 26.93 29.30 -52.87
CA ILE C 169 27.76 28.35 -52.20
C ILE C 169 29.10 28.99 -51.87
N SER C 170 29.48 30.00 -52.64
CA SER C 170 30.72 30.71 -52.40
C SER C 170 30.55 31.82 -51.38
N LYS C 171 29.31 32.10 -50.99
CA LYS C 171 29.02 33.05 -49.91
C LYS C 171 28.48 32.37 -48.64
N ILE C 172 28.55 31.04 -48.57
CA ILE C 172 28.23 30.32 -47.33
C ILE C 172 29.33 30.60 -46.29
N PRO C 173 28.95 31.07 -45.07
CA PRO C 173 30.03 31.28 -44.09
C PRO C 173 30.92 30.05 -43.98
N GLU C 174 32.22 30.25 -43.93
CA GLU C 174 33.17 29.14 -43.79
C GLU C 174 32.75 28.17 -42.69
N GLN C 175 32.96 26.88 -42.95
CA GLN C 175 32.69 25.85 -41.96
C GLN C 175 31.20 25.58 -41.69
N SER C 176 30.36 25.92 -42.65
CA SER C 176 28.95 25.54 -42.59
C SER C 176 28.79 24.15 -43.18
N VAL C 177 27.63 23.56 -42.98
CA VAL C 177 27.33 22.24 -43.51
C VAL C 177 26.53 22.35 -44.81
N LEU C 178 27.05 21.76 -45.88
CA LEU C 178 26.41 21.82 -47.18
C LEU C 178 25.88 20.45 -47.61
N LEU C 179 24.57 20.38 -47.84
CA LEU C 179 23.94 19.14 -48.28
C LEU C 179 23.89 19.09 -49.82
N LEU C 180 24.36 17.96 -50.36
CA LEU C 180 24.42 17.70 -51.81
C LEU C 180 23.71 16.39 -52.17
N HIS C 181 22.82 16.42 -53.17
CA HIS C 181 22.28 15.17 -53.71
C HIS C 181 23.35 14.55 -54.58
N ALA C 182 23.76 13.33 -54.28
CA ALA C 182 24.85 12.68 -55.02
C ALA C 182 24.57 12.54 -56.54
N CYS C 183 23.32 12.26 -56.88
CA CYS C 183 22.86 12.15 -58.27
C CYS C 183 21.37 11.92 -58.16
N ALA C 184 20.65 12.12 -59.26
CA ALA C 184 19.19 12.04 -59.30
C ALA C 184 18.52 12.89 -58.24
N HIS C 185 18.81 14.19 -58.28
CA HIS C 185 18.15 15.18 -57.44
C HIS C 185 16.66 14.95 -57.32
N ASN C 186 16.17 15.01 -56.08
CA ASN C 186 14.77 14.83 -55.78
C ASN C 186 14.35 16.13 -55.11
N PRO C 187 13.32 16.82 -55.64
CA PRO C 187 12.31 16.46 -56.64
C PRO C 187 12.54 16.76 -58.15
N THR C 188 13.63 17.42 -58.54
CA THR C 188 13.69 17.98 -59.92
C THR C 188 14.38 17.19 -61.03
N GLY C 189 15.18 16.18 -60.68
CA GLY C 189 15.88 15.41 -61.70
C GLY C 189 17.09 16.14 -62.27
N VAL C 190 17.24 17.40 -61.88
CA VAL C 190 18.41 18.20 -62.30
C VAL C 190 19.71 17.89 -61.52
N ASP C 191 20.76 17.53 -62.24
CA ASP C 191 22.06 17.22 -61.66
C ASP C 191 23.16 18.09 -62.25
N PRO C 192 24.20 18.41 -61.43
CA PRO C 192 25.40 18.96 -62.05
C PRO C 192 26.11 17.99 -63.05
N ARG C 193 26.75 18.55 -64.06
CA ARG C 193 27.67 17.78 -64.90
C ARG C 193 29.00 17.61 -64.12
N PRO C 194 29.78 16.55 -64.43
CA PRO C 194 31.08 16.36 -63.80
C PRO C 194 31.94 17.66 -63.69
N GLU C 195 32.08 18.38 -64.80
CA GLU C 195 32.82 19.65 -64.80
C GLU C 195 32.23 20.69 -63.83
N GLN C 196 30.91 20.70 -63.69
CA GLN C 196 30.26 21.56 -62.72
C GLN C 196 30.51 21.06 -61.27
N TRP C 197 30.61 19.75 -61.08
CA TRP C 197 30.87 19.19 -59.76
C TRP C 197 32.29 19.54 -59.35
N LYS C 198 33.25 19.35 -60.26
CA LYS C 198 34.63 19.78 -60.02
C LYS C 198 34.73 21.18 -59.44
N GLU C 199 33.87 22.09 -59.90
CA GLU C 199 33.92 23.46 -59.40
C GLU C 199 33.31 23.63 -58.02
N ILE C 200 32.17 22.99 -57.77
CA ILE C 200 31.59 22.95 -56.44
C ILE C 200 32.59 22.35 -55.43
N ALA C 201 33.17 21.21 -55.77
CA ALA C 201 34.21 20.57 -54.96
C ALA C 201 35.27 21.59 -54.60
N SER C 202 35.85 22.18 -55.63
CA SER C 202 36.87 23.19 -55.47
C SER C 202 36.44 24.40 -54.59
N VAL C 203 35.23 24.93 -54.75
CA VAL C 203 34.78 26.00 -53.84
C VAL C 203 34.55 25.47 -52.38
N VAL C 204 33.98 24.27 -52.26
CA VAL C 204 33.78 23.63 -50.97
C VAL C 204 35.10 23.59 -50.18
N LYS C 205 36.15 23.07 -50.83
CA LYS C 205 37.52 23.02 -50.31
C LYS C 205 38.08 24.38 -49.90
N LYS C 206 38.07 25.35 -50.82
CA LYS C 206 38.60 26.69 -50.54
C LYS C 206 37.73 27.49 -49.57
N LYS C 207 36.43 27.22 -49.48
CA LYS C 207 35.67 27.96 -48.47
C LYS C 207 35.49 27.21 -47.13
N ASN C 208 36.21 26.09 -46.98
CA ASN C 208 36.19 25.23 -45.79
C ASN C 208 34.78 24.84 -45.35
N LEU C 209 34.02 24.21 -46.28
CA LEU C 209 32.65 23.78 -45.98
C LEU C 209 32.64 22.29 -45.71
N PHE C 210 31.61 21.83 -45.01
CA PHE C 210 31.47 20.41 -44.76
C PHE C 210 30.43 19.87 -45.74
N ALA C 211 30.85 18.88 -46.52
CA ALA C 211 30.02 18.22 -47.54
C ALA C 211 29.31 16.97 -46.99
N PHE C 212 27.99 17.02 -47.03
CA PHE C 212 27.10 16.01 -46.52
C PHE C 212 26.35 15.53 -47.73
N PHE C 213 26.70 14.35 -48.20
CA PHE C 213 26.03 13.81 -49.38
C PHE C 213 24.83 12.92 -49.06
N ASP C 214 23.73 13.14 -49.77
CA ASP C 214 22.57 12.23 -49.72
C ASP C 214 22.53 11.43 -51.02
N MET C 215 22.73 10.11 -50.92
CA MET C 215 22.81 9.25 -52.10
C MET C 215 21.76 8.15 -52.13
N ALA C 216 20.55 8.49 -52.51
CA ALA C 216 19.46 7.53 -52.50
C ALA C 216 19.31 6.72 -53.83
N TYR C 217 20.16 6.98 -54.83
CA TYR C 217 19.93 6.39 -56.16
C TYR C 217 21.14 5.83 -56.91
N GLN C 218 22.26 5.56 -56.23
CA GLN C 218 23.42 5.01 -56.92
C GLN C 218 22.97 3.85 -57.82
N GLY C 219 23.31 3.91 -59.10
CA GLY C 219 22.97 2.83 -60.03
C GLY C 219 21.59 2.98 -60.62
N PHE C 220 20.60 3.28 -59.77
CA PHE C 220 19.20 3.48 -60.19
C PHE C 220 19.03 4.71 -61.09
N ALA C 221 19.87 5.72 -60.89
CA ALA C 221 19.84 6.95 -61.63
C ALA C 221 20.20 6.77 -63.13
N SER C 222 21.41 6.31 -63.41
CA SER C 222 21.88 6.20 -64.78
C SER C 222 22.10 4.78 -65.28
N GLY C 223 21.91 3.76 -64.43
CA GLY C 223 22.20 2.36 -64.79
C GLY C 223 23.65 2.03 -64.49
N ASP C 224 24.41 3.04 -64.07
CA ASP C 224 25.84 2.91 -63.89
C ASP C 224 26.32 3.52 -62.56
N GLY C 225 26.54 2.58 -61.62
CA GLY C 225 26.92 2.88 -60.25
C GLY C 225 28.18 3.70 -60.10
N ASP C 226 29.23 3.37 -60.86
CA ASP C 226 30.48 4.15 -60.79
C ASP C 226 30.25 5.59 -61.22
N LYS C 227 29.37 5.81 -62.19
CA LYS C 227 29.08 7.15 -62.64
C LYS C 227 28.09 7.90 -61.72
N ASP C 228 27.16 7.17 -61.10
CA ASP C 228 26.26 7.82 -60.15
C ASP C 228 27.00 8.24 -58.85
N ALA C 229 28.06 7.51 -58.48
CA ALA C 229 28.84 7.85 -57.30
C ALA C 229 30.07 8.71 -57.62
N TRP C 230 30.29 9.02 -58.90
CA TRP C 230 31.46 9.77 -59.30
C TRP C 230 31.64 11.09 -58.53
N ALA C 231 30.57 11.86 -58.31
CA ALA C 231 30.77 13.13 -57.61
C ALA C 231 31.22 12.94 -56.14
N VAL C 232 30.62 11.98 -55.46
CA VAL C 232 31.02 11.67 -54.12
C VAL C 232 32.52 11.27 -54.07
N ARG C 233 32.94 10.40 -54.98
CA ARG C 233 34.32 9.92 -54.95
C ARG C 233 35.33 11.00 -55.31
N HIS C 234 34.89 12.01 -56.06
CA HIS C 234 35.81 12.99 -56.57
C HIS C 234 36.05 14.04 -55.50
N PHE C 235 34.98 14.34 -54.74
CA PHE C 235 35.12 15.16 -53.52
C PHE C 235 36.13 14.53 -52.55
N ILE C 236 36.03 13.22 -52.34
CA ILE C 236 36.95 12.55 -51.46
C ILE C 236 38.36 12.66 -52.04
N GLU C 237 38.52 12.28 -53.31
CA GLU C 237 39.80 12.42 -54.00
C GLU C 237 40.40 13.84 -53.91
N GLN C 238 39.56 14.87 -53.75
CA GLN C 238 40.01 16.26 -53.57
C GLN C 238 40.36 16.65 -52.13
N GLY C 239 40.34 15.67 -51.23
CA GLY C 239 40.70 15.91 -49.85
C GLY C 239 39.53 16.42 -49.04
N ILE C 240 38.31 16.29 -49.57
CA ILE C 240 37.11 16.62 -48.79
C ILE C 240 36.59 15.37 -48.01
N ASN C 241 36.57 15.48 -46.69
CA ASN C 241 36.11 14.38 -45.82
C ASN C 241 34.61 14.49 -45.54
N VAL C 242 33.87 13.95 -46.50
CA VAL C 242 32.44 14.05 -46.62
C VAL C 242 31.81 13.05 -45.65
N CYS C 243 30.52 13.21 -45.41
CA CYS C 243 29.79 12.07 -44.89
C CYS C 243 28.71 11.69 -45.92
N LEU C 244 28.13 10.50 -45.77
CA LEU C 244 27.29 9.96 -46.81
C LEU C 244 26.19 9.09 -46.25
N CYS C 245 24.98 9.33 -46.77
CA CYS C 245 23.80 8.53 -46.48
C CYS C 245 23.49 7.72 -47.72
N GLN C 246 23.36 6.40 -47.54
CA GLN C 246 23.02 5.52 -48.64
C GLN C 246 21.66 4.96 -48.31
N SER C 247 20.88 4.72 -49.35
CA SER C 247 19.59 4.05 -49.24
C SER C 247 19.60 2.88 -50.20
N TYR C 248 18.98 1.77 -49.79
CA TYR C 248 18.77 0.65 -50.70
C TYR C 248 17.32 0.51 -51.09
N ALA C 249 16.55 1.54 -50.82
CA ALA C 249 15.12 1.50 -51.09
C ALA C 249 14.88 1.39 -52.59
N1 LLP C 250 16.73 10.96 -49.72
C2 LLP C 250 16.28 11.11 -51.01
C2' LLP C 250 16.99 12.14 -51.86
C3 LLP C 250 15.21 10.33 -51.50
O3 LLP C 250 14.81 10.47 -52.66
C4 LLP C 250 14.61 9.38 -50.66
C4' LLP C 250 13.75 8.28 -51.28
C5 LLP C 250 15.06 9.26 -49.34
C6 LLP C 250 16.13 10.04 -48.88
C5' LLP C 250 14.46 8.29 -48.35
OP4 LLP C 250 14.73 6.91 -48.54
P LLP C 250 14.40 5.77 -47.52
OP1 LLP C 250 13.03 5.24 -47.83
OP2 LLP C 250 15.57 4.89 -47.84
OP3 LLP C 250 14.44 6.41 -46.17
N LLP C 250 15.59 2.20 -53.39
CA LLP C 250 15.22 2.25 -54.80
CB LLP C 250 15.18 3.70 -55.35
CG LLP C 250 14.11 4.61 -54.68
CD LLP C 250 14.69 5.37 -53.48
CE LLP C 250 13.76 6.46 -52.89
NZ LLP C 250 14.45 7.20 -51.70
C LLP C 250 16.08 1.31 -55.61
O LLP C 250 15.52 0.46 -56.33
N ASN C 251 17.39 1.36 -55.43
CA ASN C 251 18.26 0.48 -56.21
C ASN C 251 18.20 -1.05 -55.93
N MET C 252 17.75 -1.47 -54.74
CA MET C 252 17.46 -2.89 -54.57
C MET C 252 15.98 -3.19 -54.44
N GLY C 253 15.16 -2.16 -54.55
CA GLY C 253 13.72 -2.32 -54.35
C GLY C 253 13.37 -2.68 -52.92
N LEU C 254 14.24 -2.34 -51.97
CA LEU C 254 14.07 -2.86 -50.61
C LEU C 254 13.19 -1.96 -49.74
N TYR C 255 12.53 -0.97 -50.34
CA TYR C 255 11.64 -0.02 -49.67
C TYR C 255 11.30 -0.30 -48.20
N GLY C 256 10.39 -1.23 -47.95
CA GLY C 256 9.85 -1.42 -46.63
C GLY C 256 10.72 -2.22 -45.68
N GLU C 257 11.83 -2.74 -46.19
CA GLU C 257 12.75 -3.51 -45.40
C GLU C 257 13.66 -2.54 -44.67
N ARG C 258 13.74 -1.30 -45.16
CA ARG C 258 14.46 -0.19 -44.49
C ARG C 258 15.94 -0.51 -44.29
N VAL C 259 16.65 -0.48 -45.41
CA VAL C 259 18.07 -0.78 -45.46
C VAL C 259 18.87 0.46 -45.90
N GLY C 260 19.76 0.96 -45.05
CA GLY C 260 20.64 2.04 -45.42
C GLY C 260 21.92 2.07 -44.61
N ALA C 261 22.78 3.04 -44.93
CA ALA C 261 23.99 3.21 -44.15
C ALA C 261 24.39 4.68 -44.07
N PHE C 262 25.12 5.01 -43.02
CA PHE C 262 25.70 6.33 -42.89
C PHE C 262 27.19 6.20 -42.73
N THR C 263 27.93 6.97 -43.51
CA THR C 263 29.39 6.92 -43.51
C THR C 263 29.99 8.27 -43.22
N VAL C 264 30.97 8.31 -42.31
CA VAL C 264 31.79 9.50 -42.13
C VAL C 264 33.19 9.18 -42.65
N VAL C 265 33.65 9.91 -43.67
CA VAL C 265 35.06 9.80 -44.05
C VAL C 265 35.90 10.62 -43.06
N CYS C 266 36.97 9.97 -42.58
CA CYS C 266 37.81 10.56 -41.53
C CYS C 266 39.27 10.71 -41.95
N LYS C 267 40.02 11.48 -41.16
CA LYS C 267 41.44 11.76 -41.38
C LYS C 267 42.27 10.52 -41.25
N ASP C 268 41.93 9.67 -40.29
CA ASP C 268 42.59 8.38 -40.11
C ASP C 268 41.69 7.36 -39.38
N ALA C 269 42.18 6.14 -39.21
CA ALA C 269 41.46 5.08 -38.55
C ALA C 269 41.12 5.41 -37.08
N GLU C 270 42.04 6.09 -36.38
CA GLU C 270 41.81 6.44 -34.98
C GLU C 270 40.58 7.34 -34.87
N GLU C 271 40.49 8.39 -35.69
CA GLU C 271 39.37 9.30 -35.65
C GLU C 271 38.08 8.55 -35.98
N ALA C 272 38.11 7.78 -37.05
CA ALA C 272 37.03 6.85 -37.34
C ALA C 272 36.54 6.09 -36.09
N LYS C 273 37.44 5.51 -35.29
CA LYS C 273 37.06 4.79 -34.04
C LYS C 273 36.30 5.67 -33.00
N ARG C 274 36.77 6.90 -32.86
CA ARG C 274 36.14 7.86 -31.96
C ARG C 274 34.75 8.25 -32.43
N VAL C 275 34.65 8.56 -33.73
CA VAL C 275 33.38 8.95 -34.34
C VAL C 275 32.38 7.79 -34.22
N GLU C 276 32.88 6.60 -34.50
CA GLU C 276 32.05 5.41 -34.40
C GLU C 276 31.47 5.29 -32.99
N SER C 277 32.32 5.51 -31.99
CA SER C 277 31.90 5.20 -30.62
C SER C 277 30.72 6.10 -30.29
N GLN C 278 30.81 7.35 -30.74
CA GLN C 278 29.73 8.33 -30.59
C GLN C 278 28.53 8.11 -31.48
N LEU C 279 28.72 7.61 -32.70
CA LEU C 279 27.55 7.28 -33.51
C LEU C 279 26.75 6.24 -32.75
N LYS C 280 27.45 5.28 -32.12
CA LYS C 280 26.78 4.29 -31.30
C LYS C 280 26.03 4.88 -30.09
N ILE C 281 26.63 5.88 -29.45
CA ILE C 281 25.97 6.53 -28.31
C ILE C 281 24.70 7.22 -28.76
N LEU C 282 24.69 7.72 -30.00
CA LEU C 282 23.53 8.43 -30.54
C LEU C 282 22.41 7.51 -31.04
N ILE C 283 22.78 6.38 -31.60
CA ILE C 283 21.81 5.45 -32.22
C ILE C 283 21.10 4.64 -31.12
N ARG C 284 21.85 4.24 -30.09
CA ARG C 284 21.25 3.41 -29.01
C ARG C 284 19.91 4.00 -28.45
N PRO C 285 19.88 5.30 -28.11
CA PRO C 285 18.61 5.92 -27.70
C PRO C 285 17.59 6.33 -28.78
N LEU C 286 17.91 6.10 -30.04
CA LEU C 286 16.92 6.26 -31.10
C LEU C 286 16.15 4.96 -31.31
N TYR C 287 16.86 3.82 -31.38
CA TYR C 287 16.17 2.55 -31.65
C TYR C 287 16.95 1.30 -31.24
N SER C 288 18.01 1.46 -30.42
CA SER C 288 18.94 0.37 -30.01
C SER C 288 19.76 -0.26 -31.13
N ASN C 289 19.08 -0.79 -32.14
CA ASN C 289 19.78 -1.56 -33.17
C ASN C 289 18.92 -1.75 -34.41
N PRO C 290 19.57 -1.92 -35.60
CA PRO C 290 18.79 -1.93 -36.85
C PRO C 290 18.18 -3.28 -37.23
N PRO C 291 17.08 -3.24 -38.00
CA PRO C 291 16.44 -4.47 -38.51
C PRO C 291 17.39 -5.28 -39.39
N LEU C 292 17.23 -6.55 -39.29
CA LEU C 292 18.12 -7.52 -39.79
C LEU C 292 17.79 -8.10 -41.18
N ASN C 293 16.53 -8.22 -41.54
CA ASN C 293 16.17 -8.90 -42.76
C ASN C 293 16.79 -8.28 -44.03
N GLY C 294 16.63 -6.98 -44.17
CA GLY C 294 17.04 -6.30 -45.36
C GLY C 294 18.54 -6.23 -45.49
N ALA C 295 19.21 -6.00 -44.36
CA ALA C 295 20.67 -6.02 -44.35
C ALA C 295 21.24 -7.38 -44.80
N ARG C 296 20.58 -8.49 -44.47
CA ARG C 296 21.06 -9.79 -44.88
C ARG C 296 20.92 -9.97 -46.40
N ILE C 297 19.81 -9.49 -46.94
CA ILE C 297 19.61 -9.50 -48.38
C ILE C 297 20.70 -8.70 -49.12
N ALA C 298 20.93 -7.46 -48.68
CA ALA C 298 21.85 -6.59 -49.40
C ALA C 298 23.26 -7.13 -49.29
N ALA C 299 23.62 -7.57 -48.08
CA ALA C 299 24.94 -8.17 -47.89
C ALA C 299 25.11 -9.43 -48.72
N THR C 300 24.08 -10.26 -48.77
CA THR C 300 24.13 -11.46 -49.60
C THR C 300 24.40 -11.11 -51.08
N ILE C 301 23.68 -10.14 -51.63
CA ILE C 301 23.87 -9.74 -52.99
C ILE C 301 25.27 -9.15 -53.24
N LEU C 302 25.66 -8.21 -52.39
CA LEU C 302 26.85 -7.43 -52.60
C LEU C 302 28.14 -8.23 -52.56
N THR C 303 28.15 -9.30 -51.78
CA THR C 303 29.38 -10.09 -51.51
C THR C 303 29.36 -11.46 -52.22
N SER C 304 28.35 -11.71 -53.04
CA SER C 304 28.42 -12.82 -53.97
C SER C 304 28.61 -12.25 -55.38
N PRO C 305 29.78 -12.49 -55.99
CA PRO C 305 30.08 -11.93 -57.33
C PRO C 305 28.97 -12.14 -58.38
N ASP C 306 28.41 -13.35 -58.44
CA ASP C 306 27.28 -13.63 -59.36
C ASP C 306 25.95 -12.99 -59.03
N LEU C 307 25.59 -12.86 -57.76
CA LEU C 307 24.36 -12.11 -57.42
C LEU C 307 24.59 -10.63 -57.65
N ARG C 308 25.79 -10.18 -57.32
CA ARG C 308 26.11 -8.79 -57.53
C ARG C 308 25.99 -8.41 -59.02
N LYS C 309 26.54 -9.24 -59.91
CA LYS C 309 26.50 -8.99 -61.36
C LYS C 309 25.04 -8.95 -61.83
N GLN C 310 24.25 -9.93 -61.41
CA GLN C 310 22.85 -9.97 -61.78
C GLN C 310 22.07 -8.71 -61.34
N TRP C 311 22.11 -8.45 -60.01
CA TRP C 311 21.51 -7.26 -59.40
C TRP C 311 21.86 -6.03 -60.17
N LEU C 312 23.16 -5.87 -60.48
CA LEU C 312 23.55 -4.74 -61.31
C LEU C 312 22.84 -4.69 -62.68
N GLN C 313 22.46 -5.83 -63.26
CA GLN C 313 21.79 -5.76 -64.57
C GLN C 313 20.37 -5.34 -64.31
N GLU C 314 19.79 -5.85 -63.23
CA GLU C 314 18.44 -5.48 -62.85
C GLU C 314 18.30 -3.96 -62.59
N VAL C 315 19.33 -3.38 -61.98
CA VAL C 315 19.37 -1.95 -61.72
C VAL C 315 19.37 -1.20 -63.04
N LYS C 316 20.29 -1.61 -63.92
CA LYS C 316 20.40 -1.03 -65.25
C LYS C 316 19.06 -1.13 -66.01
N GLY C 317 18.39 -2.26 -65.87
CA GLY C 317 17.08 -2.48 -66.49
C GLY C 317 16.13 -1.38 -66.07
N MET C 318 16.04 -1.13 -64.77
CA MET C 318 15.15 -0.13 -64.19
C MET C 318 15.51 1.28 -64.65
N ALA C 319 16.79 1.62 -64.59
CA ALA C 319 17.28 2.91 -65.07
C ALA C 319 16.88 3.10 -66.51
N ASP C 320 17.12 2.07 -67.33
CA ASP C 320 16.85 2.15 -68.78
C ASP C 320 15.34 2.34 -69.01
N ARG C 321 14.47 1.73 -68.19
CA ARG C 321 13.05 1.96 -68.40
C ARG C 321 12.67 3.42 -68.12
N ILE C 322 13.23 3.96 -67.03
CA ILE C 322 13.04 5.38 -66.71
C ILE C 322 13.55 6.32 -67.81
N ILE C 323 14.79 6.11 -68.27
CA ILE C 323 15.35 6.90 -69.38
C ILE C 323 14.45 6.80 -70.61
N SER C 324 14.05 5.57 -70.91
CA SER C 324 13.29 5.28 -72.09
C SER C 324 11.95 6.05 -72.08
N MET C 325 11.28 6.10 -70.92
CA MET C 325 10.03 6.84 -70.80
C MET C 325 10.20 8.32 -71.07
N ARG C 326 11.29 8.88 -70.54
CA ARG C 326 11.60 10.29 -70.71
C ARG C 326 11.76 10.63 -72.21
N THR C 327 12.60 9.82 -72.86
CA THR C 327 12.84 9.84 -74.30
C THR C 327 11.51 9.75 -75.08
N GLN C 328 10.71 8.72 -74.82
CA GLN C 328 9.44 8.58 -75.51
C GLN C 328 8.47 9.74 -75.24
N LEU C 329 8.46 10.29 -74.03
CA LEU C 329 7.62 11.44 -73.75
C LEU C 329 8.02 12.64 -74.62
N VAL C 330 9.33 12.90 -74.69
CA VAL C 330 9.84 14.03 -75.46
C VAL C 330 9.59 13.80 -76.98
N SER C 331 9.73 12.56 -77.42
CA SER C 331 9.56 12.22 -78.82
C SER C 331 8.09 12.41 -79.23
N ASN C 332 7.18 11.91 -78.40
CA ASN C 332 5.74 12.08 -78.62
C ASN C 332 5.22 13.51 -78.55
N LEU C 333 5.91 14.39 -77.81
CA LEU C 333 5.50 15.78 -77.74
C LEU C 333 5.82 16.51 -79.05
N LYS C 334 6.92 16.14 -79.70
CA LYS C 334 7.25 16.69 -81.01
C LYS C 334 6.19 16.17 -81.99
N LYS C 335 6.01 14.85 -82.04
CA LYS C 335 5.01 14.25 -82.91
C LYS C 335 3.59 14.82 -82.69
N GLU C 336 3.22 15.14 -81.46
CA GLU C 336 1.90 15.73 -81.24
C GLU C 336 1.77 17.17 -81.77
N GLY C 337 2.89 17.73 -82.21
CA GLY C 337 2.94 19.08 -82.72
C GLY C 337 3.18 20.12 -81.65
N SER C 338 3.94 19.78 -80.61
CA SER C 338 4.30 20.79 -79.61
C SER C 338 5.52 21.57 -80.07
N SER C 339 5.48 22.88 -79.90
CA SER C 339 6.61 23.72 -80.27
C SER C 339 7.57 23.94 -79.09
N HIS C 340 7.08 23.91 -77.84
CA HIS C 340 7.91 24.14 -76.63
C HIS C 340 9.15 23.24 -76.57
N ASN C 341 10.20 23.70 -75.89
CA ASN C 341 11.41 22.91 -75.69
C ASN C 341 11.24 21.91 -74.51
N TRP C 342 11.34 20.62 -74.79
CA TRP C 342 11.22 19.60 -73.75
C TRP C 342 12.50 18.80 -73.52
N GLN C 343 13.65 19.33 -73.95
CA GLN C 343 14.93 18.67 -73.68
C GLN C 343 15.20 18.49 -72.16
N HIS C 344 14.65 19.35 -71.32
CA HIS C 344 14.79 19.17 -69.87
C HIS C 344 14.30 17.79 -69.40
N ILE C 345 13.31 17.26 -70.08
CA ILE C 345 12.74 15.96 -69.71
C ILE C 345 13.77 14.84 -69.91
N THR C 346 14.65 14.97 -70.90
CA THR C 346 15.62 13.90 -71.14
C THR C 346 16.96 14.24 -70.49
N ASP C 347 17.17 15.52 -70.19
CA ASP C 347 18.40 16.01 -69.56
C ASP C 347 18.46 15.64 -68.08
N GLN C 348 17.31 15.80 -67.42
CA GLN C 348 17.12 15.35 -66.07
C GLN C 348 17.43 13.83 -65.96
N ILE C 349 17.57 13.33 -64.73
CA ILE C 349 18.09 12.00 -64.46
C ILE C 349 17.29 11.47 -63.31
N GLY C 350 16.94 10.18 -63.34
CA GLY C 350 16.22 9.56 -62.20
C GLY C 350 14.71 9.65 -62.33
N MET C 351 13.97 9.18 -61.32
CA MET C 351 12.53 8.98 -61.53
C MET C 351 11.62 10.18 -61.27
N PHE C 352 12.21 11.33 -61.02
CA PHE C 352 11.42 12.50 -60.71
C PHE C 352 11.83 13.56 -61.68
N CYS C 353 10.79 14.20 -62.19
CA CYS C 353 10.91 15.12 -63.27
C CYS C 353 10.12 16.39 -62.98
N PHE C 354 10.81 17.52 -63.00
CA PHE C 354 10.16 18.82 -63.01
C PHE C 354 9.81 19.17 -64.48
N THR C 355 8.52 19.17 -64.80
CA THR C 355 8.08 19.30 -66.20
C THR C 355 8.05 20.72 -66.70
N GLY C 356 8.04 21.68 -65.75
CA GLY C 356 7.86 23.09 -66.05
C GLY C 356 6.39 23.50 -66.10
N LEU C 357 5.47 22.53 -66.03
CA LEU C 357 4.04 22.81 -66.00
C LEU C 357 3.64 23.74 -64.87
N LYS C 358 2.67 24.60 -65.12
CA LYS C 358 2.20 25.57 -64.13
C LYS C 358 1.04 24.99 -63.32
N PRO C 359 0.78 25.58 -62.12
CA PRO C 359 -0.31 25.05 -61.29
C PRO C 359 -1.68 24.86 -61.98
N GLU C 360 -2.10 25.84 -62.80
CA GLU C 360 -3.40 25.77 -63.52
C GLU C 360 -3.38 24.68 -64.60
N GLN C 361 -2.24 24.56 -65.28
CA GLN C 361 -2.00 23.48 -66.22
C GLN C 361 -2.05 22.09 -65.55
N VAL C 362 -1.54 21.98 -64.32
CA VAL C 362 -1.65 20.71 -63.58
C VAL C 362 -3.11 20.47 -63.21
N GLU C 363 -3.84 21.51 -62.84
CA GLU C 363 -5.27 21.38 -62.54
C GLU C 363 -6.06 20.84 -63.73
N ARG C 364 -5.76 21.36 -64.92
CA ARG C 364 -6.43 20.96 -66.15
C ARG C 364 -6.17 19.49 -66.49
N LEU C 365 -4.90 19.09 -66.42
CA LEU C 365 -4.48 17.69 -66.56
C LEU C 365 -5.22 16.69 -65.64
N THR C 366 -5.47 17.06 -64.39
CA THR C 366 -6.33 16.21 -63.53
C THR C 366 -7.81 16.22 -63.97
N LYS C 367 -8.42 17.40 -64.12
CA LYS C 367 -9.87 17.44 -64.42
C LYS C 367 -10.18 16.94 -65.83
N GLU C 368 -9.39 17.38 -66.81
CA GLU C 368 -9.69 17.09 -68.21
C GLU C 368 -9.14 15.75 -68.69
N PHE C 369 -8.01 15.30 -68.11
CA PHE C 369 -7.31 14.10 -68.62
C PHE C 369 -6.99 13.03 -67.58
N SER C 370 -7.47 13.20 -66.35
CA SER C 370 -7.23 12.19 -65.29
C SER C 370 -5.75 11.84 -65.15
N VAL C 371 -4.89 12.84 -65.35
CA VAL C 371 -3.46 12.73 -65.10
C VAL C 371 -3.13 13.35 -63.74
N TYR C 372 -2.74 12.50 -62.79
CA TYR C 372 -2.54 12.89 -61.38
C TYR C 372 -1.10 13.16 -61.01
N MET C 373 -0.90 14.36 -60.47
CA MET C 373 0.43 14.90 -60.08
C MET C 373 0.32 16.14 -59.16
N THR C 374 1.40 16.44 -58.48
CA THR C 374 1.51 17.61 -57.61
C THR C 374 1.54 18.94 -58.40
N LYS C 375 1.03 20.01 -57.79
CA LYS C 375 0.94 21.36 -58.41
C LYS C 375 2.26 22.02 -58.76
N ASP C 376 3.38 21.49 -58.27
CA ASP C 376 4.71 22.03 -58.56
C ASP C 376 5.25 21.55 -59.90
N GLY C 377 4.42 20.79 -60.64
CA GLY C 377 4.82 20.27 -61.97
C GLY C 377 5.72 19.04 -61.95
N ARG C 378 5.88 18.44 -60.77
CA ARG C 378 6.68 17.25 -60.63
C ARG C 378 5.93 16.02 -61.08
N ILE C 379 6.56 15.21 -61.91
CA ILE C 379 5.97 13.91 -62.19
C ILE C 379 6.91 12.81 -61.71
N SER C 380 6.30 11.72 -61.29
CA SER C 380 7.01 10.51 -61.12
C SER C 380 7.00 9.75 -62.47
N VAL C 381 8.17 9.75 -63.10
CA VAL C 381 8.39 9.04 -64.37
C VAL C 381 8.11 7.52 -64.22
N ALA C 382 8.00 7.04 -62.99
CA ALA C 382 7.67 5.65 -62.78
C ALA C 382 6.19 5.37 -63.10
N GLY C 383 5.37 6.42 -63.13
CA GLY C 383 3.95 6.30 -63.47
C GLY C 383 3.77 6.20 -64.97
N VAL C 384 4.81 6.58 -65.74
CA VAL C 384 4.77 6.47 -67.20
C VAL C 384 5.08 5.06 -67.71
N THR C 385 4.23 4.55 -68.59
CA THR C 385 4.41 3.24 -69.23
C THR C 385 4.52 3.41 -70.73
N SER C 386 5.05 2.40 -71.41
CA SER C 386 4.94 2.37 -72.88
C SER C 386 3.48 2.46 -73.33
N GLY C 387 2.58 1.89 -72.54
CA GLY C 387 1.15 1.96 -72.80
C GLY C 387 0.51 3.33 -72.64
N ASN C 388 1.01 4.17 -71.71
CA ASN C 388 0.33 5.45 -71.46
C ASN C 388 1.08 6.67 -71.94
N VAL C 389 2.28 6.46 -72.45
CA VAL C 389 3.11 7.60 -72.78
C VAL C 389 2.51 8.50 -73.87
N GLY C 390 1.90 7.89 -74.88
CA GLY C 390 1.31 8.68 -75.97
C GLY C 390 0.20 9.55 -75.43
N TYR C 391 -0.69 8.93 -74.66
CA TYR C 391 -1.79 9.65 -74.02
C TYR C 391 -1.29 10.79 -73.14
N LEU C 392 -0.19 10.54 -72.42
CA LEU C 392 0.40 11.56 -71.57
C LEU C 392 0.90 12.70 -72.43
N ALA C 393 1.67 12.37 -73.46
CA ALA C 393 2.14 13.33 -74.45
C ALA C 393 0.96 14.15 -74.99
N HIS C 394 -0.18 13.47 -75.24
CA HIS C 394 -1.34 14.14 -75.76
C HIS C 394 -1.84 15.14 -74.72
N ALA C 395 -2.10 14.66 -73.52
CA ALA C 395 -2.65 15.51 -72.47
C ALA C 395 -1.80 16.76 -72.25
N ILE C 396 -0.49 16.58 -72.12
CA ILE C 396 0.44 17.70 -71.92
C ILE C 396 0.42 18.72 -73.08
N HIS C 397 0.52 18.24 -74.33
CA HIS C 397 0.43 19.14 -75.49
C HIS C 397 -0.89 19.87 -75.50
N GLN C 398 -1.97 19.17 -75.19
CA GLN C 398 -3.30 19.79 -75.15
C GLN C 398 -3.34 20.97 -74.21
N VAL C 399 -2.85 20.79 -72.97
CA VAL C 399 -2.91 21.85 -71.97
C VAL C 399 -1.81 22.89 -72.09
N THR C 400 -0.86 22.68 -72.99
CA THR C 400 0.17 23.73 -73.23
C THR C 400 0.15 24.46 -74.60
N LYS C 401 -0.53 23.90 -75.61
CA LYS C 401 -0.53 24.41 -77.00
C LYS C 401 -0.81 25.91 -77.16
N SER D 1 42.53 21.26 -38.06
CA SER D 1 43.23 20.42 -39.09
C SER D 1 42.46 19.12 -39.48
N SER D 2 41.28 18.93 -38.87
CA SER D 2 40.29 17.88 -39.19
C SER D 2 39.01 18.22 -38.42
N TRP D 3 37.84 17.94 -38.99
CA TRP D 3 36.56 18.23 -38.34
C TRP D 3 36.31 17.59 -36.98
N TRP D 4 36.91 16.42 -36.74
CA TRP D 4 36.50 15.57 -35.62
C TRP D 4 37.67 15.29 -34.69
N THR D 5 38.71 16.11 -34.81
CA THR D 5 39.83 16.08 -33.89
C THR D 5 39.38 16.09 -32.41
N HIS D 6 38.30 16.83 -32.12
CA HIS D 6 37.81 16.96 -30.79
CA HIS D 6 37.76 17.05 -30.77
C HIS D 6 36.72 16.02 -30.34
N VAL D 7 36.45 15.01 -31.17
CA VAL D 7 35.41 14.05 -30.78
C VAL D 7 36.06 12.99 -29.90
N GLU D 8 35.62 12.90 -28.64
CA GLU D 8 36.25 11.99 -27.68
C GLU D 8 35.77 10.58 -27.89
N MET D 9 36.64 9.61 -27.59
CA MET D 9 36.25 8.23 -27.52
C MET D 9 35.16 8.13 -26.46
N GLY D 10 34.05 7.48 -26.79
CA GLY D 10 32.93 7.36 -25.87
C GLY D 10 33.26 6.35 -24.77
N PRO D 11 32.54 6.40 -23.63
CA PRO D 11 32.80 5.41 -22.56
C PRO D 11 32.65 3.96 -23.05
N PRO D 12 33.37 3.01 -22.42
CA PRO D 12 33.09 1.63 -22.86
C PRO D 12 31.73 1.16 -22.29
N ASP D 13 30.94 0.50 -23.12
CA ASP D 13 29.61 -0.02 -22.75
C ASP D 13 29.78 -1.27 -21.84
N PRO D 14 29.36 -1.18 -20.54
CA PRO D 14 29.74 -2.23 -19.57
C PRO D 14 29.15 -3.61 -19.87
N ILE D 15 27.91 -3.66 -20.38
CA ILE D 15 27.27 -4.95 -20.63
C ILE D 15 27.98 -5.72 -21.73
N LEU D 16 28.42 -5.00 -22.76
CA LEU D 16 29.22 -5.60 -23.83
C LEU D 16 30.63 -6.02 -23.36
N GLY D 17 31.18 -5.28 -22.40
CA GLY D 17 32.44 -5.61 -21.74
C GLY D 17 32.40 -7.02 -21.18
N VAL D 18 31.35 -7.28 -20.40
CA VAL D 18 31.16 -8.55 -19.75
C VAL D 18 30.99 -9.65 -20.79
N THR D 19 30.24 -9.35 -21.85
CA THR D 19 29.97 -10.37 -22.88
C THR D 19 31.25 -10.77 -23.62
N GLU D 20 32.07 -9.77 -23.92
CA GLU D 20 33.28 -9.98 -24.67
C GLU D 20 34.37 -10.58 -23.79
N ALA D 21 34.45 -10.13 -22.53
CA ALA D 21 35.28 -10.81 -21.52
C ALA D 21 34.88 -12.27 -21.43
N PHE D 22 33.57 -12.55 -21.34
CA PHE D 22 33.11 -13.93 -21.33
C PHE D 22 33.70 -14.72 -22.50
N LYS D 23 33.58 -14.16 -23.70
CA LYS D 23 33.95 -14.87 -24.93
C LYS D 23 35.44 -15.15 -24.93
N ARG D 24 36.22 -14.23 -24.38
CA ARG D 24 37.67 -14.41 -24.28
C ARG D 24 38.13 -15.48 -23.30
N ASP D 25 37.29 -15.83 -22.35
CA ASP D 25 37.70 -16.68 -21.25
C ASP D 25 37.74 -18.11 -21.72
N THR D 26 38.88 -18.78 -21.52
CA THR D 26 39.00 -20.20 -21.93
C THR D 26 38.45 -21.19 -20.89
N ASN D 27 38.15 -20.73 -19.66
CA ASN D 27 37.59 -21.61 -18.62
C ASN D 27 36.34 -22.31 -19.11
N SER D 28 36.41 -23.62 -19.12
CA SER D 28 35.34 -24.41 -19.68
C SER D 28 34.10 -24.45 -18.80
N LYS D 29 34.18 -23.93 -17.57
CA LYS D 29 33.01 -23.89 -16.69
C LYS D 29 32.24 -22.57 -16.88
N LYS D 30 32.80 -21.65 -17.67
CA LYS D 30 32.29 -20.28 -17.83
C LYS D 30 30.80 -20.20 -18.15
N MET D 31 30.18 -19.13 -17.66
CA MET D 31 28.75 -18.91 -17.81
C MET D 31 28.49 -17.46 -18.21
N ASN D 32 27.53 -17.25 -19.09
CA ASN D 32 27.24 -15.87 -19.51
C ASN D 32 25.91 -15.45 -18.98
N LEU D 33 25.94 -14.65 -17.92
CA LEU D 33 24.71 -14.23 -17.25
C LEU D 33 24.49 -12.75 -17.50
N GLY D 34 25.17 -12.23 -18.52
CA GLY D 34 24.96 -10.89 -19.04
C GLY D 34 24.15 -10.97 -20.32
N VAL D 35 23.91 -12.18 -20.82
CA VAL D 35 23.21 -12.33 -22.09
C VAL D 35 21.84 -11.57 -22.03
N GLY D 36 21.54 -10.74 -23.02
CA GLY D 36 20.34 -9.93 -22.94
C GLY D 36 19.19 -10.45 -23.78
N ALA D 37 19.14 -11.77 -24.01
CA ALA D 37 18.11 -12.38 -24.81
C ALA D 37 17.85 -13.80 -24.32
N TYR D 38 16.68 -14.35 -24.63
CA TYR D 38 16.38 -15.74 -24.29
C TYR D 38 17.34 -16.80 -24.92
N ARG D 39 17.72 -17.79 -24.12
CA ARG D 39 18.56 -18.89 -24.60
C ARG D 39 17.87 -20.16 -24.14
N ASP D 40 17.89 -21.20 -24.97
CA ASP D 40 17.29 -22.48 -24.55
C ASP D 40 18.14 -23.24 -23.54
N ASP D 41 17.74 -24.48 -23.24
CA ASP D 41 18.46 -25.27 -22.26
C ASP D 41 19.88 -25.70 -22.65
N ASN D 42 20.28 -25.53 -23.91
CA ASN D 42 21.68 -25.75 -24.32
C ASN D 42 22.46 -24.48 -24.58
N GLY D 43 21.92 -23.37 -24.09
CA GLY D 43 22.56 -22.07 -24.27
C GLY D 43 22.47 -21.51 -25.68
N LYS D 44 21.49 -21.97 -26.48
CA LYS D 44 21.38 -21.58 -27.89
C LYS D 44 20.22 -20.60 -28.16
N PRO D 45 20.38 -19.72 -29.18
CA PRO D 45 19.20 -18.94 -29.63
C PRO D 45 17.99 -19.84 -29.99
N TYR D 46 16.78 -19.28 -29.93
CA TYR D 46 15.56 -20.06 -30.15
C TYR D 46 14.55 -19.26 -30.99
N VAL D 47 14.43 -19.63 -32.26
CA VAL D 47 13.44 -19.05 -33.15
C VAL D 47 12.22 -19.89 -32.89
N LEU D 48 11.08 -19.27 -32.56
CA LEU D 48 9.89 -20.01 -32.17
C LEU D 48 9.36 -20.75 -33.38
N PRO D 49 8.93 -22.01 -33.20
CA PRO D 49 8.34 -22.78 -34.32
C PRO D 49 7.16 -22.08 -34.97
N SER D 50 6.45 -21.28 -34.20
CA SER D 50 5.31 -20.59 -34.76
C SER D 50 5.71 -19.37 -35.63
N VAL D 51 6.89 -18.82 -35.37
CA VAL D 51 7.50 -17.77 -36.22
C VAL D 51 7.95 -18.42 -37.54
N ARG D 52 8.58 -19.60 -37.46
CA ARG D 52 8.93 -20.39 -38.64
C ARG D 52 7.75 -20.60 -39.56
N LYS D 53 6.67 -21.10 -38.96
CA LYS D 53 5.44 -21.39 -39.67
C LYS D 53 4.87 -20.13 -40.34
N ALA D 54 4.88 -19.01 -39.62
CA ALA D 54 4.37 -17.76 -40.17
C ALA D 54 5.20 -17.28 -41.37
N GLU D 55 6.52 -17.34 -41.27
CA GLU D 55 7.42 -17.05 -42.39
C GLU D 55 7.13 -17.92 -43.65
N ALA D 56 6.90 -19.21 -43.44
CA ALA D 56 6.44 -20.10 -44.50
C ALA D 56 5.13 -19.62 -45.12
N GLN D 57 4.12 -19.35 -44.30
CA GLN D 57 2.86 -18.86 -44.86
C GLN D 57 3.12 -17.58 -45.66
N ILE D 58 4.00 -16.72 -45.17
CA ILE D 58 4.26 -15.41 -45.80
C ILE D 58 5.02 -15.56 -47.11
N ALA D 59 6.04 -16.43 -47.09
CA ALA D 59 6.87 -16.70 -48.29
C ALA D 59 5.99 -17.17 -49.46
N ALA D 60 5.01 -18.02 -49.15
CA ALA D 60 4.05 -18.47 -50.13
C ALA D 60 3.21 -17.35 -50.75
N LYS D 61 2.96 -16.25 -50.05
CA LYS D 61 2.06 -15.24 -50.66
C LYS D 61 2.76 -14.35 -51.66
N ASN D 62 4.06 -14.56 -51.80
CA ASN D 62 4.84 -13.84 -52.79
C ASN D 62 4.58 -12.31 -52.69
N LEU D 63 4.73 -11.76 -51.48
CA LEU D 63 4.41 -10.35 -51.23
C LEU D 63 5.47 -9.37 -51.73
N ASP D 64 5.02 -8.16 -52.02
CA ASP D 64 5.94 -7.06 -52.38
C ASP D 64 6.77 -6.55 -51.14
N LYS D 65 7.56 -5.50 -51.35
CA LYS D 65 8.47 -4.93 -50.35
C LYS D 65 8.32 -3.40 -50.31
N GLU D 66 7.12 -2.95 -50.71
CA GLU D 66 6.71 -1.54 -50.73
C GLU D 66 6.65 -0.89 -49.32
N TYR D 67 6.99 0.39 -49.23
CA TYR D 67 6.78 1.20 -48.04
C TYR D 67 5.48 0.89 -47.29
N LEU D 68 5.57 0.72 -45.97
CA LEU D 68 4.38 0.81 -45.13
C LEU D 68 3.98 2.28 -44.96
N PRO D 69 2.72 2.51 -44.55
CA PRO D 69 2.42 3.87 -44.09
C PRO D 69 3.39 4.26 -42.96
N ILE D 70 3.53 5.57 -42.73
CA ILE D 70 4.32 6.13 -41.64
C ILE D 70 4.05 5.39 -40.32
N GLY D 71 2.77 5.24 -39.97
CA GLY D 71 2.43 4.49 -38.75
C GLY D 71 2.45 2.98 -38.85
N GLY D 72 2.86 2.44 -39.98
CA GLY D 72 3.02 0.97 -40.11
C GLY D 72 1.86 0.11 -40.62
N LEU D 73 2.04 -1.22 -40.51
CA LEU D 73 1.05 -2.21 -40.98
C LEU D 73 -0.22 -2.15 -40.13
N ALA D 74 -1.33 -1.80 -40.74
CA ALA D 74 -2.57 -1.56 -40.01
C ALA D 74 -3.07 -2.77 -39.25
N GLU D 75 -2.95 -3.96 -39.84
CA GLU D 75 -3.38 -5.17 -39.13
C GLU D 75 -2.43 -5.51 -37.99
N PHE D 76 -1.16 -5.11 -38.11
CA PHE D 76 -0.27 -5.28 -36.99
C PHE D 76 -0.64 -4.33 -35.84
N CYS D 77 -0.78 -3.03 -36.13
CA CYS D 77 -1.22 -2.07 -35.11
C CYS D 77 -2.49 -2.52 -34.35
N LYS D 78 -3.55 -2.81 -35.10
CA LYS D 78 -4.82 -3.25 -34.53
C LYS D 78 -4.63 -4.50 -33.64
N ALA D 79 -4.09 -5.57 -34.19
CA ALA D 79 -3.87 -6.80 -33.40
C ALA D 79 -2.99 -6.59 -32.16
N SER D 80 -2.05 -5.64 -32.28
CA SER D 80 -1.14 -5.29 -31.20
C SER D 80 -1.85 -4.66 -29.99
N ALA D 81 -2.67 -3.64 -30.27
CA ALA D 81 -3.56 -3.04 -29.28
C ALA D 81 -4.45 -4.09 -28.65
N GLU D 82 -4.98 -5.03 -29.43
CA GLU D 82 -5.87 -6.05 -28.85
C GLU D 82 -5.11 -6.96 -27.91
N LEU D 83 -3.87 -7.28 -28.28
CA LEU D 83 -3.05 -8.12 -27.42
C LEU D 83 -2.81 -7.46 -26.05
N ALA D 84 -2.49 -6.17 -26.07
CA ALA D 84 -2.17 -5.42 -24.86
C ALA D 84 -3.39 -5.26 -23.94
N LEU D 85 -4.53 -4.89 -24.50
CA LEU D 85 -5.72 -4.57 -23.71
C LEU D 85 -6.81 -5.64 -23.63
N GLY D 86 -6.68 -6.74 -24.35
CA GLY D 86 -7.77 -7.69 -24.40
C GLY D 86 -8.74 -7.31 -25.50
N GLU D 87 -9.19 -8.32 -26.23
CA GLU D 87 -10.01 -8.17 -27.44
C GLU D 87 -11.25 -7.29 -27.29
N ASN D 88 -11.96 -7.47 -26.18
CA ASN D 88 -13.22 -6.75 -25.94
C ASN D 88 -13.09 -5.50 -25.06
N ASN D 89 -11.87 -4.99 -24.89
CA ASN D 89 -11.68 -3.77 -24.14
C ASN D 89 -12.50 -2.59 -24.68
N GLU D 90 -13.15 -1.94 -23.76
CA GLU D 90 -13.93 -0.75 -23.99
C GLU D 90 -13.19 0.33 -24.83
N VAL D 91 -11.87 0.40 -24.64
CA VAL D 91 -11.03 1.32 -25.38
C VAL D 91 -11.00 0.97 -26.86
N LEU D 92 -10.76 -0.30 -27.17
CA LEU D 92 -10.89 -0.76 -28.54
C LEU D 92 -12.32 -0.54 -29.09
N LYS D 93 -13.34 -0.90 -28.32
CA LYS D 93 -14.71 -0.81 -28.84
C LYS D 93 -15.16 0.61 -29.16
N SER D 94 -14.73 1.58 -28.38
CA SER D 94 -15.04 2.96 -28.68
C SER D 94 -14.03 3.61 -29.65
N GLY D 95 -12.94 2.88 -29.97
CA GLY D 95 -11.89 3.40 -30.84
C GLY D 95 -11.07 4.55 -30.25
N ARG D 96 -11.10 4.71 -28.93
CA ARG D 96 -10.42 5.85 -28.29
C ARG D 96 -8.90 5.61 -28.06
N PHE D 97 -8.18 5.20 -29.11
CA PHE D 97 -6.74 4.97 -29.02
C PHE D 97 -6.15 5.19 -30.38
N VAL D 98 -4.83 5.21 -30.44
CA VAL D 98 -4.07 5.06 -31.68
C VAL D 98 -2.84 4.23 -31.29
N THR D 99 -2.53 3.28 -32.16
CA THR D 99 -1.36 2.47 -32.03
C THR D 99 -0.59 2.62 -33.34
N VAL D 100 0.67 3.03 -33.23
CA VAL D 100 1.57 3.18 -34.36
C VAL D 100 2.67 2.15 -34.14
N GLN D 101 3.18 1.61 -35.26
CA GLN D 101 4.22 0.58 -35.26
C GLN D 101 5.51 1.36 -35.11
N THR D 102 6.46 0.79 -34.37
CA THR D 102 7.72 1.47 -34.09
C THR D 102 8.89 0.48 -34.25
N ILE D 103 10.10 0.98 -34.11
CA ILE D 103 11.26 0.13 -34.23
C ILE D 103 11.46 -0.58 -32.90
N SER D 104 10.67 -1.63 -32.70
CA SER D 104 10.66 -2.39 -31.45
C SER D 104 10.32 -1.51 -30.23
N GLY D 105 10.67 -1.99 -29.05
CA GLY D 105 10.36 -1.27 -27.83
C GLY D 105 11.11 0.05 -27.62
N THR D 106 12.40 0.04 -27.90
CA THR D 106 13.17 1.26 -27.89
C THR D 106 12.56 2.33 -28.78
N GLY D 107 12.16 1.94 -29.99
CA GLY D 107 11.63 2.91 -30.96
C GLY D 107 10.33 3.48 -30.45
N ALA D 108 9.55 2.64 -29.79
CA ALA D 108 8.32 3.09 -29.16
C ALA D 108 8.64 4.07 -28.01
N LEU D 109 9.60 3.72 -27.17
CA LEU D 109 9.95 4.63 -26.10
C LEU D 109 10.37 5.99 -26.70
N ARG D 110 11.13 5.97 -27.80
CA ARG D 110 11.65 7.23 -28.33
C ARG D 110 10.53 8.07 -28.95
N VAL D 111 9.64 7.42 -29.70
CA VAL D 111 8.51 8.13 -30.27
C VAL D 111 7.63 8.72 -29.15
N GLY D 112 7.31 7.91 -28.13
CA GLY D 112 6.57 8.43 -26.95
C GLY D 112 7.26 9.63 -26.37
N ALA D 113 8.58 9.52 -26.20
CA ALA D 113 9.33 10.60 -25.63
C ALA D 113 9.20 11.86 -26.49
N SER D 114 9.32 11.72 -27.81
CA SER D 114 9.32 12.90 -28.65
C SER D 114 7.95 13.55 -28.66
N PHE D 115 6.91 12.72 -28.55
CA PHE D 115 5.55 13.18 -28.42
C PHE D 115 5.36 13.99 -27.13
N LEU D 116 5.81 13.45 -25.98
CA LEU D 116 5.81 14.19 -24.71
C LEU D 116 6.57 15.50 -24.85
N GLN D 117 7.73 15.46 -25.49
CA GLN D 117 8.49 16.67 -25.57
C GLN D 117 7.68 17.78 -26.29
N ARG D 118 7.05 17.44 -27.41
CA ARG D 118 6.34 18.44 -28.19
C ARG D 118 4.93 18.76 -27.61
N PHE D 119 4.22 17.78 -27.06
CA PHE D 119 2.81 18.01 -26.69
C PHE D 119 2.46 17.96 -25.20
N PHE D 120 3.36 17.47 -24.36
CA PHE D 120 3.01 17.31 -22.95
C PHE D 120 3.47 18.57 -22.25
N LYS D 121 2.64 19.59 -22.32
CA LYS D 121 3.01 20.90 -21.84
C LYS D 121 2.99 21.00 -20.32
N PHE D 122 2.46 20.00 -19.63
CA PHE D 122 2.31 20.05 -18.20
C PHE D 122 3.60 19.81 -17.43
N SER D 123 4.63 19.30 -18.10
CA SER D 123 5.80 18.88 -17.38
C SER D 123 6.95 18.57 -18.32
N ARG D 124 8.20 18.79 -17.86
CA ARG D 124 9.38 18.31 -18.57
C ARG D 124 9.97 17.07 -17.91
N ASP D 125 9.29 16.57 -16.87
CA ASP D 125 9.85 15.56 -15.99
C ASP D 125 9.31 14.16 -16.15
N VAL D 126 10.22 13.20 -16.32
CA VAL D 126 9.84 11.79 -16.41
C VAL D 126 10.40 11.05 -15.20
N PHE D 127 9.53 10.49 -14.38
CA PHE D 127 10.02 9.83 -13.18
C PHE D 127 10.24 8.37 -13.49
N LEU D 128 11.48 7.92 -13.30
CA LEU D 128 11.94 6.54 -13.53
C LEU D 128 12.08 5.80 -12.22
N PRO D 129 11.74 4.50 -12.21
CA PRO D 129 12.07 3.73 -10.98
C PRO D 129 13.58 3.68 -10.78
N LYS D 130 14.00 3.55 -9.52
CA LYS D 130 15.40 3.25 -9.11
C LYS D 130 15.54 1.78 -8.72
N PRO D 131 16.30 1.00 -9.51
CA PRO D 131 16.92 1.39 -10.77
C PRO D 131 15.90 1.24 -11.92
N SER D 132 16.26 1.67 -13.12
CA SER D 132 15.45 1.40 -14.30
C SER D 132 16.31 0.84 -15.41
N TRP D 133 15.72 0.51 -16.57
CA TRP D 133 16.47 0.12 -17.76
C TRP D 133 17.45 1.22 -18.12
N GLY D 134 18.72 0.87 -18.31
CA GLY D 134 19.76 1.90 -18.55
C GLY D 134 19.47 2.83 -19.73
N ASN D 135 18.87 2.32 -20.80
CA ASN D 135 18.55 3.11 -22.03
C ASN D 135 17.39 4.13 -21.80
N HIS D 136 16.52 3.89 -20.79
CA HIS D 136 15.47 4.89 -20.45
C HIS D 136 16.00 6.31 -20.32
N THR D 137 17.15 6.48 -19.66
CA THR D 137 17.66 7.83 -19.41
C THR D 137 18.09 8.57 -20.68
N PRO D 138 19.01 7.97 -21.47
CA PRO D 138 19.36 8.70 -22.68
C PRO D 138 18.20 8.80 -23.73
N ILE D 139 17.32 7.82 -23.79
CA ILE D 139 16.15 7.98 -24.65
C ILE D 139 15.41 9.31 -24.38
N PHE D 140 15.01 9.53 -23.11
CA PHE D 140 14.18 10.69 -22.76
C PHE D 140 14.99 11.96 -22.80
N ARG D 141 16.28 11.82 -22.50
CA ARG D 141 17.13 12.98 -22.53
C ARG D 141 17.35 13.46 -23.97
N ASP D 142 17.81 12.57 -24.85
CA ASP D 142 18.02 12.94 -26.24
C ASP D 142 16.69 13.47 -26.85
N ALA D 143 15.57 13.09 -26.25
CA ALA D 143 14.30 13.55 -26.78
C ALA D 143 13.93 14.94 -26.27
N GLY D 144 14.71 15.50 -25.36
CA GLY D 144 14.45 16.82 -24.85
C GLY D 144 13.63 16.88 -23.57
N MET D 145 13.55 15.76 -22.83
CA MET D 145 12.90 15.71 -21.52
C MET D 145 13.93 15.55 -20.38
N GLN D 146 13.49 15.74 -19.13
CA GLN D 146 14.35 15.52 -17.94
C GLN D 146 13.89 14.29 -17.18
N LEU D 147 14.89 13.67 -16.54
CA LEU D 147 14.72 12.47 -15.73
C LEU D 147 14.71 12.77 -14.23
N GLN D 148 13.82 12.07 -13.52
CA GLN D 148 13.78 12.07 -12.07
C GLN D 148 13.62 10.61 -11.65
N GLY D 149 13.71 10.34 -10.34
CA GLY D 149 13.62 8.96 -9.85
C GLY D 149 12.62 8.80 -8.72
N TYR D 150 12.18 7.56 -8.48
CA TYR D 150 11.38 7.22 -7.32
C TYR D 150 11.85 5.86 -6.82
N ARG D 151 11.74 5.66 -5.50
CA ARG D 151 12.31 4.46 -4.92
C ARG D 151 11.48 3.28 -5.43
N TYR D 152 12.13 2.14 -5.65
CA TYR D 152 11.45 1.02 -6.27
C TYR D 152 11.99 -0.26 -5.70
N TYR D 153 13.26 -0.49 -5.95
CA TYR D 153 13.93 -1.68 -5.46
C TYR D 153 14.35 -1.42 -4.03
N ASP D 154 14.18 -2.43 -3.19
CA ASP D 154 14.56 -2.33 -1.80
C ASP D 154 15.75 -3.23 -1.61
N PRO D 155 16.94 -2.66 -1.48
CA PRO D 155 18.11 -3.50 -1.31
C PRO D 155 18.09 -4.31 0.01
N LYS D 156 17.24 -3.96 0.98
CA LYS D 156 17.23 -4.79 2.21
C LYS D 156 16.51 -6.11 2.03
N THR D 157 15.62 -6.21 1.04
CA THR D 157 14.84 -7.45 0.88
C THR D 157 15.03 -8.03 -0.49
N CYS D 158 15.57 -7.23 -1.41
CA CYS D 158 15.67 -7.60 -2.84
C CYS D 158 14.29 -7.73 -3.43
N GLY D 159 13.32 -7.08 -2.76
CA GLY D 159 11.96 -6.98 -3.23
C GLY D 159 11.60 -5.52 -3.48
N PHE D 160 10.28 -5.25 -3.48
CA PHE D 160 9.67 -3.99 -3.81
C PHE D 160 9.62 -3.09 -2.56
N ASP D 161 10.28 -1.93 -2.60
CA ASP D 161 10.20 -0.95 -1.52
C ASP D 161 8.85 -0.22 -1.64
N PHE D 162 7.80 -0.91 -1.23
CA PHE D 162 6.45 -0.40 -1.39
C PHE D 162 6.28 0.93 -0.65
N SER D 163 6.79 0.99 0.59
CA SER D 163 6.60 2.22 1.35
C SER D 163 7.49 3.35 0.82
N GLY D 164 8.68 3.01 0.34
CA GLY D 164 9.50 4.06 -0.29
C GLY D 164 8.80 4.62 -1.52
N ALA D 165 8.22 3.71 -2.31
CA ALA D 165 7.61 4.04 -3.62
C ALA D 165 6.40 4.92 -3.45
N LEU D 166 5.50 4.49 -2.58
CA LEU D 166 4.27 5.19 -2.27
C LEU D 166 4.56 6.59 -1.77
N GLU D 167 5.54 6.71 -0.90
CA GLU D 167 5.94 8.03 -0.41
C GLU D 167 6.43 8.96 -1.55
N ASP D 168 7.35 8.46 -2.36
CA ASP D 168 8.02 9.24 -3.39
C ASP D 168 6.99 9.66 -4.44
N ILE D 169 6.15 8.72 -4.84
CA ILE D 169 5.17 8.91 -5.87
C ILE D 169 4.10 9.88 -5.38
N SER D 170 3.70 9.78 -4.13
CA SER D 170 2.65 10.67 -3.69
C SER D 170 3.20 12.08 -3.52
N LYS D 171 4.52 12.24 -3.67
CA LYS D 171 5.08 13.60 -3.65
C LYS D 171 5.57 14.10 -5.00
N ILE D 172 5.37 13.30 -6.05
CA ILE D 172 5.58 13.80 -7.38
C ILE D 172 4.61 14.99 -7.66
N PRO D 173 5.14 16.14 -8.17
CA PRO D 173 4.24 17.25 -8.51
C PRO D 173 3.16 16.81 -9.51
N GLU D 174 1.95 17.34 -9.36
CA GLU D 174 0.77 16.89 -10.11
C GLU D 174 1.06 16.97 -11.62
N GLN D 175 0.50 16.05 -12.40
CA GLN D 175 0.65 16.11 -13.86
C GLN D 175 2.10 15.97 -14.32
N SER D 176 2.94 15.31 -13.54
CA SER D 176 4.25 14.90 -14.01
C SER D 176 4.08 13.60 -14.75
N VAL D 177 5.15 13.18 -15.44
CA VAL D 177 5.17 11.87 -16.05
C VAL D 177 5.77 10.80 -15.13
N LEU D 178 5.02 9.72 -14.98
CA LEU D 178 5.45 8.58 -14.18
C LEU D 178 5.69 7.40 -15.10
N LEU D 179 6.92 6.89 -15.22
CA LEU D 179 7.18 5.69 -16.04
C LEU D 179 7.07 4.42 -15.21
N LEU D 180 6.38 3.42 -15.74
CA LEU D 180 6.15 2.19 -15.03
C LEU D 180 6.46 0.98 -15.91
N HIS D 181 7.22 0.04 -15.38
CA HIS D 181 7.40 -1.25 -16.06
C HIS D 181 6.11 -2.08 -15.89
N ALA D 182 5.48 -2.48 -16.99
CA ALA D 182 4.21 -3.24 -16.90
C ALA D 182 4.33 -4.55 -16.08
N CYS D 183 5.44 -5.28 -16.27
CA CYS D 183 5.77 -6.49 -15.54
C CYS D 183 7.21 -6.87 -15.90
N ALA D 184 7.75 -7.89 -15.23
CA ALA D 184 9.15 -8.32 -15.41
C ALA D 184 10.05 -7.08 -15.42
N HIS D 185 10.13 -6.40 -14.30
CA HIS D 185 10.93 -5.17 -14.23
C HIS D 185 12.37 -5.47 -14.57
N ASN D 186 12.95 -4.64 -15.40
CA ASN D 186 14.34 -4.81 -15.83
C ASN D 186 15.08 -3.62 -15.24
N PRO D 187 16.16 -3.83 -14.44
CA PRO D 187 16.93 -5.04 -14.27
C PRO D 187 16.67 -5.90 -13.04
N THR D 188 15.65 -5.62 -12.24
CA THR D 188 15.60 -6.32 -10.93
C THR D 188 14.76 -7.59 -10.86
N GLY D 189 13.84 -7.77 -11.79
CA GLY D 189 12.84 -8.79 -11.64
C GLY D 189 11.78 -8.48 -10.58
N VAL D 190 11.91 -7.36 -9.86
CA VAL D 190 10.93 -7.03 -8.83
C VAL D 190 9.60 -6.43 -9.37
N ASP D 191 8.46 -7.09 -9.16
CA ASP D 191 7.15 -6.52 -9.57
C ASP D 191 6.24 -6.14 -8.40
N PRO D 192 5.41 -5.08 -8.54
CA PRO D 192 4.40 -4.99 -7.48
C PRO D 192 3.45 -6.16 -7.66
N ARG D 193 2.86 -6.64 -6.57
CA ARG D 193 1.77 -7.62 -6.61
C ARG D 193 0.54 -6.88 -7.18
N PRO D 194 -0.47 -7.62 -7.66
CA PRO D 194 -1.70 -6.92 -8.10
C PRO D 194 -2.35 -5.93 -7.08
N GLU D 195 -2.44 -6.33 -5.82
CA GLU D 195 -2.97 -5.44 -4.77
C GLU D 195 -2.12 -4.19 -4.59
N GLN D 196 -0.82 -4.28 -4.87
CA GLN D 196 0.04 -3.12 -4.70
C GLN D 196 -0.18 -2.14 -5.84
N TRP D 197 -0.28 -2.67 -7.05
CA TRP D 197 -0.65 -1.89 -8.23
C TRP D 197 -1.97 -1.10 -8.00
N LYS D 198 -2.91 -1.72 -7.29
CA LYS D 198 -4.14 -1.03 -6.92
C LYS D 198 -3.85 0.26 -6.19
N GLU D 199 -3.03 0.18 -5.14
CA GLU D 199 -2.64 1.36 -4.38
C GLU D 199 -1.86 2.39 -5.21
N ILE D 200 -1.04 1.93 -6.14
CA ILE D 200 -0.26 2.89 -6.93
C ILE D 200 -1.22 3.67 -7.87
N ALA D 201 -2.11 2.94 -8.54
CA ALA D 201 -3.08 3.57 -9.44
C ALA D 201 -3.89 4.66 -8.69
N SER D 202 -4.28 4.36 -7.46
CA SER D 202 -5.01 5.29 -6.64
C SER D 202 -4.30 6.62 -6.50
N VAL D 203 -3.01 6.54 -6.17
CA VAL D 203 -2.23 7.76 -6.00
C VAL D 203 -2.01 8.47 -7.34
N VAL D 204 -1.87 7.69 -8.41
CA VAL D 204 -1.60 8.22 -9.74
C VAL D 204 -2.84 8.97 -10.14
N LYS D 205 -3.99 8.35 -9.86
CA LYS D 205 -5.28 8.93 -10.20
C LYS D 205 -5.48 10.24 -9.45
N LYS D 206 -5.04 10.29 -8.18
CA LYS D 206 -5.23 11.45 -7.32
C LYS D 206 -4.26 12.59 -7.48
N LYS D 207 -2.99 12.32 -7.73
CA LYS D 207 -2.08 13.39 -8.14
C LYS D 207 -2.22 13.76 -9.62
N ASN D 208 -3.17 13.14 -10.32
CA ASN D 208 -3.34 13.38 -11.74
C ASN D 208 -1.97 13.23 -12.43
N LEU D 209 -1.33 12.07 -12.24
CA LEU D 209 -0.07 11.83 -12.92
C LEU D 209 -0.35 11.23 -14.30
N PHE D 210 0.57 11.49 -15.24
CA PHE D 210 0.51 10.80 -16.51
C PHE D 210 1.28 9.48 -16.42
N ALA D 211 0.59 8.36 -16.62
CA ALA D 211 1.18 7.04 -16.53
C ALA D 211 1.69 6.55 -17.88
N PHE D 212 3.00 6.35 -17.98
CA PHE D 212 3.69 5.89 -19.17
C PHE D 212 4.21 4.43 -18.90
N PHE D 213 3.60 3.42 -19.53
CA PHE D 213 3.99 2.03 -19.31
C PHE D 213 4.92 1.51 -20.41
N ASP D 214 5.98 0.86 -19.95
CA ASP D 214 6.91 0.12 -20.78
C ASP D 214 6.57 -1.35 -20.59
N MET D 215 6.11 -1.98 -21.67
CA MET D 215 5.69 -3.39 -21.56
C MET D 215 6.47 -4.26 -22.51
N ALA D 216 7.70 -4.63 -22.15
CA ALA D 216 8.51 -5.41 -23.08
C ALA D 216 8.39 -6.92 -22.92
N TYR D 217 7.66 -7.40 -21.90
CA TYR D 217 7.70 -8.81 -21.55
C TYR D 217 6.35 -9.50 -21.42
N GLN D 218 5.32 -8.96 -22.05
CA GLN D 218 4.01 -9.58 -21.93
C GLN D 218 4.04 -11.06 -22.38
N GLY D 219 3.50 -11.92 -21.54
CA GLY D 219 3.41 -13.36 -21.79
C GLY D 219 4.71 -14.00 -21.35
N PHE D 220 5.82 -13.39 -21.77
CA PHE D 220 7.17 -13.91 -21.57
C PHE D 220 7.52 -13.93 -20.08
N ALA D 221 7.11 -12.89 -19.36
CA ALA D 221 7.28 -12.75 -17.92
C ALA D 221 6.77 -13.97 -17.14
N SER D 222 5.47 -14.19 -17.14
CA SER D 222 4.87 -15.24 -16.32
C SER D 222 4.33 -16.46 -17.09
N GLY D 223 4.20 -16.35 -18.41
CA GLY D 223 3.64 -17.42 -19.23
C GLY D 223 2.17 -17.15 -19.49
N ASP D 224 1.65 -16.08 -18.90
CA ASP D 224 0.23 -15.72 -19.00
C ASP D 224 0.10 -14.21 -19.38
N GLY D 225 -0.26 -13.99 -20.65
CA GLY D 225 -0.38 -12.66 -21.23
C GLY D 225 -1.39 -11.76 -20.54
N ASP D 226 -2.53 -12.33 -20.17
CA ASP D 226 -3.51 -11.63 -19.33
C ASP D 226 -3.00 -11.19 -17.96
N LYS D 227 -2.30 -12.06 -17.24
CA LYS D 227 -1.73 -11.62 -15.97
C LYS D 227 -0.64 -10.57 -16.16
N ASP D 228 0.21 -10.78 -17.15
CA ASP D 228 1.31 -9.87 -17.40
C ASP D 228 0.80 -8.46 -17.77
N ALA D 229 -0.35 -8.37 -18.45
CA ALA D 229 -0.91 -7.06 -18.88
C ALA D 229 -1.92 -6.50 -17.90
N TRP D 230 -2.14 -7.22 -16.80
CA TRP D 230 -3.15 -6.84 -15.80
C TRP D 230 -3.04 -5.40 -15.30
N ALA D 231 -1.83 -4.91 -15.01
CA ALA D 231 -1.72 -3.60 -14.37
C ALA D 231 -2.06 -2.47 -15.31
N VAL D 232 -1.59 -2.60 -16.54
CA VAL D 232 -1.92 -1.66 -17.59
C VAL D 232 -3.44 -1.55 -17.70
N ARG D 233 -4.10 -2.71 -17.80
CA ARG D 233 -5.55 -2.77 -18.05
C ARG D 233 -6.31 -2.19 -16.88
N HIS D 234 -5.72 -2.34 -15.70
CA HIS D 234 -6.34 -1.89 -14.51
C HIS D 234 -6.23 -0.40 -14.43
N PHE D 235 -5.05 0.15 -14.76
CA PHE D 235 -4.90 1.62 -14.70
C PHE D 235 -5.97 2.22 -15.61
N ILE D 236 -6.07 1.67 -16.83
CA ILE D 236 -7.03 2.16 -17.83
C ILE D 236 -8.47 2.06 -17.30
N GLU D 237 -8.82 0.91 -16.74
CA GLU D 237 -10.16 0.77 -16.22
C GLU D 237 -10.44 1.69 -15.00
N GLN D 238 -9.39 2.17 -14.35
CA GLN D 238 -9.55 3.13 -13.25
C GLN D 238 -9.57 4.55 -13.79
N GLY D 239 -9.59 4.71 -15.11
CA GLY D 239 -9.72 6.05 -15.66
C GLY D 239 -8.46 6.78 -16.02
N ILE D 240 -7.32 6.08 -16.02
CA ILE D 240 -6.04 6.69 -16.31
C ILE D 240 -5.74 6.41 -17.78
N ASN D 241 -5.64 7.45 -18.59
CA ASN D 241 -5.42 7.30 -20.03
C ASN D 241 -3.93 7.19 -20.27
N VAL D 242 -3.46 5.95 -20.18
CA VAL D 242 -2.04 5.63 -20.26
C VAL D 242 -1.49 5.83 -21.66
N CYS D 243 -0.17 5.90 -21.74
CA CYS D 243 0.45 5.54 -22.99
C CYS D 243 1.29 4.26 -22.76
N LEU D 244 1.67 3.60 -23.85
CA LEU D 244 2.18 2.25 -23.78
C LEU D 244 3.16 1.85 -24.91
N CYS D 245 4.28 1.26 -24.50
CA CYS D 245 5.31 0.78 -25.42
C CYS D 245 5.23 -0.71 -25.46
N GLN D 246 5.10 -1.30 -26.65
CA GLN D 246 5.18 -2.76 -26.72
C GLN D 246 6.40 -3.24 -27.49
N SER D 247 6.93 -4.39 -27.09
CA SER D 247 8.03 -5.02 -27.80
C SER D 247 7.63 -6.46 -28.11
N TYR D 248 7.96 -6.93 -29.32
CA TYR D 248 7.87 -8.37 -29.65
C TYR D 248 9.26 -9.04 -29.70
N ALA D 249 10.29 -8.34 -29.24
CA ALA D 249 11.63 -8.92 -29.16
C ALA D 249 11.72 -10.25 -28.39
N LYS D 250 11.19 -10.31 -27.17
CA LYS D 250 11.30 -11.54 -26.40
C LYS D 250 10.13 -12.48 -26.58
N ASN D 251 8.89 -11.97 -26.48
CA ASN D 251 7.75 -12.88 -26.55
C ASN D 251 7.54 -13.58 -27.89
N MET D 252 8.04 -13.00 -28.98
CA MET D 252 8.09 -13.75 -30.27
C MET D 252 9.53 -14.04 -30.69
N GLY D 253 10.49 -13.64 -29.87
CA GLY D 253 11.87 -13.86 -30.22
C GLY D 253 12.22 -13.22 -31.54
N LEU D 254 11.58 -12.07 -31.83
CA LEU D 254 11.89 -11.22 -33.01
C LEU D 254 12.94 -10.14 -32.80
N TYR D 255 13.66 -10.18 -31.70
CA TYR D 255 14.86 -9.32 -31.48
C TYR D 255 15.35 -8.43 -32.61
N GLY D 256 16.10 -9.00 -33.54
CA GLY D 256 16.70 -8.24 -34.63
C GLY D 256 15.77 -7.82 -35.78
N GLU D 257 14.53 -8.33 -35.80
CA GLU D 257 13.55 -7.83 -36.78
C GLU D 257 12.96 -6.46 -36.38
N ARG D 258 13.13 -6.07 -35.10
CA ARG D 258 12.68 -4.76 -34.56
C ARG D 258 11.18 -4.51 -34.63
N VAL D 259 10.41 -5.23 -33.85
CA VAL D 259 8.98 -5.13 -33.99
C VAL D 259 8.36 -4.63 -32.70
N GLY D 260 7.74 -3.45 -32.75
CA GLY D 260 7.12 -2.85 -31.58
C GLY D 260 5.93 -1.99 -31.97
N ALA D 261 5.36 -1.33 -30.97
CA ALA D 261 4.19 -0.49 -31.15
C ALA D 261 4.06 0.47 -29.98
N PHE D 262 3.65 1.69 -30.27
CA PHE D 262 3.40 2.70 -29.27
C PHE D 262 1.91 3.08 -29.32
N THR D 263 1.27 3.05 -28.16
CA THR D 263 -0.16 3.24 -28.06
C THR D 263 -0.45 4.36 -27.10
N VAL D 264 -1.33 5.26 -27.53
CA VAL D 264 -1.83 6.33 -26.67
C VAL D 264 -3.35 6.12 -26.47
N VAL D 265 -3.79 5.89 -25.22
CA VAL D 265 -5.19 5.78 -24.90
C VAL D 265 -5.70 7.20 -24.74
N CYS D 266 -6.78 7.54 -25.46
CA CYS D 266 -7.30 8.92 -25.52
C CYS D 266 -8.74 8.98 -25.03
N LYS D 267 -9.28 10.20 -24.94
CA LYS D 267 -10.64 10.40 -24.44
C LYS D 267 -11.71 9.85 -25.40
N ASP D 268 -11.42 9.95 -26.71
CA ASP D 268 -12.35 9.49 -27.75
C ASP D 268 -11.63 9.33 -29.10
N ALA D 269 -12.33 8.75 -30.05
CA ALA D 269 -11.75 8.50 -31.35
C ALA D 269 -11.26 9.82 -31.97
N GLU D 270 -12.04 10.90 -31.84
CA GLU D 270 -11.62 12.19 -32.38
C GLU D 270 -10.22 12.63 -31.87
N GLU D 271 -9.99 12.45 -30.57
CA GLU D 271 -8.73 12.85 -29.99
C GLU D 271 -7.62 11.95 -30.53
N ALA D 272 -7.87 10.64 -30.52
CA ALA D 272 -6.94 9.70 -31.12
C ALA D 272 -6.48 10.08 -32.55
N LYS D 273 -7.40 10.58 -33.39
CA LYS D 273 -7.07 10.98 -34.78
C LYS D 273 -6.07 12.11 -34.80
N ARG D 274 -6.32 13.10 -33.96
CA ARG D 274 -5.43 14.23 -33.85
C ARG D 274 -4.05 13.80 -33.38
N VAL D 275 -4.03 13.00 -32.31
CA VAL D 275 -2.77 12.47 -31.78
C VAL D 275 -2.05 11.66 -32.87
N GLU D 276 -2.82 10.80 -33.54
CA GLU D 276 -2.29 10.06 -34.69
C GLU D 276 -1.59 10.97 -35.71
N SER D 277 -2.16 12.11 -36.08
CA SER D 277 -1.50 12.86 -37.16
C SER D 277 -0.16 13.40 -36.69
N GLN D 278 -0.12 13.78 -35.43
CA GLN D 278 1.08 14.36 -34.85
C GLN D 278 2.21 13.33 -34.60
N LEU D 279 1.84 12.11 -34.25
CA LEU D 279 2.84 11.05 -34.18
C LEU D 279 3.44 10.84 -35.55
N LYS D 280 2.59 10.84 -36.57
CA LYS D 280 3.09 10.67 -37.94
C LYS D 280 4.05 11.78 -38.31
N ILE D 281 3.77 13.02 -37.86
CA ILE D 281 4.68 14.13 -38.15
C ILE D 281 6.02 13.95 -37.42
N LEU D 282 6.02 13.28 -36.28
CA LEU D 282 7.28 13.04 -35.57
C LEU D 282 8.06 11.83 -36.13
N ILE D 283 7.36 10.82 -36.61
CA ILE D 283 8.02 9.63 -37.09
C ILE D 283 8.74 9.85 -38.44
N ARG D 284 8.07 10.59 -39.35
CA ARG D 284 8.58 10.69 -40.71
C ARG D 284 10.03 11.22 -40.73
N PRO D 285 10.34 12.24 -39.89
CA PRO D 285 11.71 12.74 -39.81
C PRO D 285 12.65 11.95 -38.86
N LEU D 286 12.16 10.87 -38.31
CA LEU D 286 12.99 9.96 -37.60
C LEU D 286 13.49 8.90 -38.55
N TYR D 287 12.58 8.23 -39.22
CA TYR D 287 13.00 7.12 -40.10
C TYR D 287 12.02 6.82 -41.26
N SER D 288 11.08 7.75 -41.54
CA SER D 288 10.03 7.64 -42.61
C SER D 288 8.92 6.64 -42.41
N ASN D 289 9.27 5.37 -42.29
CA ASN D 289 8.27 4.36 -42.10
C ASN D 289 8.95 3.10 -41.53
N PRO D 290 8.18 2.19 -40.91
CA PRO D 290 8.87 1.14 -40.18
C PRO D 290 9.11 -0.10 -41.04
N PRO D 291 10.01 -0.99 -40.59
CA PRO D 291 10.27 -2.21 -41.37
C PRO D 291 9.13 -3.23 -41.33
N LEU D 292 9.01 -3.91 -42.45
CA LEU D 292 7.97 -4.76 -42.92
C LEU D 292 7.99 -6.18 -42.38
N ASN D 293 9.17 -6.78 -42.39
CA ASN D 293 9.32 -8.20 -42.22
C ASN D 293 8.77 -8.74 -40.89
N GLY D 294 9.12 -8.09 -39.78
CA GLY D 294 8.68 -8.57 -38.48
C GLY D 294 7.22 -8.27 -38.21
N ALA D 295 6.72 -7.17 -38.77
CA ALA D 295 5.34 -6.79 -38.56
C ALA D 295 4.45 -7.80 -39.29
N ARG D 296 4.83 -8.18 -40.51
CA ARG D 296 4.09 -9.19 -41.25
C ARG D 296 4.01 -10.47 -40.45
N ILE D 297 5.13 -10.87 -39.85
CA ILE D 297 5.20 -12.09 -39.04
C ILE D 297 4.32 -11.97 -37.81
N ALA D 298 4.48 -10.89 -37.03
CA ALA D 298 3.70 -10.74 -35.81
C ALA D 298 2.20 -10.69 -36.13
N ALA D 299 1.79 -9.93 -37.15
CA ALA D 299 0.37 -9.88 -37.55
C ALA D 299 -0.21 -11.26 -37.95
N THR D 300 0.61 -12.05 -38.66
CA THR D 300 0.19 -13.34 -39.17
C THR D 300 -0.07 -14.28 -37.99
N ILE D 301 0.78 -14.20 -36.97
CA ILE D 301 0.53 -14.95 -35.75
C ILE D 301 -0.67 -14.35 -34.99
N LEU D 302 -0.71 -13.04 -34.82
CA LEU D 302 -1.74 -12.54 -33.94
C LEU D 302 -3.15 -12.79 -34.49
N THR D 303 -3.30 -12.79 -35.81
CA THR D 303 -4.62 -12.81 -36.42
C THR D 303 -5.09 -14.20 -36.91
N SER D 304 -4.30 -15.25 -36.70
CA SER D 304 -4.69 -16.62 -37.01
C SER D 304 -4.96 -17.32 -35.69
N PRO D 305 -6.22 -17.79 -35.45
CA PRO D 305 -6.41 -18.33 -34.08
C PRO D 305 -5.56 -19.58 -33.78
N ASP D 306 -5.26 -20.38 -34.79
CA ASP D 306 -4.46 -21.56 -34.59
C ASP D 306 -2.99 -21.24 -34.32
N LEU D 307 -2.46 -20.25 -35.05
CA LEU D 307 -1.06 -19.86 -34.86
C LEU D 307 -0.83 -19.13 -33.55
N ARG D 308 -1.82 -18.32 -33.19
CA ARG D 308 -1.76 -17.48 -32.01
C ARG D 308 -1.73 -18.36 -30.75
N LYS D 309 -2.65 -19.32 -30.71
CA LYS D 309 -2.70 -20.31 -29.64
C LYS D 309 -1.40 -21.13 -29.59
N GLN D 310 -0.87 -21.54 -30.74
CA GLN D 310 0.43 -22.20 -30.74
C GLN D 310 1.53 -21.28 -30.21
N TRP D 311 1.51 -20.02 -30.63
CA TRP D 311 2.53 -19.05 -30.20
C TRP D 311 2.52 -18.90 -28.69
N LEU D 312 1.33 -18.77 -28.10
CA LEU D 312 1.19 -18.59 -26.66
C LEU D 312 1.68 -19.79 -25.83
N GLN D 313 1.57 -21.00 -26.37
CA GLN D 313 2.10 -22.17 -25.68
C GLN D 313 3.60 -22.13 -25.71
N GLU D 314 4.17 -21.59 -26.78
CA GLU D 314 5.61 -21.52 -26.89
C GLU D 314 6.16 -20.46 -25.97
N VAL D 315 5.42 -19.36 -25.83
CA VAL D 315 5.74 -18.26 -24.91
C VAL D 315 5.76 -18.79 -23.48
N LYS D 316 4.75 -19.59 -23.16
CA LYS D 316 4.66 -20.25 -21.86
C LYS D 316 5.86 -21.17 -21.60
N GLY D 317 6.28 -21.93 -22.62
CA GLY D 317 7.44 -22.82 -22.51
C GLY D 317 8.69 -22.09 -22.01
N MET D 318 9.00 -20.96 -22.65
CA MET D 318 10.07 -20.06 -22.29
C MET D 318 9.91 -19.49 -20.88
N ALA D 319 8.72 -18.99 -20.55
CA ALA D 319 8.47 -18.48 -19.20
C ALA D 319 8.78 -19.58 -18.16
N ASP D 320 8.30 -20.80 -18.45
CA ASP D 320 8.48 -21.97 -17.58
C ASP D 320 9.96 -22.34 -17.49
N ARG D 321 10.72 -22.25 -18.58
CA ARG D 321 12.14 -22.59 -18.44
C ARG D 321 12.78 -21.61 -17.46
N ILE D 322 12.50 -20.32 -17.65
CA ILE D 322 12.99 -19.28 -16.75
C ILE D 322 12.57 -19.48 -15.28
N ILE D 323 11.28 -19.71 -15.04
CA ILE D 323 10.80 -20.00 -13.67
C ILE D 323 11.53 -21.23 -13.09
N SER D 324 11.71 -22.24 -13.93
CA SER D 324 12.32 -23.48 -13.54
C SER D 324 13.75 -23.33 -13.05
N MET D 325 14.51 -22.46 -13.73
CA MET D 325 15.88 -22.12 -13.35
C MET D 325 15.95 -21.33 -12.06
N ARG D 326 15.01 -20.40 -11.90
CA ARG D 326 14.86 -19.67 -10.64
C ARG D 326 14.57 -20.68 -9.50
N THR D 327 13.60 -21.57 -9.70
CA THR D 327 13.31 -22.59 -8.70
C THR D 327 14.54 -23.46 -8.40
N GLN D 328 15.22 -23.93 -9.45
CA GLN D 328 16.34 -24.85 -9.26
C GLN D 328 17.52 -24.14 -8.62
N LEU D 329 17.73 -22.89 -8.98
CA LEU D 329 18.77 -22.11 -8.31
C LEU D 329 18.58 -22.03 -6.79
N VAL D 330 17.40 -21.65 -6.34
CA VAL D 330 17.08 -21.55 -4.92
C VAL D 330 17.22 -22.90 -4.19
N SER D 331 16.69 -23.94 -4.81
CA SER D 331 16.77 -25.27 -4.27
C SER D 331 18.24 -25.74 -4.08
N ASN D 332 19.09 -25.48 -5.07
CA ASN D 332 20.47 -25.89 -4.98
C ASN D 332 21.25 -25.07 -3.99
N LEU D 333 20.90 -23.80 -3.82
CA LEU D 333 21.62 -23.00 -2.84
C LEU D 333 21.34 -23.58 -1.44
N LYS D 334 20.15 -24.18 -1.31
CA LYS D 334 19.73 -24.82 -0.08
C LYS D 334 20.56 -26.09 0.10
N LYS D 335 20.58 -26.97 -0.92
CA LYS D 335 21.41 -28.19 -0.89
C LYS D 335 22.87 -27.92 -0.56
N GLU D 336 23.40 -26.77 -1.01
CA GLU D 336 24.77 -26.33 -0.68
C GLU D 336 24.94 -25.90 0.78
N GLY D 337 23.83 -25.69 1.48
CA GLY D 337 23.86 -25.25 2.88
C GLY D 337 24.01 -23.75 3.06
N SER D 338 23.61 -22.96 2.06
CA SER D 338 23.51 -21.52 2.25
C SER D 338 22.53 -21.27 3.38
N SER D 339 22.82 -20.28 4.23
CA SER D 339 21.87 -19.94 5.28
C SER D 339 21.14 -18.61 4.97
N HIS D 340 21.53 -17.99 3.86
CA HIS D 340 20.88 -16.80 3.41
C HIS D 340 19.52 -17.16 2.89
N ASN D 341 18.61 -16.19 2.91
CA ASN D 341 17.31 -16.34 2.33
C ASN D 341 17.37 -15.98 0.85
N TRP D 342 16.97 -16.91 -0.02
CA TRP D 342 17.02 -16.63 -1.45
C TRP D 342 15.63 -16.61 -2.11
N GLN D 343 14.62 -16.27 -1.33
CA GLN D 343 13.24 -16.30 -1.86
C GLN D 343 12.99 -15.19 -2.92
N HIS D 344 13.73 -14.07 -2.82
CA HIS D 344 13.70 -13.07 -3.85
C HIS D 344 13.96 -13.65 -5.23
N ILE D 345 14.66 -14.76 -5.34
CA ILE D 345 15.02 -15.28 -6.65
C ILE D 345 13.80 -15.89 -7.30
N THR D 346 12.91 -16.45 -6.48
CA THR D 346 11.66 -17.00 -7.00
C THR D 346 10.44 -16.04 -6.93
N ASP D 347 10.49 -14.97 -6.14
CA ASP D 347 9.43 -13.93 -6.15
C ASP D 347 9.55 -13.03 -7.40
N GLN D 348 10.78 -12.78 -7.84
CA GLN D 348 11.04 -11.94 -9.00
C GLN D 348 10.57 -12.65 -10.25
N ILE D 349 10.40 -11.86 -11.31
CA ILE D 349 9.69 -12.29 -12.51
C ILE D 349 10.44 -11.84 -13.77
N GLY D 350 10.55 -12.76 -14.74
CA GLY D 350 11.19 -12.43 -16.02
C GLY D 350 12.64 -12.87 -16.07
N MET D 351 13.43 -12.28 -16.97
CA MET D 351 14.72 -12.94 -17.26
C MET D 351 15.86 -12.33 -16.54
N PHE D 352 15.53 -11.35 -15.72
CA PHE D 352 16.55 -10.63 -14.98
C PHE D 352 16.32 -10.76 -13.50
N CYS D 353 17.41 -10.98 -12.78
CA CYS D 353 17.34 -11.21 -11.38
C CYS D 353 18.37 -10.38 -10.63
N PHE D 354 17.90 -9.55 -9.72
CA PHE D 354 18.82 -8.87 -8.81
C PHE D 354 19.13 -9.90 -7.72
N THR D 355 20.38 -10.32 -7.67
CA THR D 355 20.76 -11.43 -6.79
C THR D 355 20.93 -11.00 -5.35
N GLY D 356 21.29 -9.73 -5.15
CA GLY D 356 21.64 -9.26 -3.81
C GLY D 356 23.15 -9.19 -3.65
N LEU D 357 23.88 -9.80 -4.58
CA LEU D 357 25.33 -9.85 -4.51
C LEU D 357 25.96 -8.45 -4.61
N LYS D 358 26.98 -8.21 -3.82
CA LYS D 358 27.64 -6.91 -3.77
C LYS D 358 28.73 -6.88 -4.83
N PRO D 359 29.16 -5.69 -5.28
CA PRO D 359 30.18 -5.67 -6.34
C PRO D 359 31.37 -6.62 -6.14
N GLU D 360 32.02 -6.53 -4.98
CA GLU D 360 33.16 -7.41 -4.59
C GLU D 360 32.79 -8.89 -4.69
N GLN D 361 31.55 -9.23 -4.41
CA GLN D 361 31.11 -10.61 -4.63
C GLN D 361 30.97 -10.96 -6.13
N VAL D 362 30.56 -9.97 -6.92
CA VAL D 362 30.49 -10.13 -8.36
C VAL D 362 31.94 -10.28 -8.94
N GLU D 363 32.89 -9.51 -8.41
CA GLU D 363 34.30 -9.61 -8.83
C GLU D 363 34.83 -11.02 -8.61
N ARG D 364 34.64 -11.54 -7.39
CA ARG D 364 34.97 -12.93 -7.10
C ARG D 364 34.30 -13.91 -8.04
N LEU D 365 33.00 -13.78 -8.25
CA LEU D 365 32.35 -14.71 -9.17
C LEU D 365 32.99 -14.78 -10.56
N THR D 366 33.44 -13.65 -11.06
CA THR D 366 34.02 -13.56 -12.39
C THR D 366 35.45 -14.11 -12.35
N LYS D 367 36.33 -13.55 -11.51
CA LYS D 367 37.72 -14.05 -11.34
C LYS D 367 37.91 -15.53 -11.00
N GLU D 368 37.15 -16.01 -10.00
CA GLU D 368 37.34 -17.34 -9.45
C GLU D 368 36.45 -18.40 -10.06
N PHE D 369 35.37 -18.00 -10.72
CA PHE D 369 34.42 -19.00 -11.22
C PHE D 369 34.08 -18.81 -12.69
N SER D 370 34.45 -17.64 -13.25
CA SER D 370 34.08 -17.29 -14.64
C SER D 370 32.56 -17.27 -14.86
N VAL D 371 31.85 -16.76 -13.85
CA VAL D 371 30.46 -16.38 -13.98
C VAL D 371 30.43 -14.90 -14.31
N TYR D 372 29.97 -14.58 -15.52
CA TYR D 372 29.99 -13.22 -16.03
C TYR D 372 28.64 -12.58 -15.88
N MET D 373 28.65 -11.44 -15.21
CA MET D 373 27.45 -10.68 -14.90
C MET D 373 27.84 -9.24 -14.60
N THR D 374 26.87 -8.33 -14.50
CA THR D 374 27.19 -6.92 -14.17
C THR D 374 27.40 -6.64 -12.66
N LYS D 375 28.10 -5.56 -12.33
CA LYS D 375 28.49 -5.30 -10.91
C LYS D 375 27.35 -4.94 -9.99
N ASP D 376 26.21 -4.59 -10.58
CA ASP D 376 24.99 -4.31 -9.84
C ASP D 376 24.29 -5.59 -9.32
N GLY D 377 24.81 -6.77 -9.64
CA GLY D 377 24.25 -8.03 -9.07
C GLY D 377 23.17 -8.66 -9.95
N ARG D 378 22.98 -8.09 -11.15
CA ARG D 378 21.98 -8.59 -12.07
C ARG D 378 22.47 -9.82 -12.81
N ILE D 379 21.66 -10.86 -12.86
CA ILE D 379 22.02 -12.00 -13.70
C ILE D 379 20.91 -12.13 -14.74
N SER D 380 21.26 -12.56 -15.93
CA SER D 380 20.27 -12.89 -16.90
C SER D 380 19.96 -14.36 -16.69
N VAL D 381 18.79 -14.64 -16.17
CA VAL D 381 18.41 -16.04 -15.91
C VAL D 381 18.49 -16.93 -17.20
N ALA D 382 18.46 -16.30 -18.39
CA ALA D 382 18.48 -17.03 -19.66
C ALA D 382 19.82 -17.80 -19.86
N GLY D 383 20.87 -17.39 -19.16
CA GLY D 383 22.15 -18.00 -19.34
C GLY D 383 22.34 -19.15 -18.39
N VAL D 384 21.29 -19.46 -17.63
CA VAL D 384 21.28 -20.53 -16.65
C VAL D 384 20.58 -21.71 -17.29
N THR D 385 21.17 -22.89 -17.15
CA THR D 385 20.62 -24.12 -17.73
C THR D 385 20.64 -25.19 -16.66
N SER D 386 19.99 -26.30 -16.92
CA SER D 386 19.95 -27.38 -15.93
C SER D 386 21.32 -28.03 -15.79
N GLY D 387 22.16 -27.88 -16.83
CA GLY D 387 23.53 -28.32 -16.79
C GLY D 387 24.49 -27.41 -16.05
N ASN D 388 24.22 -26.10 -15.98
CA ASN D 388 25.13 -25.23 -15.23
C ASN D 388 24.61 -24.75 -13.88
N VAL D 389 23.36 -25.05 -13.55
CA VAL D 389 22.78 -24.43 -12.36
C VAL D 389 23.36 -24.90 -11.03
N GLY D 390 23.73 -26.19 -10.94
CA GLY D 390 24.40 -26.68 -9.73
C GLY D 390 25.70 -25.92 -9.57
N TYR D 391 26.42 -25.74 -10.67
CA TYR D 391 27.68 -25.03 -10.58
C TYR D 391 27.47 -23.60 -10.14
N LEU D 392 26.47 -22.92 -10.74
CA LEU D 392 26.13 -21.53 -10.33
C LEU D 392 25.81 -21.43 -8.84
N ALA D 393 24.92 -22.29 -8.36
CA ALA D 393 24.57 -22.31 -6.93
C ALA D 393 25.79 -22.52 -6.08
N HIS D 394 26.65 -23.45 -6.48
CA HIS D 394 27.86 -23.70 -5.72
C HIS D 394 28.70 -22.45 -5.63
N ALA D 395 28.87 -21.74 -6.74
CA ALA D 395 29.72 -20.56 -6.77
C ALA D 395 29.13 -19.39 -5.97
N ILE D 396 27.83 -19.17 -6.15
CA ILE D 396 27.17 -18.11 -5.40
C ILE D 396 27.27 -18.44 -3.91
N HIS D 397 27.07 -19.70 -3.53
CA HIS D 397 27.27 -20.07 -2.12
C HIS D 397 28.67 -19.79 -1.62
N GLN D 398 29.67 -20.15 -2.41
CA GLN D 398 31.07 -19.94 -2.02
C GLN D 398 31.40 -18.48 -1.76
N VAL D 399 30.76 -17.56 -2.49
CA VAL D 399 31.16 -16.15 -2.36
C VAL D 399 30.34 -15.36 -1.33
N THR D 400 29.31 -15.98 -0.78
CA THR D 400 28.38 -15.29 0.11
C THR D 400 28.31 -15.95 1.48
N LYS D 401 28.86 -17.16 1.57
CA LYS D 401 28.80 -17.88 2.81
C LYS D 401 29.62 -17.13 3.84
C1 BME E . -31.16 -7.76 13.60
C2 BME E . -32.26 -7.47 14.59
O1 BME E . -30.35 -8.65 14.28
S2 BME E . -32.20 -5.83 15.22
C1 GOL F . -25.99 -21.60 45.28
O1 GOL F . -24.82 -22.36 45.37
C2 GOL F . -26.84 -21.83 46.54
O2 GOL F . -28.14 -21.32 46.33
C3 GOL F . -26.18 -21.17 47.76
O3 GOL F . -27.10 -20.66 48.69
C1 GOL G . -16.61 -16.32 14.70
O1 GOL G . -16.72 -15.31 13.72
C2 GOL G . -15.28 -17.00 14.45
O2 GOL G . -15.28 -18.32 14.97
C3 GOL G . -14.17 -16.07 14.96
O3 GOL G . -12.92 -16.72 14.84
O1 OAA H . -18.22 3.71 26.59
O2 OAA H . -19.64 5.41 26.74
O4 OAA H . -17.89 6.53 21.33
O5 OAA H . -18.96 7.75 22.62
O3 OAA H . -19.36 4.41 22.94
C1 OAA H . -18.67 4.84 26.07
C2 OAA H . -18.05 5.50 24.80
C3 OAA H . -18.67 5.45 23.38
C4 OAA H . -18.50 6.61 22.42
C1 BME I . -10.78 -10.58 52.57
C2 BME I . -9.69 -11.53 53.07
O1 BME I . -11.75 -11.32 51.85
S2 BME I . -8.12 -11.05 52.40
N1 PMP J . -11.78 -3.32 52.55
C2 PMP J . -11.81 -4.26 53.55
C2A PMP J . -11.51 -3.85 54.97
C3 PMP J . -12.21 -5.57 53.28
O3 PMP J . -12.33 -6.47 54.29
C4 PMP J . -12.48 -5.93 51.97
C4A PMP J . -12.97 -7.32 51.65
N4A PMP J . -11.84 -8.17 51.33
C5 PMP J . -12.31 -5.00 50.95
C6 PMP J . -11.93 -3.70 51.25
C5A PMP J . -12.52 -5.42 49.50
O4P PMP J . -13.89 -5.67 49.29
P PMP J . -14.45 -5.92 47.80
O1P PMP J . -14.40 -7.41 47.52
O2P PMP J . -13.58 -5.19 46.80
O3P PMP J . -15.88 -5.44 47.69
C1 BME K . -29.10 -17.15 57.81
C2 BME K . -27.84 -17.64 58.51
O1 BME K . -28.84 -15.96 57.08
S2 BME K . -26.91 -18.75 57.44
C1 BME L . 10.31 9.46 -51.87
C2 BME L . 10.02 10.62 -52.83
O1 BME L . 10.07 8.24 -52.53
S2 BME L . 9.04 11.91 -52.01
C1 BME M . 14.12 -4.40 -65.76
C2 BME M . 12.90 -3.50 -65.66
O1 BME M . 14.86 -4.71 -64.58
S2 BME M . 11.36 -4.14 -64.95
C1 GOL N . 5.94 -9.81 -55.96
O1 GOL N . 4.82 -9.12 -55.43
C2 GOL N . 5.93 -9.79 -57.49
O2 GOL N . 5.12 -8.72 -57.98
C3 GOL N . 7.38 -9.61 -57.96
O3 GOL N . 7.63 -8.31 -58.48
C1 BME O . 17.59 -5.66 -22.66
C2 BME O . 19.01 -5.12 -22.50
O1 BME O . 17.62 -6.93 -23.22
S2 BME O . 19.42 -4.91 -20.79
C1 BME P . 10.98 -23.69 -24.29
C2 BME P . 11.91 -24.46 -25.21
O1 BME P . 9.68 -24.19 -24.43
S2 BME P . 13.49 -23.66 -24.92
N1 PMP Q . 12.14 -1.67 -22.27
C2 PMP Q . 12.62 -2.65 -21.42
C2A PMP Q . 12.21 -2.64 -19.98
C3 PMP Q . 13.40 -3.68 -21.92
O3 PMP Q . 13.81 -4.70 -21.10
C4 PMP Q . 13.77 -3.68 -23.26
C4A PMP Q . 14.56 -4.82 -23.83
N4A PMP Q . 13.65 -5.82 -24.36
C5 PMP Q . 13.40 -2.61 -24.07
C6 PMP Q . 12.60 -1.60 -23.56
C5A PMP Q . 13.87 -2.55 -25.50
O4P PMP Q . 13.30 -3.60 -26.24
P PMP Q . 13.53 -3.71 -27.83
O1P PMP Q . 14.70 -4.63 -28.08
O2P PMP Q . 13.82 -2.34 -28.40
O3P PMP Q . 12.29 -4.28 -28.48
C1 GOL R . -3.22 -12.44 -23.92
O1 GOL R . -2.73 -13.74 -24.19
C2 GOL R . -4.71 -12.37 -24.28
O2 GOL R . -5.00 -13.17 -25.42
C3 GOL R . -5.11 -10.91 -24.43
O3 GOL R . -5.47 -10.59 -25.76
C1 GOL S . 22.37 -12.98 0.75
O1 GOL S . 20.97 -13.00 0.55
C2 GOL S . 23.03 -12.13 -0.32
O2 GOL S . 22.03 -11.32 -0.89
C3 GOL S . 24.17 -11.30 0.27
O3 GOL S . 25.12 -12.15 0.87
#